data_3AEP
#
_entry.id   3AEP
#
_cell.length_a   99.215
_cell.length_b   85.359
_cell.length_c   114.649
_cell.angle_alpha   90.000
_cell.angle_beta   101.990
_cell.angle_gamma   90.000
#
_symmetry.space_group_name_H-M   'P 1 21 1'
#
loop_
_entity.id
_entity.type
_entity.pdbx_description
1 polymer 'Methionine gamma-lyase'
2 non-polymer '(2E)-2-{[(1E)-{3-hydroxy-2-methyl-5-[(phosphonooxy)methyl]pyridin-4-yl}methylidene]amino}but-2-enoic acid'
3 non-polymer METHANETHIOL
4 non-polymer 'SULFATE ION'
5 non-polymer GLYCEROL
6 water water
#
_entity_poly.entity_id   1
_entity_poly.type   'polypeptide(L)'
_entity_poly.pdbx_seq_one_letter_code
;MTAQDITTTLLHPKGDHVLHSHAYPIFQTSTFCFDSTQQGADLFMGKGEGHIYSRLGNPTVEQFEEMVCSIEGAAGSAAF
GSGMGAISSSTLAFLQKGDHLIAGDTLYGCTVSLFTHWLPRFGIEVDLIDTSDVEKVKAAWKPNTKMVYLESPANPTCKV
SDIKGIAVVCHERGARLVVDATFTSPCFLKPLELGADIALHSVSKYINGHGDVIGGVSSAKTAEDIATIKFYRKDAGSLM
APMDAFLCARGMKTLPIRMQIHMENGLKVAKFLEQHEKIVKVNHPGLESFPGHDIAKKQMTGYGSTFLFEMKSFEAAKKL
MEHLKVCTLAVSLGCVDTLIEHPASMTHAAVPENIMRKQGITPELVRISVGIENVDDIIADLKQALELW
;
_entity_poly.pdbx_strand_id   A,B,C,D
#
# COMPACT_ATOMS: atom_id res chain seq x y z
N ALA A 3 11.56 -22.40 -27.44
CA ALA A 3 11.55 -21.04 -26.81
C ALA A 3 10.41 -20.88 -25.81
N GLN A 4 10.76 -20.63 -24.57
CA GLN A 4 9.79 -20.38 -23.52
C GLN A 4 8.81 -19.27 -23.92
N ASP A 5 7.52 -19.50 -23.73
CA ASP A 5 6.51 -18.50 -24.04
C ASP A 5 6.67 -17.27 -23.15
N ILE A 6 6.25 -16.11 -23.67
CA ILE A 6 6.28 -14.86 -22.91
C ILE A 6 5.44 -14.92 -21.61
N THR A 7 4.34 -15.67 -21.63
CA THR A 7 3.49 -15.81 -20.42
C THR A 7 4.33 -16.41 -19.31
N THR A 8 5.07 -17.46 -19.65
CA THR A 8 5.97 -18.11 -18.70
C THR A 8 7.11 -17.21 -18.21
N THR A 9 7.78 -16.55 -19.14
CA THR A 9 8.86 -15.62 -18.78
C THR A 9 8.42 -14.54 -17.76
N LEU A 10 7.26 -13.94 -17.99
CA LEU A 10 6.72 -12.89 -17.11
C LEU A 10 6.35 -13.42 -15.73
N LEU A 11 5.95 -14.67 -15.68
CA LEU A 11 5.56 -15.27 -14.42
C LEU A 11 6.74 -15.82 -13.67
N HIS A 12 7.88 -15.99 -14.35
CA HIS A 12 9.12 -16.53 -13.72
C HIS A 12 10.35 -15.67 -14.00
N PRO A 13 10.35 -14.46 -13.48
CA PRO A 13 11.45 -13.53 -13.81
C PRO A 13 12.73 -13.92 -13.08
N LYS A 14 13.89 -13.60 -13.67
CA LYS A 14 15.13 -13.98 -12.99
C LYS A 14 15.33 -13.12 -11.74
N GLY A 15 16.18 -13.59 -10.84
CA GLY A 15 16.40 -12.94 -9.56
C GLY A 15 16.25 -13.95 -8.44
N ASP A 16 16.86 -13.67 -7.28
CA ASP A 16 16.68 -14.53 -6.13
C ASP A 16 15.45 -14.07 -5.39
N HIS A 17 14.73 -15.02 -4.80
CA HIS A 17 13.69 -14.67 -3.86
C HIS A 17 14.28 -13.96 -2.63
N VAL A 18 13.45 -13.17 -1.98
CA VAL A 18 13.89 -12.44 -0.80
C VAL A 18 13.24 -13.08 0.43
N LEU A 19 14.08 -13.56 1.36
CA LEU A 19 13.64 -14.35 2.49
C LEU A 19 12.62 -15.44 2.08
N HIS A 20 12.87 -16.04 0.90
CA HIS A 20 12.04 -17.14 0.40
C HIS A 20 10.62 -16.71 0.12
N SER A 21 10.36 -15.40 0.14
CA SER A 21 9.05 -14.93 -0.19
C SER A 21 8.67 -15.32 -1.63
N HIS A 22 7.44 -15.77 -1.81
CA HIS A 22 6.92 -16.06 -3.16
C HIS A 22 6.65 -14.80 -3.98
N ALA A 23 5.84 -13.90 -3.46
CA ALA A 23 5.70 -12.58 -4.09
C ALA A 23 6.93 -11.75 -3.73
N TYR A 24 7.42 -10.97 -4.68
CA TYR A 24 8.52 -10.09 -4.41
C TYR A 24 8.08 -8.96 -3.45
N PRO A 25 8.79 -8.79 -2.31
CA PRO A 25 8.40 -7.76 -1.34
C PRO A 25 8.43 -6.31 -1.84
N ILE A 26 7.71 -5.45 -1.12
CA ILE A 26 7.69 -4.04 -1.41
C ILE A 26 8.73 -3.38 -0.53
N PHE A 27 9.78 -2.90 -1.17
CA PHE A 27 10.82 -2.24 -0.43
C PHE A 27 10.47 -0.76 -0.30
N GLN A 28 9.53 -0.49 0.59
CA GLN A 28 9.11 0.86 0.86
C GLN A 28 10.13 1.45 1.81
N THR A 29 11.27 1.83 1.24
CA THR A 29 12.40 2.34 2.00
C THR A 29 13.02 3.49 1.20
N SER A 30 13.62 4.44 1.90
CA SER A 30 14.36 5.46 1.20
C SER A 30 15.82 5.00 1.06
N THR A 31 16.45 4.65 2.18
CA THR A 31 17.86 4.32 2.20
C THR A 31 18.22 2.85 2.50
N PHE A 32 19.50 2.55 2.34
CA PHE A 32 20.01 1.21 2.61
C PHE A 32 21.25 1.27 3.50
N CYS A 33 21.45 0.24 4.32
CA CYS A 33 22.59 0.17 5.24
C CYS A 33 23.84 -0.37 4.58
N PHE A 34 24.99 0.21 4.95
CA PHE A 34 26.29 -0.27 4.51
C PHE A 34 26.94 -1.11 5.61
N ASP A 35 27.60 -2.19 5.21
CA ASP A 35 28.39 -3.05 6.09
C ASP A 35 29.66 -2.40 6.66
N SER A 36 30.22 -1.47 5.88
CA SER A 36 31.52 -0.82 6.14
C SER A 36 31.65 0.38 5.22
N THR A 37 32.53 1.31 5.57
CA THR A 37 32.75 2.47 4.70
C THR A 37 33.31 2.09 3.31
N GLN A 38 34.13 1.05 3.25
CA GLN A 38 34.61 0.51 1.97
C GLN A 38 33.48 -0.05 1.10
N GLN A 39 32.64 -0.89 1.70
CA GLN A 39 31.52 -1.51 0.96
C GLN A 39 30.58 -0.45 0.38
N GLY A 40 30.36 0.65 1.12
CA GLY A 40 29.59 1.81 0.64
C GLY A 40 30.31 2.63 -0.43
N ALA A 41 31.56 2.98 -0.17
CA ALA A 41 32.35 3.71 -1.13
C ALA A 41 32.37 2.97 -2.47
N ASP A 42 32.62 1.66 -2.43
CA ASP A 42 32.61 0.81 -3.63
C ASP A 42 31.28 0.87 -4.41
N LEU A 43 30.14 0.77 -3.71
CA LEU A 43 28.83 0.79 -4.41
C LEU A 43 28.68 2.12 -5.14
N PHE A 44 29.09 3.22 -4.51
CA PHE A 44 29.12 4.50 -5.19
C PHE A 44 30.03 4.54 -6.43
N MET A 45 31.08 3.71 -6.44
CA MET A 45 31.98 3.56 -7.60
C MET A 45 31.43 2.58 -8.64
N GLY A 46 30.34 1.90 -8.31
CA GLY A 46 29.74 0.89 -9.20
C GLY A 46 30.41 -0.46 -9.04
N LYS A 47 31.05 -0.65 -7.89
CA LYS A 47 31.80 -1.85 -7.61
C LYS A 47 31.02 -2.67 -6.57
N GLY A 48 30.72 -3.91 -6.92
CA GLY A 48 30.05 -4.81 -6.01
C GLY A 48 28.56 -4.83 -6.23
N GLU A 49 27.89 -5.67 -5.47
CA GLU A 49 26.46 -5.93 -5.63
C GLU A 49 25.77 -5.36 -4.40
N GLY A 50 24.68 -4.64 -4.61
CA GLY A 50 23.97 -4.03 -3.52
C GLY A 50 23.27 -2.71 -3.83
N HIS A 51 22.68 -2.12 -2.80
CA HIS A 51 21.85 -0.95 -2.96
C HIS A 51 22.31 0.18 -2.06
N ILE A 52 22.02 1.42 -2.47
CA ILE A 52 22.40 2.61 -1.73
C ILE A 52 21.18 3.42 -1.25
N TYR A 53 20.26 3.68 -2.20
CA TYR A 53 19.25 4.71 -2.08
C TYR A 53 18.25 4.52 -3.22
N SER A 54 16.96 4.62 -2.90
CA SER A 54 15.91 4.21 -3.86
C SER A 54 15.89 5.03 -5.14
N ARG A 55 16.26 6.32 -5.07
CA ARG A 55 16.43 7.12 -6.31
C ARG A 55 17.47 6.51 -7.26
N LEU A 56 18.53 5.92 -6.70
CA LEU A 56 19.59 5.29 -7.50
C LEU A 56 19.20 3.85 -7.91
N GLY A 57 18.50 3.15 -7.03
CA GLY A 57 18.06 1.78 -7.33
C GLY A 57 17.28 1.20 -6.18
N ASN A 58 16.08 0.74 -6.48
CA ASN A 58 15.23 0.09 -5.50
C ASN A 58 14.90 -1.34 -5.94
N PRO A 59 15.01 -2.34 -5.04
CA PRO A 59 14.85 -3.73 -5.51
C PRO A 59 13.47 -4.07 -6.17
N THR A 60 12.38 -3.49 -5.65
CA THR A 60 11.03 -3.79 -6.16
C THR A 60 10.90 -3.19 -7.54
N VAL A 61 11.43 -1.99 -7.72
CA VAL A 61 11.42 -1.32 -9.02
C VAL A 61 12.29 -2.07 -10.02
N GLU A 62 13.51 -2.41 -9.60
CA GLU A 62 14.42 -3.24 -10.38
C GLU A 62 13.82 -4.58 -10.88
N GLN A 63 13.06 -5.27 -10.05
CA GLN A 63 12.30 -6.47 -10.49
C GLN A 63 11.31 -6.14 -11.67
N PHE A 64 10.60 -5.03 -11.54
CA PHE A 64 9.71 -4.60 -12.60
C PHE A 64 10.52 -4.24 -13.85
N GLU A 65 11.64 -3.55 -13.69
CA GLU A 65 12.49 -3.23 -14.84
C GLU A 65 12.96 -4.51 -15.53
N GLU A 66 13.35 -5.54 -14.74
CA GLU A 66 13.79 -6.83 -15.33
C GLU A 66 12.70 -7.48 -16.18
N MET A 67 11.46 -7.42 -15.71
CA MET A 67 10.34 -7.99 -16.46
C MET A 67 10.20 -7.33 -17.83
N VAL A 68 10.22 -6.00 -17.83
CA VAL A 68 10.10 -5.25 -19.07
C VAL A 68 11.28 -5.52 -20.03
N CYS A 69 12.48 -5.47 -19.47
CA CYS A 69 13.68 -5.69 -20.25
C CYS A 69 13.63 -7.05 -20.98
N SER A 70 13.06 -8.06 -20.32
CA SER A 70 12.91 -9.36 -20.92
C SER A 70 11.85 -9.45 -22.05
N ILE A 71 10.73 -8.72 -22.04
CA ILE A 71 9.82 -8.86 -23.19
C ILE A 71 10.41 -8.02 -24.33
N GLU A 72 11.10 -6.93 -23.99
CA GLU A 72 11.56 -5.97 -24.99
C GLU A 72 12.80 -6.47 -25.73
N GLY A 73 13.59 -7.32 -25.09
CA GLY A 73 14.84 -7.78 -25.66
C GLY A 73 15.92 -6.72 -25.53
N ALA A 74 15.88 -5.95 -24.45
CA ALA A 74 16.80 -4.81 -24.26
C ALA A 74 18.06 -5.17 -23.47
N ALA A 75 19.03 -4.25 -23.47
CA ALA A 75 20.18 -4.34 -22.59
C ALA A 75 19.81 -3.95 -21.14
N GLY A 76 18.78 -3.10 -20.95
CA GLY A 76 18.28 -2.74 -19.61
C GLY A 76 17.04 -1.83 -19.73
N SER A 77 16.30 -1.66 -18.65
CA SER A 77 15.10 -0.85 -18.63
C SER A 77 15.13 0.06 -17.42
N ALA A 78 14.52 1.23 -17.55
CA ALA A 78 14.41 2.15 -16.43
C ALA A 78 12.94 2.52 -16.25
N ALA A 79 12.44 2.41 -15.01
CA ALA A 79 11.07 2.75 -14.65
C ALA A 79 10.97 4.20 -14.19
N PHE A 80 9.85 4.86 -14.41
CA PHE A 80 9.69 6.28 -14.13
C PHE A 80 8.34 6.50 -13.45
N GLY A 81 8.18 7.67 -12.82
CA GLY A 81 6.89 8.08 -12.25
C GLY A 81 5.74 8.25 -13.25
N SER A 82 6.04 8.32 -14.55
CA SER A 82 4.98 8.46 -15.56
C SER A 82 5.56 8.18 -16.95
N GLY A 83 4.72 7.89 -17.96
CA GLY A 83 5.15 7.86 -19.37
C GLY A 83 5.90 9.14 -19.76
N MET A 84 5.44 10.29 -19.25
CA MET A 84 6.08 11.53 -19.57
C MET A 84 7.49 11.56 -18.96
N GLY A 85 7.68 11.01 -17.76
CA GLY A 85 8.99 10.90 -17.17
C GLY A 85 9.89 10.05 -18.07
N ALA A 86 9.34 8.98 -18.63
CA ALA A 86 10.09 8.13 -19.55
C ALA A 86 10.43 8.87 -20.84
N ILE A 87 9.49 9.66 -21.37
CA ILE A 87 9.74 10.41 -22.62
C ILE A 87 10.78 11.52 -22.41
N SER A 88 10.65 12.31 -21.34
CA SER A 88 11.63 13.33 -21.04
C SER A 88 13.04 12.77 -20.92
N SER A 89 13.15 11.68 -20.16
CA SER A 89 14.45 11.07 -19.89
C SER A 89 15.05 10.32 -21.08
N SER A 90 14.24 9.95 -22.06
CA SER A 90 14.77 9.21 -23.21
C SER A 90 15.13 10.21 -24.30
N THR A 91 14.76 11.47 -24.12
CA THR A 91 15.06 12.44 -25.13
C THR A 91 16.09 13.39 -24.55
N LEU A 92 15.76 14.10 -23.46
CA LEU A 92 16.67 15.09 -22.88
C LEU A 92 17.96 14.52 -22.29
N ALA A 93 18.01 13.20 -22.13
CA ALA A 93 19.25 12.53 -21.72
C ALA A 93 20.31 12.53 -22.82
N PHE A 94 19.88 12.67 -24.06
CA PHE A 94 20.80 12.68 -25.19
C PHE A 94 20.86 14.01 -25.95
N LEU A 95 19.73 14.71 -26.01
CA LEU A 95 19.69 15.89 -26.84
C LEU A 95 20.25 17.07 -26.08
N GLN A 96 21.03 17.90 -26.77
CA GLN A 96 21.58 19.10 -26.19
C GLN A 96 21.50 20.30 -27.14
N LYS A 97 21.65 21.50 -26.61
CA LYS A 97 21.63 22.70 -27.42
C LYS A 97 22.36 22.46 -28.76
N GLY A 98 21.72 22.83 -29.87
CA GLY A 98 22.32 22.70 -31.19
C GLY A 98 21.94 21.42 -31.93
N ASP A 99 21.39 20.43 -31.21
CA ASP A 99 20.92 19.18 -31.83
C ASP A 99 19.58 19.38 -32.48
N HIS A 100 19.24 18.48 -33.40
CA HIS A 100 17.95 18.52 -34.07
C HIS A 100 17.20 17.21 -33.83
N LEU A 101 15.88 17.32 -33.62
CA LEU A 101 15.03 16.18 -33.42
C LEU A 101 13.98 16.18 -34.51
N ILE A 102 13.77 15.04 -35.17
CA ILE A 102 12.60 14.90 -36.02
C ILE A 102 11.60 14.09 -35.22
N ALA A 103 10.38 14.58 -35.05
CA ALA A 103 9.35 13.79 -34.35
C ALA A 103 8.09 13.63 -35.19
N GLY A 104 7.36 12.54 -34.99
CA GLY A 104 6.07 12.38 -35.68
C GLY A 104 5.16 13.58 -35.43
N ASP A 105 4.35 13.94 -36.43
CA ASP A 105 3.43 15.08 -36.26
C ASP A 105 2.19 14.71 -35.48
N THR A 106 1.97 13.42 -35.26
CA THR A 106 0.81 12.96 -34.51
C THR A 106 1.29 12.26 -33.27
N LEU A 107 1.12 12.95 -32.16
CA LEU A 107 1.63 12.47 -30.88
C LEU A 107 0.65 12.77 -29.82
N TYR A 108 0.72 12.00 -28.75
CA TYR A 108 0.04 12.33 -27.50
C TYR A 108 0.24 13.84 -27.12
N GLY A 109 -0.82 14.48 -26.63
CA GLY A 109 -0.85 15.93 -26.49
C GLY A 109 0.28 16.49 -25.65
N CYS A 110 0.62 15.84 -24.53
CA CYS A 110 1.69 16.32 -23.65
C CYS A 110 3.08 16.10 -24.21
N THR A 111 3.24 15.12 -25.10
CA THR A 111 4.50 14.95 -25.82
C THR A 111 4.61 16.13 -26.80
N VAL A 112 3.49 16.50 -27.43
CA VAL A 112 3.48 17.71 -28.27
C VAL A 112 3.96 18.90 -27.44
N SER A 113 3.43 19.06 -26.24
CA SER A 113 3.78 20.17 -25.38
C SER A 113 5.28 20.12 -24.98
N LEU A 114 5.77 18.94 -24.63
CA LEU A 114 7.18 18.78 -24.28
C LEU A 114 8.10 19.22 -25.41
N PHE A 115 7.83 18.73 -26.62
CA PHE A 115 8.70 18.90 -27.78
C PHE A 115 8.60 20.33 -28.34
N THR A 116 7.45 20.94 -28.12
CA THR A 116 7.07 22.21 -28.71
C THR A 116 7.33 23.43 -27.80
N HIS A 117 7.08 23.26 -26.52
CA HIS A 117 7.36 24.31 -25.55
C HIS A 117 8.75 24.12 -24.89
N TRP A 118 9.05 22.93 -24.35
CA TRP A 118 10.27 22.81 -23.54
C TRP A 118 11.55 22.62 -24.35
N LEU A 119 11.61 21.65 -25.27
CA LEU A 119 12.89 21.44 -25.97
C LEU A 119 13.46 22.70 -26.59
N PRO A 120 12.61 23.51 -27.28
CA PRO A 120 13.20 24.71 -27.92
C PRO A 120 13.78 25.69 -26.93
N ARG A 121 13.28 25.69 -25.71
CA ARG A 121 13.74 26.62 -24.68
C ARG A 121 15.13 26.17 -24.27
N PHE A 122 15.43 24.89 -24.50
CA PHE A 122 16.76 24.34 -24.22
C PHE A 122 17.70 24.35 -25.45
N GLY A 123 17.35 25.09 -26.51
CA GLY A 123 18.19 25.22 -27.70
C GLY A 123 18.19 23.99 -28.59
N ILE A 124 17.24 23.08 -28.37
CA ILE A 124 17.05 21.94 -29.26
C ILE A 124 16.10 22.31 -30.38
N GLU A 125 16.50 22.11 -31.63
CA GLU A 125 15.64 22.33 -32.78
C GLU A 125 14.74 21.14 -33.02
N VAL A 126 13.45 21.39 -33.26
CA VAL A 126 12.48 20.31 -33.40
C VAL A 126 11.64 20.53 -34.67
N ASP A 127 11.44 19.47 -35.45
CA ASP A 127 10.46 19.48 -36.54
C ASP A 127 9.44 18.34 -36.40
N LEU A 128 8.16 18.68 -36.41
CA LEU A 128 7.12 17.63 -36.42
C LEU A 128 6.85 17.27 -37.86
N ILE A 129 6.98 16.01 -38.21
CA ILE A 129 7.03 15.59 -39.61
C ILE A 129 6.04 14.46 -39.79
N ASP A 130 5.48 14.34 -40.98
CA ASP A 130 4.69 13.15 -41.25
C ASP A 130 5.61 11.93 -41.43
N THR A 131 5.78 11.16 -40.34
CA THR A 131 6.69 10.03 -40.39
C THR A 131 6.12 8.78 -41.06
N SER A 132 4.88 8.85 -41.55
CA SER A 132 4.35 7.72 -42.35
C SER A 132 4.95 7.72 -43.75
N ASP A 133 5.72 8.75 -44.08
CA ASP A 133 6.41 8.81 -45.36
C ASP A 133 7.91 8.99 -45.10
N VAL A 134 8.69 7.93 -45.33
CA VAL A 134 10.17 7.94 -45.15
C VAL A 134 10.88 9.09 -45.90
N GLU A 135 10.35 9.43 -47.08
CA GLU A 135 10.91 10.50 -47.92
C GLU A 135 10.81 11.87 -47.26
N LYS A 136 9.72 12.08 -46.55
CA LYS A 136 9.55 13.29 -45.77
C LYS A 136 10.50 13.34 -44.57
N VAL A 137 10.81 12.19 -43.99
CA VAL A 137 11.78 12.13 -42.92
C VAL A 137 13.16 12.46 -43.50
N LYS A 138 13.45 11.90 -44.67
CA LYS A 138 14.73 12.19 -45.30
C LYS A 138 14.80 13.66 -45.64
N ALA A 139 13.72 14.22 -46.19
CA ALA A 139 13.77 15.61 -46.61
C ALA A 139 13.98 16.58 -45.43
N ALA A 140 13.56 16.19 -44.21
CA ALA A 140 13.71 17.05 -43.02
C ALA A 140 15.07 16.91 -42.36
N TRP A 141 15.87 15.98 -42.83
CA TRP A 141 17.14 15.65 -42.19
C TRP A 141 18.16 16.78 -42.36
N LYS A 142 18.98 16.99 -41.33
CA LYS A 142 19.99 18.06 -41.33
C LYS A 142 21.27 17.49 -40.78
N PRO A 143 22.40 18.19 -41.00
CA PRO A 143 23.67 17.65 -40.54
C PRO A 143 23.68 17.46 -39.02
N ASN A 144 22.82 18.20 -38.31
CA ASN A 144 22.83 18.15 -36.85
C ASN A 144 21.68 17.30 -36.32
N THR A 145 20.99 16.55 -37.18
CA THR A 145 19.94 15.67 -36.70
C THR A 145 20.49 14.53 -35.83
N LYS A 146 20.01 14.38 -34.61
CA LYS A 146 20.54 13.41 -33.61
C LYS A 146 19.58 12.31 -33.17
N MET A 147 18.30 12.51 -33.47
CA MET A 147 17.26 11.65 -32.96
C MET A 147 16.01 11.72 -33.83
N VAL A 148 15.36 10.58 -34.03
CA VAL A 148 13.98 10.57 -34.58
C VAL A 148 13.13 9.97 -33.49
N TYR A 149 12.01 10.62 -33.16
CA TYR A 149 11.05 10.10 -32.19
C TYR A 149 9.69 9.81 -32.85
N LEU A 150 9.22 8.57 -32.73
CA LEU A 150 7.98 8.10 -33.35
C LEU A 150 7.06 7.48 -32.31
N GLU A 151 5.77 7.64 -32.57
CA GLU A 151 4.70 6.89 -31.95
C GLU A 151 4.02 6.18 -33.10
N SER A 152 3.87 4.86 -33.00
CA SER A 152 3.17 4.14 -34.07
C SER A 152 2.52 2.88 -33.51
N PRO A 153 1.19 2.72 -33.73
CA PRO A 153 0.21 3.66 -34.28
C PRO A 153 0.07 4.91 -33.38
N ALA A 154 -0.14 6.07 -33.98
CA ALA A 154 -0.12 7.31 -33.22
C ALA A 154 -1.39 7.53 -32.37
N ASN A 155 -1.22 8.20 -31.25
CA ASN A 155 -2.31 8.63 -30.43
C ASN A 155 -2.83 10.00 -30.93
N PRO A 156 -4.11 10.08 -31.36
CA PRO A 156 -5.18 9.09 -31.29
C PRO A 156 -5.60 8.51 -32.62
N THR A 157 -4.99 8.94 -33.74
CA THR A 157 -5.54 8.62 -35.07
C THR A 157 -5.09 7.24 -35.61
N CYS A 158 -4.18 6.58 -34.88
CA CYS A 158 -3.63 5.29 -35.28
C CYS A 158 -2.75 5.33 -36.54
N LYS A 159 -2.30 6.52 -36.92
CA LYS A 159 -1.43 6.66 -38.05
C LYS A 159 -0.18 5.81 -37.88
N VAL A 160 0.12 5.02 -38.91
CA VAL A 160 1.23 4.08 -38.87
C VAL A 160 2.50 4.65 -39.54
N SER A 161 3.64 4.57 -38.85
CA SER A 161 4.95 4.89 -39.44
C SER A 161 5.75 3.63 -39.76
N ASP A 162 6.54 3.67 -40.82
CA ASP A 162 7.48 2.58 -41.17
C ASP A 162 8.70 2.66 -40.28
N ILE A 163 8.68 1.95 -39.16
CA ILE A 163 9.74 1.96 -38.17
C ILE A 163 11.05 1.38 -38.75
N LYS A 164 10.93 0.23 -39.44
CA LYS A 164 12.08 -0.39 -40.08
C LYS A 164 12.77 0.53 -41.05
N GLY A 165 12.01 1.09 -41.99
CA GLY A 165 12.53 1.95 -43.03
C GLY A 165 13.17 3.17 -42.43
N ILE A 166 12.56 3.69 -41.38
CA ILE A 166 13.09 4.90 -40.74
C ILE A 166 14.38 4.56 -39.98
N ALA A 167 14.42 3.38 -39.37
CA ALA A 167 15.60 2.90 -38.60
C ALA A 167 16.86 2.81 -39.49
N VAL A 168 16.69 2.34 -40.73
CA VAL A 168 17.82 2.28 -41.67
C VAL A 168 18.48 3.68 -41.82
N VAL A 169 17.64 4.71 -42.03
CA VAL A 169 18.11 6.07 -42.20
C VAL A 169 18.80 6.59 -40.91
N CYS A 170 18.19 6.40 -39.74
CA CYS A 170 18.89 6.70 -38.48
C CYS A 170 20.23 6.00 -38.35
N HIS A 171 20.29 4.70 -38.65
CA HIS A 171 21.52 3.96 -38.50
C HIS A 171 22.59 4.44 -39.52
N GLU A 172 22.18 4.88 -40.70
CA GLU A 172 23.21 5.28 -41.66
C GLU A 172 23.78 6.63 -41.30
N ARG A 173 23.01 7.44 -40.56
CA ARG A 173 23.35 8.84 -40.36
C ARG A 173 23.69 9.20 -38.90
N GLY A 174 23.81 8.21 -38.03
CA GLY A 174 24.17 8.46 -36.65
C GLY A 174 23.08 9.10 -35.79
N ALA A 175 21.81 8.75 -36.03
CA ALA A 175 20.72 9.26 -35.15
C ALA A 175 20.11 8.13 -34.31
N ARG A 176 19.62 8.46 -33.11
CA ARG A 176 18.94 7.46 -32.29
C ARG A 176 17.49 7.42 -32.72
N LEU A 177 16.93 6.22 -32.85
CA LEU A 177 15.52 6.06 -33.11
C LEU A 177 14.84 5.66 -31.80
N VAL A 178 13.91 6.52 -31.38
CA VAL A 178 13.14 6.33 -30.17
C VAL A 178 11.69 6.16 -30.53
N VAL A 179 11.09 5.07 -30.03
CA VAL A 179 9.72 4.71 -30.37
C VAL A 179 8.88 4.57 -29.09
N ASP A 180 7.75 5.28 -29.08
CA ASP A 180 6.78 5.16 -28.00
C ASP A 180 5.78 4.14 -28.43
N ALA A 181 5.82 2.98 -27.78
CA ALA A 181 4.99 1.84 -28.17
C ALA A 181 3.81 1.58 -27.22
N THR A 182 3.43 2.60 -26.46
CA THR A 182 2.35 2.56 -25.52
C THR A 182 1.05 1.94 -26.06
N PHE A 183 0.68 2.29 -27.30
CA PHE A 183 -0.65 1.95 -27.82
C PHE A 183 -0.79 0.47 -28.15
N THR A 184 0.35 -0.22 -28.27
CA THR A 184 0.33 -1.60 -28.75
C THR A 184 0.79 -2.63 -27.71
N SER A 185 1.58 -2.19 -26.73
CA SER A 185 2.17 -3.02 -25.67
C SER A 185 3.34 -3.81 -26.23
N PRO A 186 4.26 -4.24 -25.36
CA PRO A 186 5.40 -5.00 -25.84
C PRO A 186 5.06 -6.43 -26.21
N CYS A 187 3.83 -6.89 -25.96
CA CYS A 187 3.43 -8.16 -26.53
C CYS A 187 3.43 -8.14 -28.04
N PHE A 188 3.13 -7.01 -28.65
CA PHE A 188 2.77 -6.95 -30.06
C PHE A 188 3.70 -6.09 -30.88
N LEU A 189 4.43 -5.20 -30.21
CA LEU A 189 5.31 -4.28 -30.89
C LEU A 189 6.61 -4.25 -30.10
N LYS A 190 7.68 -4.69 -30.77
CA LYS A 190 9.00 -4.72 -30.16
C LYS A 190 9.95 -3.86 -31.00
N PRO A 191 10.01 -2.57 -30.68
CA PRO A 191 10.75 -1.65 -31.56
C PRO A 191 12.23 -1.97 -31.64
N LEU A 192 12.83 -2.46 -30.53
CA LEU A 192 14.24 -2.98 -30.58
C LEU A 192 14.43 -4.13 -31.57
N GLU A 193 13.40 -4.89 -31.88
CA GLU A 193 13.58 -5.91 -32.90
C GLU A 193 13.47 -5.32 -34.31
N LEU A 194 13.00 -4.09 -34.40
CA LEU A 194 12.75 -3.42 -35.70
C LEU A 194 13.83 -2.39 -36.08
N GLY A 195 14.83 -2.22 -35.22
CA GLY A 195 15.88 -1.25 -35.44
C GLY A 195 15.89 -0.04 -34.51
N ALA A 196 14.91 0.13 -33.63
CA ALA A 196 14.96 1.28 -32.75
C ALA A 196 16.10 1.16 -31.76
N ASP A 197 16.55 2.28 -31.23
CA ASP A 197 17.56 2.25 -30.17
C ASP A 197 16.92 2.25 -28.77
N ILE A 198 15.72 2.84 -28.70
CA ILE A 198 14.98 2.96 -27.48
C ILE A 198 13.51 2.68 -27.70
N ALA A 199 12.93 1.91 -26.81
CA ALA A 199 11.49 1.64 -26.85
C ALA A 199 10.94 2.06 -25.48
N LEU A 200 9.84 2.80 -25.46
CA LEU A 200 9.30 3.25 -24.18
C LEU A 200 7.80 3.11 -24.13
N HIS A 201 7.26 3.12 -22.93
CA HIS A 201 5.82 2.94 -22.70
C HIS A 201 5.34 3.81 -21.55
N SER A 202 4.13 4.35 -21.68
CA SER A 202 3.37 4.67 -20.48
C SER A 202 2.86 3.33 -19.91
N VAL A 203 3.43 2.95 -18.79
CA VAL A 203 2.99 1.80 -18.05
C VAL A 203 1.60 2.01 -17.47
N SER A 204 1.25 3.27 -17.24
CA SER A 204 -0.11 3.67 -16.90
C SER A 204 -1.22 2.98 -17.73
N LYS A 205 -0.89 2.56 -18.95
CA LYS A 205 -1.90 1.99 -19.84
C LYS A 205 -1.89 0.45 -19.74
N TYR A 206 -1.58 -0.25 -20.84
CA TYR A 206 -1.75 -1.73 -20.92
C TYR A 206 -0.88 -2.48 -19.94
N ILE A 207 0.38 -2.07 -19.79
CA ILE A 207 1.32 -2.89 -19.05
C ILE A 207 0.82 -3.14 -17.64
N ASN A 208 0.48 -2.06 -16.92
CA ASN A 208 -0.17 -2.21 -15.66
C ASN A 208 -1.60 -2.73 -15.86
N GLY A 209 -2.37 -2.11 -16.78
CA GLY A 209 -3.65 -2.67 -17.24
C GLY A 209 -4.86 -2.47 -16.30
N HIS A 210 -4.62 -1.97 -15.09
CA HIS A 210 -5.70 -1.91 -14.10
C HIS A 210 -6.16 -0.49 -13.73
N GLY A 211 -5.69 0.53 -14.44
CA GLY A 211 -6.14 1.90 -14.20
C GLY A 211 -5.89 2.43 -12.79
N ASP A 212 -4.88 1.91 -12.09
CA ASP A 212 -4.66 2.37 -10.73
C ASP A 212 -3.23 2.86 -10.47
N VAL A 213 -2.46 3.10 -11.52
CA VAL A 213 -1.07 3.53 -11.37
C VAL A 213 -0.71 4.36 -12.56
N ILE A 214 0.04 5.43 -12.30
CA ILE A 214 0.73 6.15 -13.36
C ILE A 214 2.19 5.77 -13.32
N GLY A 215 2.78 5.40 -14.48
CA GLY A 215 4.22 5.14 -14.49
C GLY A 215 4.79 5.01 -15.88
N GLY A 216 6.11 4.94 -15.99
CA GLY A 216 6.70 4.95 -17.32
C GLY A 216 7.81 3.91 -17.34
N VAL A 217 8.20 3.49 -18.52
CA VAL A 217 9.37 2.63 -18.63
C VAL A 217 10.06 2.89 -19.96
N SER A 218 11.38 2.81 -19.95
CA SER A 218 12.15 3.01 -21.15
C SER A 218 13.21 1.90 -21.23
N SER A 219 13.37 1.33 -22.42
CA SER A 219 14.35 0.29 -22.62
C SER A 219 15.30 0.63 -23.74
N ALA A 220 16.58 0.33 -23.51
CA ALA A 220 17.57 0.71 -24.49
C ALA A 220 18.24 -0.53 -25.07
N LYS A 221 18.59 -0.48 -26.36
CA LYS A 221 19.36 -1.56 -27.01
C LYS A 221 20.77 -1.80 -26.39
N THR A 222 21.35 -0.75 -25.82
CA THR A 222 22.77 -0.67 -25.46
C THR A 222 22.95 -0.40 -23.96
N ALA A 223 23.91 -1.07 -23.34
CA ALA A 223 24.17 -0.82 -21.91
C ALA A 223 24.49 0.66 -21.63
N GLU A 224 25.29 1.27 -22.50
CA GLU A 224 25.68 2.66 -22.37
C GLU A 224 24.43 3.56 -22.34
N ASP A 225 23.48 3.28 -23.24
CA ASP A 225 22.32 4.16 -23.36
C ASP A 225 21.43 4.04 -22.14
N ILE A 226 21.21 2.81 -21.64
CA ILE A 226 20.42 2.66 -20.42
C ILE A 226 21.09 3.31 -19.20
N ALA A 227 22.42 3.23 -19.13
CA ALA A 227 23.16 3.95 -18.07
C ALA A 227 22.98 5.48 -18.17
N THR A 228 23.00 6.03 -19.38
CA THR A 228 22.80 7.47 -19.58
C THR A 228 21.40 7.90 -19.15
N ILE A 229 20.39 7.15 -19.59
CA ILE A 229 19.01 7.37 -19.15
C ILE A 229 18.87 7.36 -17.63
N LYS A 230 19.45 6.36 -16.97
CA LYS A 230 19.40 6.30 -15.50
C LYS A 230 20.22 7.42 -14.84
N PHE A 231 21.29 7.87 -15.47
CA PHE A 231 22.01 9.03 -14.98
C PHE A 231 21.09 10.25 -15.02
N TYR A 232 20.38 10.44 -16.12
CA TYR A 232 19.43 11.52 -16.21
C TYR A 232 18.33 11.42 -15.14
N ARG A 233 17.69 10.24 -15.02
CA ARG A 233 16.66 9.96 -14.03
C ARG A 233 17.13 10.33 -12.62
N LYS A 234 18.37 10.03 -12.30
CA LYS A 234 18.90 10.29 -10.98
C LYS A 234 18.87 11.81 -10.67
N ASP A 235 19.10 12.63 -11.68
CA ASP A 235 19.15 14.10 -11.54
C ASP A 235 17.82 14.78 -11.80
N ALA A 236 17.04 14.26 -12.75
CA ALA A 236 15.72 14.81 -13.07
C ALA A 236 14.61 14.32 -12.12
N GLY A 237 14.73 13.08 -11.65
CA GLY A 237 14.00 12.67 -10.46
C GLY A 237 12.61 12.10 -10.63
N SER A 238 12.31 11.62 -11.83
CA SER A 238 11.03 10.97 -12.09
C SER A 238 11.10 9.48 -11.76
N LEU A 239 10.70 9.11 -10.55
CA LEU A 239 10.90 7.76 -10.05
C LEU A 239 9.59 7.03 -9.95
N MET A 240 9.63 5.73 -10.20
CA MET A 240 8.51 4.85 -9.88
C MET A 240 8.61 4.47 -8.40
N ALA A 241 7.53 4.70 -7.65
CA ALA A 241 7.50 4.38 -6.24
C ALA A 241 7.44 2.86 -6.02
N PRO A 242 8.04 2.35 -4.93
CA PRO A 242 8.04 0.88 -4.71
C PRO A 242 6.64 0.26 -4.76
N MET A 243 5.65 0.90 -4.13
CA MET A 243 4.32 0.35 -4.17
C MET A 243 3.76 0.33 -5.60
N ASP A 244 4.04 1.38 -6.36
CA ASP A 244 3.58 1.44 -7.74
C ASP A 244 4.27 0.35 -8.60
N ALA A 245 5.56 0.11 -8.34
CA ALA A 245 6.31 -0.97 -9.03
C ALA A 245 5.71 -2.36 -8.75
N PHE A 246 5.31 -2.56 -7.50
CA PHE A 246 4.72 -3.80 -7.07
C PHE A 246 3.41 -4.01 -7.83
N LEU A 247 2.58 -2.98 -7.89
CA LEU A 247 1.32 -3.03 -8.71
C LEU A 247 1.58 -3.24 -10.20
N CYS A 248 2.57 -2.55 -10.79
CA CYS A 248 2.80 -2.74 -12.23
C CYS A 248 3.33 -4.16 -12.52
N ALA A 249 4.15 -4.72 -11.62
CA ALA A 249 4.68 -6.05 -11.87
C ALA A 249 3.54 -7.05 -11.77
N ARG A 250 2.68 -6.84 -10.78
CA ARG A 250 1.50 -7.66 -10.59
C ARG A 250 0.58 -7.54 -11.83
N GLY A 251 0.39 -6.32 -12.33
CA GLY A 251 -0.47 -6.12 -13.53
C GLY A 251 0.09 -6.86 -14.71
N MET A 252 1.41 -6.80 -14.84
CA MET A 252 2.11 -7.38 -15.95
C MET A 252 2.03 -8.92 -15.96
N LYS A 253 1.81 -9.57 -14.80
CA LYS A 253 1.63 -11.03 -14.80
C LYS A 253 0.53 -11.48 -15.77
N THR A 254 -0.47 -10.64 -16.03
CA THR A 254 -1.58 -11.02 -16.95
C THR A 254 -1.53 -10.26 -18.26
N LEU A 255 -0.42 -9.60 -18.54
CA LEU A 255 -0.34 -8.80 -19.76
C LEU A 255 -0.62 -9.62 -21.04
N PRO A 256 0.07 -10.75 -21.24
CA PRO A 256 -0.18 -11.47 -22.49
C PRO A 256 -1.63 -11.90 -22.68
N ILE A 257 -2.26 -12.47 -21.66
CA ILE A 257 -3.65 -12.91 -21.86
C ILE A 257 -4.58 -11.70 -21.99
N ARG A 258 -4.39 -10.62 -21.21
CA ARG A 258 -5.19 -9.41 -21.41
C ARG A 258 -5.04 -8.86 -22.85
N MET A 259 -3.79 -8.77 -23.34
CA MET A 259 -3.57 -8.27 -24.71
C MET A 259 -4.25 -9.10 -25.76
N GLN A 260 -4.32 -10.42 -25.54
CA GLN A 260 -4.99 -11.30 -26.51
C GLN A 260 -6.48 -10.94 -26.55
N ILE A 261 -7.11 -10.78 -25.40
CA ILE A 261 -8.50 -10.35 -25.38
C ILE A 261 -8.74 -8.94 -25.89
N HIS A 262 -7.95 -7.97 -25.42
CA HIS A 262 -7.97 -6.62 -26.01
C HIS A 262 -7.89 -6.65 -27.55
N MET A 263 -6.93 -7.38 -28.12
CA MET A 263 -6.79 -7.39 -29.56
C MET A 263 -8.05 -7.86 -30.25
N GLU A 264 -8.56 -9.00 -29.81
CA GLU A 264 -9.71 -9.62 -30.43
C GLU A 264 -10.99 -8.79 -30.19
N ASN A 265 -11.20 -8.28 -28.98
CA ASN A 265 -12.34 -7.41 -28.75
C ASN A 265 -12.30 -6.16 -29.62
N GLY A 266 -11.14 -5.49 -29.67
CA GLY A 266 -10.96 -4.23 -30.41
C GLY A 266 -11.31 -4.41 -31.89
N LEU A 267 -10.89 -5.51 -32.49
CA LEU A 267 -11.14 -5.78 -33.90
C LEU A 267 -12.61 -6.01 -34.15
N LYS A 268 -13.28 -6.73 -33.24
CA LYS A 268 -14.66 -7.03 -33.41
C LYS A 268 -15.49 -5.74 -33.27
N VAL A 269 -15.10 -4.90 -32.31
CA VAL A 269 -15.77 -3.62 -32.13
C VAL A 269 -15.53 -2.73 -33.34
N ALA A 270 -14.28 -2.66 -33.84
CA ALA A 270 -14.04 -1.83 -35.03
C ALA A 270 -14.86 -2.26 -36.25
N LYS A 271 -15.05 -3.56 -36.42
CA LYS A 271 -15.77 -4.09 -37.58
C LYS A 271 -17.24 -3.81 -37.44
N PHE A 272 -17.76 -3.91 -36.22
CA PHE A 272 -19.14 -3.55 -35.97
C PHE A 272 -19.38 -2.07 -36.32
N LEU A 273 -18.52 -1.20 -35.81
CA LEU A 273 -18.60 0.22 -36.07
C LEU A 273 -18.46 0.50 -37.56
N GLU A 274 -17.48 -0.14 -38.20
CA GLU A 274 -17.20 0.11 -39.59
C GLU A 274 -18.42 -0.14 -40.45
N GLN A 275 -19.26 -1.13 -40.09
CA GLN A 275 -20.43 -1.43 -40.90
C GLN A 275 -21.68 -0.68 -40.41
N HIS A 276 -21.56 0.12 -39.35
CA HIS A 276 -22.75 0.81 -38.83
C HIS A 276 -23.06 2.10 -39.62
N GLU A 277 -24.32 2.27 -39.97
CA GLU A 277 -24.79 3.47 -40.71
C GLU A 277 -24.32 4.81 -40.15
N LYS A 278 -24.24 4.90 -38.84
CA LYS A 278 -23.96 6.17 -38.18
C LYS A 278 -22.48 6.53 -38.20
N ILE A 279 -21.63 5.58 -38.55
CA ILE A 279 -20.21 5.75 -38.40
C ILE A 279 -19.66 6.05 -39.79
N VAL A 280 -18.84 7.08 -39.90
CA VAL A 280 -18.33 7.55 -41.19
C VAL A 280 -17.09 6.79 -41.59
N LYS A 281 -16.23 6.47 -40.62
CA LYS A 281 -14.88 5.99 -40.88
C LYS A 281 -14.39 5.39 -39.55
N VAL A 282 -13.61 4.31 -39.62
CA VAL A 282 -12.99 3.70 -38.44
C VAL A 282 -11.49 3.66 -38.66
N ASN A 283 -10.70 4.25 -37.76
CA ASN A 283 -9.24 4.21 -37.83
C ASN A 283 -8.67 3.11 -36.94
N HIS A 284 -8.68 1.87 -37.42
CA HIS A 284 -8.06 0.80 -36.65
C HIS A 284 -7.06 0.15 -37.60
N PRO A 285 -5.77 0.03 -37.20
CA PRO A 285 -4.68 -0.44 -38.07
C PRO A 285 -4.80 -1.92 -38.46
N GLY A 286 -5.71 -2.66 -37.82
CA GLY A 286 -5.98 -4.04 -38.16
C GLY A 286 -7.04 -4.20 -39.23
N LEU A 287 -7.71 -3.10 -39.61
CA LEU A 287 -8.70 -3.15 -40.71
C LEU A 287 -8.04 -3.08 -42.05
N GLU A 288 -8.54 -3.86 -43.00
CA GLU A 288 -7.99 -3.79 -44.33
C GLU A 288 -8.15 -2.44 -45.04
N SER A 289 -9.16 -1.66 -44.64
CA SER A 289 -9.41 -0.37 -45.26
C SER A 289 -8.44 0.70 -44.72
N PHE A 290 -7.69 0.41 -43.66
CA PHE A 290 -6.87 1.44 -43.06
C PHE A 290 -5.55 1.61 -43.81
N PRO A 291 -5.22 2.87 -44.23
CA PRO A 291 -3.90 3.14 -44.84
C PRO A 291 -2.78 2.79 -43.84
N GLY A 292 -1.82 1.98 -44.26
CA GLY A 292 -0.81 1.55 -43.29
C GLY A 292 -1.11 0.26 -42.56
N HIS A 293 -2.28 -0.34 -42.83
CA HIS A 293 -2.50 -1.71 -42.46
C HIS A 293 -1.39 -2.68 -42.90
N ASP A 294 -0.86 -2.53 -44.11
CA ASP A 294 0.18 -3.46 -44.58
C ASP A 294 1.49 -3.28 -43.77
N ILE A 295 1.86 -2.05 -43.43
CA ILE A 295 3.05 -1.85 -42.60
C ILE A 295 2.81 -2.39 -41.19
N ALA A 296 1.65 -2.07 -40.61
CA ALA A 296 1.28 -2.56 -39.26
C ALA A 296 1.29 -4.09 -39.18
N LYS A 297 0.67 -4.77 -40.16
CA LYS A 297 0.60 -6.23 -40.13
C LYS A 297 1.93 -6.92 -40.26
N LYS A 298 2.91 -6.29 -40.92
CA LYS A 298 4.25 -6.85 -41.06
C LYS A 298 5.19 -6.57 -39.88
N GLN A 299 4.99 -5.42 -39.22
CA GLN A 299 5.96 -4.95 -38.21
C GLN A 299 5.53 -5.24 -36.77
N MET A 300 4.27 -5.60 -36.63
CA MET A 300 3.70 -5.91 -35.34
C MET A 300 3.12 -7.29 -35.43
N THR A 301 2.75 -7.80 -34.28
CA THR A 301 2.44 -9.19 -34.12
C THR A 301 1.02 -9.21 -33.53
N GLY A 302 0.40 -8.04 -33.46
CA GLY A 302 -0.97 -7.89 -33.03
C GLY A 302 -1.31 -6.40 -32.92
N TYR A 303 -2.47 -6.08 -32.37
CA TYR A 303 -2.95 -4.72 -32.31
C TYR A 303 -3.44 -4.46 -30.91
N GLY A 304 -3.21 -3.25 -30.42
CA GLY A 304 -3.87 -2.82 -29.18
C GLY A 304 -5.34 -2.58 -29.49
N SER A 305 -6.10 -2.12 -28.51
CA SER A 305 -7.53 -2.03 -28.69
C SER A 305 -8.06 -0.60 -28.54
N THR A 306 -7.17 0.39 -28.67
CA THR A 306 -7.52 1.79 -28.62
C THR A 306 -7.50 2.37 -30.01
N PHE A 307 -8.62 2.91 -30.45
CA PHE A 307 -8.70 3.45 -31.81
C PHE A 307 -9.75 4.55 -31.95
N LEU A 308 -9.75 5.20 -33.09
CA LEU A 308 -10.57 6.35 -33.29
C LEU A 308 -11.62 6.07 -34.35
N PHE A 309 -12.81 6.66 -34.19
CA PHE A 309 -13.80 6.64 -35.27
C PHE A 309 -14.47 7.96 -35.40
N GLU A 310 -15.04 8.17 -36.60
CA GLU A 310 -15.70 9.41 -37.01
C GLU A 310 -17.25 9.29 -37.03
N MET A 311 -17.94 10.12 -36.25
CA MET A 311 -19.41 10.25 -36.31
C MET A 311 -19.84 11.28 -37.37
N LYS A 312 -21.14 11.43 -37.59
CA LYS A 312 -21.56 12.39 -38.61
C LYS A 312 -21.46 13.83 -38.15
N SER A 313 -21.37 14.03 -36.84
CA SER A 313 -21.35 15.37 -36.29
C SER A 313 -20.86 15.32 -34.87
N PHE A 314 -20.50 16.46 -34.35
CA PHE A 314 -20.15 16.60 -32.97
C PHE A 314 -21.34 16.23 -32.03
N GLU A 315 -22.54 16.67 -32.37
CA GLU A 315 -23.72 16.40 -31.59
C GLU A 315 -23.99 14.91 -31.56
N ALA A 316 -23.74 14.22 -32.70
CA ALA A 316 -23.84 12.76 -32.72
C ALA A 316 -22.78 12.10 -31.80
N ALA A 317 -21.57 12.65 -31.77
CA ALA A 317 -20.49 12.09 -30.95
C ALA A 317 -20.86 12.19 -29.47
N LYS A 318 -21.38 13.34 -29.07
CA LYS A 318 -21.79 13.59 -27.70
C LYS A 318 -22.96 12.71 -27.28
N LYS A 319 -23.91 12.49 -28.16
CA LYS A 319 -25.06 11.68 -27.84
C LYS A 319 -24.63 10.22 -27.60
N LEU A 320 -23.75 9.72 -28.46
CA LEU A 320 -23.09 8.43 -28.25
C LEU A 320 -22.30 8.40 -26.92
N MET A 321 -21.37 9.32 -26.75
CA MET A 321 -20.50 9.28 -25.58
C MET A 321 -21.23 9.33 -24.24
N GLU A 322 -22.38 10.01 -24.19
CA GLU A 322 -23.09 10.29 -22.93
C GLU A 322 -24.20 9.30 -22.60
N HIS A 323 -24.37 8.26 -23.41
CA HIS A 323 -25.48 7.33 -23.25
C HIS A 323 -25.02 5.89 -23.21
N LEU A 324 -23.77 5.66 -22.81
CA LEU A 324 -23.21 4.33 -22.66
C LEU A 324 -23.35 3.87 -21.20
N LYS A 325 -23.56 2.58 -21.02
CA LYS A 325 -23.75 2.04 -19.67
C LYS A 325 -22.59 1.13 -19.27
N VAL A 326 -21.85 0.64 -20.24
CA VAL A 326 -20.68 -0.19 -20.00
C VAL A 326 -19.40 0.65 -20.22
N CYS A 327 -19.27 1.35 -21.35
CA CYS A 327 -18.11 2.20 -21.57
C CYS A 327 -18.13 3.35 -20.55
N THR A 328 -16.97 3.79 -20.07
CA THR A 328 -16.89 4.89 -19.13
C THR A 328 -16.27 6.11 -19.85
N LEU A 329 -16.92 7.27 -19.74
CA LEU A 329 -16.37 8.51 -20.29
C LEU A 329 -15.19 9.05 -19.46
N ALA A 330 -13.98 8.94 -19.99
CA ALA A 330 -12.77 9.31 -19.23
C ALA A 330 -11.58 9.25 -20.16
N VAL A 331 -10.54 10.01 -19.82
CA VAL A 331 -9.31 9.90 -20.60
C VAL A 331 -8.53 8.67 -20.13
N SER A 332 -7.40 8.41 -20.79
CA SER A 332 -6.56 7.24 -20.56
C SER A 332 -7.05 6.06 -21.40
N LEU A 333 -6.35 4.93 -21.30
CA LEU A 333 -6.61 3.77 -22.16
C LEU A 333 -5.91 2.56 -21.61
N GLY A 334 -6.14 1.40 -22.21
CA GLY A 334 -5.36 0.21 -21.91
C GLY A 334 -5.81 -0.43 -20.60
N CYS A 335 -6.94 0.00 -20.10
CA CYS A 335 -7.52 -0.52 -18.88
CA CYS A 335 -7.51 -0.51 -18.88
C CYS A 335 -8.35 -1.75 -19.18
N VAL A 336 -8.68 -2.44 -18.13
CA VAL A 336 -9.35 -3.70 -18.24
C VAL A 336 -10.81 -3.42 -18.60
N ASP A 337 -11.33 -2.27 -18.17
CA ASP A 337 -12.66 -1.88 -18.57
C ASP A 337 -12.59 -0.85 -19.72
N THR A 338 -13.65 -0.78 -20.53
CA THR A 338 -13.70 0.08 -21.71
C THR A 338 -13.85 1.58 -21.37
N LEU A 339 -12.99 2.38 -21.99
CA LEU A 339 -12.96 3.83 -21.84
C LEU A 339 -13.29 4.52 -23.16
N ILE A 340 -13.83 5.74 -23.08
CA ILE A 340 -14.16 6.51 -24.26
C ILE A 340 -13.96 8.03 -24.02
N GLU A 341 -13.51 8.75 -25.05
CA GLU A 341 -13.20 10.17 -24.90
C GLU A 341 -13.27 10.88 -26.23
N HIS A 342 -13.24 12.20 -26.13
CA HIS A 342 -13.38 13.10 -27.27
C HIS A 342 -12.03 13.84 -27.42
N PRO A 343 -11.14 13.35 -28.31
CA PRO A 343 -9.80 13.92 -28.44
C PRO A 343 -9.81 15.44 -28.60
N ALA A 344 -10.72 15.96 -29.43
CA ALA A 344 -10.74 17.39 -29.78
C ALA A 344 -10.87 18.32 -28.59
N SER A 345 -11.59 17.90 -27.55
CA SER A 345 -11.81 18.80 -26.39
C SER A 345 -11.21 18.20 -25.12
N MET A 346 -10.49 17.09 -25.26
CA MET A 346 -9.90 16.45 -24.09
C MET A 346 -8.38 16.13 -24.22
N THR A 347 -7.99 14.93 -24.65
CA THR A 347 -6.57 14.53 -24.63
C THR A 347 -5.68 15.39 -25.51
N HIS A 348 -6.32 15.98 -26.53
CA HIS A 348 -5.63 16.81 -27.52
C HIS A 348 -6.19 18.24 -27.58
N ALA A 349 -6.90 18.66 -26.54
CA ALA A 349 -7.48 20.03 -26.53
C ALA A 349 -6.44 21.17 -26.49
N ALA A 350 -5.26 20.91 -25.92
CA ALA A 350 -4.21 21.96 -25.85
C ALA A 350 -3.24 21.97 -27.04
N VAL A 351 -3.44 21.07 -28.02
CA VAL A 351 -2.50 21.07 -29.15
C VAL A 351 -2.77 22.23 -30.10
N PRO A 352 -1.69 22.98 -30.41
CA PRO A 352 -1.80 24.19 -31.24
C PRO A 352 -2.57 23.91 -32.53
N GLU A 353 -3.46 24.83 -32.86
CA GLU A 353 -4.33 24.73 -34.04
C GLU A 353 -3.71 24.12 -35.33
N ASN A 354 -2.48 24.52 -35.67
CA ASN A 354 -1.87 24.05 -36.92
C ASN A 354 -1.46 22.57 -36.87
N ILE A 355 -1.00 22.17 -35.68
CA ILE A 355 -0.62 20.80 -35.40
C ILE A 355 -1.88 19.94 -35.38
N MET A 356 -2.94 20.40 -34.70
CA MET A 356 -4.21 19.66 -34.64
C MET A 356 -4.83 19.42 -36.02
N ARG A 357 -4.69 20.41 -36.88
CA ARG A 357 -5.10 20.37 -38.29
C ARG A 357 -4.25 19.36 -39.09
N LYS A 358 -2.94 19.38 -38.89
CA LYS A 358 -2.05 18.39 -39.51
C LYS A 358 -2.24 16.95 -38.95
N GLN A 359 -2.68 16.85 -37.69
CA GLN A 359 -3.02 15.56 -37.08
C GLN A 359 -4.36 15.02 -37.60
N GLY A 360 -5.25 15.89 -38.09
CA GLY A 360 -6.55 15.46 -38.59
C GLY A 360 -7.61 15.25 -37.49
N ILE A 361 -7.51 16.02 -36.40
CA ILE A 361 -8.42 15.86 -35.27
C ILE A 361 -9.59 16.85 -35.37
N THR A 362 -10.81 16.33 -35.49
CA THR A 362 -11.99 17.15 -35.64
C THR A 362 -13.00 16.85 -34.52
N PRO A 363 -14.02 17.73 -34.33
CA PRO A 363 -14.99 17.47 -33.26
C PRO A 363 -15.89 16.23 -33.51
N GLU A 364 -15.84 15.66 -34.69
CA GLU A 364 -16.63 14.46 -34.97
C GLU A 364 -15.95 13.16 -34.50
N LEU A 365 -14.70 13.25 -34.04
CA LEU A 365 -13.93 12.05 -33.76
C LEU A 365 -14.13 11.58 -32.33
N VAL A 366 -14.31 10.28 -32.13
CA VAL A 366 -14.39 9.69 -30.80
C VAL A 366 -13.32 8.63 -30.64
N ARG A 367 -12.64 8.62 -29.49
CA ARG A 367 -11.64 7.58 -29.28
C ARG A 367 -12.10 6.56 -28.24
N ILE A 368 -12.00 5.27 -28.60
CA ILE A 368 -12.42 4.20 -27.71
C ILE A 368 -11.25 3.29 -27.37
N SER A 369 -11.18 2.94 -26.11
CA SER A 369 -10.20 2.01 -25.63
C SER A 369 -10.93 0.78 -25.11
N VAL A 370 -10.98 -0.24 -25.94
CA VAL A 370 -11.80 -1.40 -25.64
C VAL A 370 -11.14 -2.32 -24.61
N GLY A 371 -11.87 -2.62 -23.54
CA GLY A 371 -11.39 -3.50 -22.47
C GLY A 371 -11.64 -4.98 -22.71
N ILE A 372 -11.62 -5.75 -21.61
CA ILE A 372 -11.74 -7.21 -21.69
C ILE A 372 -13.11 -7.79 -21.31
N GLU A 373 -14.11 -6.90 -21.21
CA GLU A 373 -15.51 -7.32 -21.03
C GLU A 373 -15.90 -8.26 -22.17
N ASN A 374 -16.96 -8.99 -22.00
CA ASN A 374 -17.46 -9.75 -23.09
C ASN A 374 -17.79 -8.81 -24.24
N VAL A 375 -17.27 -9.14 -25.43
CA VAL A 375 -17.36 -8.26 -26.57
C VAL A 375 -18.82 -8.01 -27.03
N ASP A 376 -19.69 -9.02 -26.91
CA ASP A 376 -21.12 -8.83 -27.20
C ASP A 376 -21.80 -7.77 -26.30
N ASP A 377 -21.39 -7.69 -25.02
CA ASP A 377 -21.89 -6.70 -24.08
C ASP A 377 -21.43 -5.30 -24.51
N ILE A 378 -20.17 -5.18 -24.94
CA ILE A 378 -19.63 -3.92 -25.40
C ILE A 378 -20.35 -3.47 -26.67
N ILE A 379 -20.47 -4.36 -27.64
CA ILE A 379 -21.16 -4.03 -28.90
C ILE A 379 -22.65 -3.72 -28.64
N ALA A 380 -23.31 -4.45 -27.76
CA ALA A 380 -24.74 -4.15 -27.50
C ALA A 380 -24.89 -2.75 -26.84
N ASP A 381 -23.92 -2.35 -26.03
CA ASP A 381 -23.90 -1.05 -25.37
C ASP A 381 -23.74 0.04 -26.42
N LEU A 382 -22.79 -0.11 -27.33
CA LEU A 382 -22.61 0.87 -28.40
C LEU A 382 -23.84 0.93 -29.31
N LYS A 383 -24.37 -0.25 -29.64
CA LYS A 383 -25.49 -0.34 -30.54
C LYS A 383 -26.73 0.34 -29.95
N GLN A 384 -26.99 0.17 -28.65
CA GLN A 384 -28.17 0.80 -28.08
C GLN A 384 -28.05 2.32 -28.06
N ALA A 385 -26.87 2.83 -27.76
CA ALA A 385 -26.61 4.27 -27.83
C ALA A 385 -26.69 4.85 -29.26
N LEU A 386 -26.25 4.10 -30.26
CA LEU A 386 -26.32 4.58 -31.66
C LEU A 386 -27.75 4.58 -32.18
N GLU A 387 -28.58 3.81 -31.53
CA GLU A 387 -29.94 3.66 -31.97
C GLU A 387 -30.94 4.48 -31.17
N LEU A 388 -30.43 5.39 -30.35
CA LEU A 388 -31.32 6.21 -29.55
C LEU A 388 -32.30 7.00 -30.36
N TRP A 389 -33.53 7.06 -29.86
CA TRP A 389 -34.51 8.07 -30.24
C TRP A 389 -33.83 9.45 -30.39
N ALA B 3 20.90 1.46 30.77
CA ALA B 3 19.84 0.68 30.06
C ALA B 3 19.14 1.53 28.99
N GLN B 4 19.31 1.13 27.74
CA GLN B 4 18.66 1.79 26.60
C GLN B 4 17.27 2.30 27.00
N ASP B 5 16.95 3.51 26.59
CA ASP B 5 15.59 4.05 26.73
C ASP B 5 14.62 3.42 25.71
N ILE B 6 13.35 3.35 26.08
CA ILE B 6 12.27 2.80 25.25
C ILE B 6 12.17 3.46 23.87
N THR B 7 12.42 4.77 23.78
CA THR B 7 12.45 5.47 22.48
C THR B 7 13.51 4.83 21.57
N THR B 8 14.71 4.61 22.13
CA THR B 8 15.79 3.98 21.41
C THR B 8 15.46 2.54 21.03
N THR B 9 14.92 1.79 21.99
CA THR B 9 14.53 0.41 21.74
C THR B 9 13.54 0.26 20.56
N LEU B 10 12.50 1.10 20.52
CA LEU B 10 11.52 1.03 19.42
C LEU B 10 12.09 1.41 18.05
N LEU B 11 13.07 2.30 18.05
CA LEU B 11 13.72 2.75 16.82
C LEU B 11 14.82 1.78 16.37
N HIS B 12 15.20 0.84 17.23
CA HIS B 12 16.24 -0.13 16.89
C HIS B 12 15.85 -1.56 17.22
N PRO B 13 14.80 -2.06 16.55
CA PRO B 13 14.30 -3.39 16.85
C PRO B 13 15.37 -4.43 16.50
N LYS B 14 15.37 -5.56 17.21
CA LYS B 14 16.32 -6.63 16.90
C LYS B 14 15.96 -7.33 15.59
N GLY B 15 16.93 -8.03 15.01
CA GLY B 15 16.70 -8.71 13.75
C GLY B 15 17.60 -8.24 12.63
N ASP B 16 17.77 -9.11 11.65
CA ASP B 16 18.54 -8.80 10.46
C ASP B 16 17.76 -7.83 9.54
N HIS B 17 18.49 -6.91 8.91
CA HIS B 17 17.97 -6.18 7.77
C HIS B 17 17.70 -7.15 6.61
N VAL B 18 16.66 -6.86 5.83
CA VAL B 18 16.40 -7.60 4.60
C VAL B 18 17.03 -6.86 3.43
N LEU B 19 17.87 -7.54 2.64
CA LEU B 19 18.65 -6.88 1.57
C LEU B 19 19.24 -5.51 1.94
N HIS B 20 19.68 -5.33 3.19
CA HIS B 20 20.31 -4.08 3.62
C HIS B 20 19.35 -2.88 3.65
N SER B 21 18.08 -3.16 3.46
CA SER B 21 17.06 -2.14 3.54
C SER B 21 16.97 -1.53 4.93
N HIS B 22 16.94 -0.21 4.99
CA HIS B 22 16.79 0.50 6.26
C HIS B 22 15.39 0.34 6.81
N ALA B 23 14.36 0.65 6.01
CA ALA B 23 13.01 0.39 6.47
C ALA B 23 12.75 -1.11 6.27
N TYR B 24 12.04 -1.75 7.19
CA TYR B 24 11.77 -3.17 7.05
C TYR B 24 10.75 -3.30 5.93
N PRO B 25 10.98 -4.20 4.95
CA PRO B 25 10.07 -4.40 3.78
C PRO B 25 8.67 -4.91 4.14
N ILE B 26 7.74 -4.66 3.23
CA ILE B 26 6.38 -5.11 3.37
C ILE B 26 6.28 -6.42 2.61
N PHE B 27 6.10 -7.52 3.36
CA PHE B 27 5.98 -8.83 2.72
C PHE B 27 4.56 -9.10 2.31
N GLN B 28 4.14 -8.45 1.23
CA GLN B 28 2.81 -8.63 0.72
C GLN B 28 2.82 -9.91 -0.08
N THR B 29 2.87 -11.03 0.65
CA THR B 29 2.90 -12.36 0.03
C THR B 29 1.97 -13.29 0.78
N SER B 30 1.41 -14.25 0.07
CA SER B 30 0.67 -15.26 0.83
C SER B 30 1.60 -16.36 1.29
N THR B 31 2.41 -16.88 0.36
CA THR B 31 3.19 -18.06 0.61
C THR B 31 4.71 -17.86 0.44
N PHE B 32 5.47 -18.91 0.78
CA PHE B 32 6.94 -18.91 0.77
C PHE B 32 7.48 -20.19 0.13
N CYS B 33 8.57 -20.08 -0.61
CA CYS B 33 9.23 -21.20 -1.29
C CYS B 33 10.05 -22.07 -0.35
N PHE B 34 10.15 -23.36 -0.66
CA PHE B 34 11.02 -24.26 0.06
C PHE B 34 12.25 -24.60 -0.77
N ASP B 35 13.36 -24.86 -0.11
CA ASP B 35 14.56 -25.28 -0.82
C ASP B 35 14.50 -26.73 -1.24
N SER B 36 13.73 -27.54 -0.50
CA SER B 36 13.69 -28.99 -0.66
C SER B 36 12.48 -29.48 0.09
N THR B 37 12.04 -30.69 -0.21
CA THR B 37 10.95 -31.30 0.57
C THR B 37 11.29 -31.37 2.09
N GLN B 38 12.49 -31.83 2.42
CA GLN B 38 12.93 -31.96 3.79
C GLN B 38 12.82 -30.64 4.52
N GLN B 39 13.21 -29.55 3.85
CA GLN B 39 13.23 -28.27 4.51
C GLN B 39 11.81 -27.74 4.82
N GLY B 40 10.89 -27.91 3.86
CA GLY B 40 9.47 -27.61 4.04
C GLY B 40 8.88 -28.45 5.16
N ALA B 41 9.05 -29.76 5.06
CA ALA B 41 8.60 -30.67 6.09
C ALA B 41 9.14 -30.30 7.47
N ASP B 42 10.41 -29.89 7.54
CA ASP B 42 11.01 -29.56 8.83
C ASP B 42 10.33 -28.31 9.43
N LEU B 43 10.10 -27.30 8.60
CA LEU B 43 9.45 -26.09 9.06
C LEU B 43 8.02 -26.36 9.58
N PHE B 44 7.28 -27.28 8.94
CA PHE B 44 5.98 -27.65 9.45
C PHE B 44 6.05 -28.32 10.83
N MET B 45 7.22 -28.90 11.16
CA MET B 45 7.43 -29.52 12.47
C MET B 45 8.08 -28.57 13.49
N GLY B 46 8.11 -27.27 13.16
CA GLY B 46 8.83 -26.29 13.99
C GLY B 46 10.36 -26.43 14.03
N LYS B 47 10.93 -27.07 13.03
CA LYS B 47 12.37 -27.37 13.00
C LYS B 47 13.07 -26.44 11.98
N GLY B 48 14.11 -25.73 12.42
CA GLY B 48 14.88 -24.83 11.56
C GLY B 48 14.24 -23.46 11.52
N GLU B 49 14.86 -22.50 10.82
CA GLU B 49 14.34 -21.11 10.75
C GLU B 49 13.71 -20.84 9.38
N GLY B 50 12.67 -20.02 9.32
CA GLY B 50 12.03 -19.77 8.03
C GLY B 50 10.52 -19.67 8.07
N HIS B 51 9.92 -19.48 6.91
CA HIS B 51 8.50 -19.17 6.81
C HIS B 51 7.83 -20.13 5.86
N ILE B 52 6.51 -20.24 5.98
CA ILE B 52 5.72 -21.19 5.22
C ILE B 52 4.63 -20.45 4.45
N TYR B 53 3.85 -19.66 5.21
CA TYR B 53 2.56 -19.14 4.73
C TYR B 53 2.18 -18.02 5.71
N SER B 54 1.72 -16.88 5.20
CA SER B 54 1.58 -15.68 6.06
C SER B 54 0.61 -15.84 7.22
N ARG B 55 -0.40 -16.69 7.07
CA ARG B 55 -1.28 -16.96 8.21
C ARG B 55 -0.54 -17.62 9.40
N LEU B 56 0.49 -18.44 9.10
CA LEU B 56 1.28 -19.05 10.15
C LEU B 56 2.32 -18.05 10.65
N GLY B 57 2.80 -17.19 9.77
CA GLY B 57 3.80 -16.20 10.14
C GLY B 57 4.28 -15.42 8.94
N ASN B 58 4.26 -14.10 9.10
CA ASN B 58 4.71 -13.13 8.12
C ASN B 58 5.81 -12.26 8.70
N PRO B 59 6.92 -12.12 7.95
CA PRO B 59 8.07 -11.37 8.51
C PRO B 59 7.70 -9.94 8.90
N THR B 60 6.87 -9.26 8.09
CA THR B 60 6.53 -7.88 8.44
C THR B 60 5.73 -7.83 9.74
N VAL B 61 4.78 -8.76 9.88
CA VAL B 61 3.92 -8.83 11.04
C VAL B 61 4.77 -9.19 12.25
N GLU B 62 5.66 -10.16 12.09
CA GLU B 62 6.56 -10.56 13.20
C GLU B 62 7.45 -9.44 13.69
N GLN B 63 7.90 -8.58 12.80
CA GLN B 63 8.67 -7.41 13.25
C GLN B 63 7.86 -6.53 14.21
N PHE B 64 6.60 -6.24 13.83
CA PHE B 64 5.73 -5.48 14.71
C PHE B 64 5.53 -6.23 16.03
N GLU B 65 5.29 -7.54 15.95
CA GLU B 65 5.14 -8.36 17.13
C GLU B 65 6.36 -8.24 18.07
N GLU B 66 7.57 -8.27 17.49
CA GLU B 66 8.79 -8.17 18.28
C GLU B 66 8.84 -6.85 19.03
N MET B 67 8.44 -5.77 18.35
CA MET B 67 8.46 -4.44 18.93
C MET B 67 7.57 -4.38 20.16
N VAL B 68 6.32 -4.85 20.02
CA VAL B 68 5.39 -4.90 21.13
C VAL B 68 5.87 -5.80 22.25
N CYS B 69 6.36 -6.99 21.91
CA CYS B 69 6.90 -7.91 22.91
C CYS B 69 8.00 -7.26 23.75
N SER B 70 8.76 -6.34 23.16
CA SER B 70 9.81 -5.68 23.90
C SER B 70 9.29 -4.69 24.94
N ILE B 71 8.27 -3.87 24.63
CA ILE B 71 7.80 -2.89 25.63
C ILE B 71 7.07 -3.60 26.76
N GLU B 72 6.32 -4.65 26.42
CA GLU B 72 5.52 -5.38 27.38
C GLU B 72 6.37 -6.19 28.35
N GLY B 73 7.51 -6.68 27.86
CA GLY B 73 8.36 -7.59 28.62
C GLY B 73 7.81 -9.00 28.59
N ALA B 74 7.33 -9.42 27.42
CA ALA B 74 6.62 -10.69 27.26
C ALA B 74 7.51 -11.87 26.82
N ALA B 75 6.98 -13.09 26.90
CA ALA B 75 7.60 -14.22 26.20
C ALA B 75 7.36 -14.13 24.69
N GLY B 76 6.30 -13.46 24.28
CA GLY B 76 5.94 -13.33 22.86
C GLY B 76 4.64 -12.56 22.67
N SER B 77 4.41 -12.10 21.45
CA SER B 77 3.24 -11.31 21.12
C SER B 77 2.64 -11.79 19.82
N ALA B 78 1.35 -11.54 19.65
CA ALA B 78 0.64 -11.99 18.47
C ALA B 78 -0.21 -10.82 17.99
N ALA B 79 -0.12 -10.54 16.69
CA ALA B 79 -0.85 -9.43 16.08
C ALA B 79 -2.09 -10.02 15.40
N PHE B 80 -3.17 -9.25 15.35
CA PHE B 80 -4.45 -9.72 14.84
C PHE B 80 -5.02 -8.60 14.01
N GLY B 81 -6.06 -8.94 13.26
CA GLY B 81 -6.86 -7.98 12.45
C GLY B 81 -7.60 -6.89 13.20
N SER B 82 -7.65 -7.00 14.52
CA SER B 82 -8.41 -6.03 15.33
C SER B 82 -8.25 -6.29 16.80
N GLY B 83 -8.63 -5.33 17.61
CA GLY B 83 -8.61 -5.53 19.05
C GLY B 83 -9.54 -6.65 19.49
N MET B 84 -10.70 -6.76 18.83
CA MET B 84 -11.62 -7.83 19.09
C MET B 84 -10.98 -9.19 18.76
N GLY B 85 -10.26 -9.29 17.64
CA GLY B 85 -9.51 -10.54 17.34
C GLY B 85 -8.55 -10.89 18.49
N ALA B 86 -7.94 -9.86 19.07
CA ALA B 86 -7.01 -10.13 20.15
C ALA B 86 -7.77 -10.62 21.37
N ILE B 87 -8.92 -9.98 21.65
CA ILE B 87 -9.70 -10.32 22.82
C ILE B 87 -10.26 -11.75 22.71
N SER B 88 -10.85 -12.09 21.57
CA SER B 88 -11.40 -13.40 21.32
C SER B 88 -10.36 -14.47 21.42
N SER B 89 -9.25 -14.25 20.72
CA SER B 89 -8.14 -15.20 20.76
C SER B 89 -7.45 -15.28 22.14
N SER B 90 -7.50 -14.19 22.92
CA SER B 90 -6.84 -14.26 24.23
C SER B 90 -7.71 -14.94 25.25
N THR B 91 -9.00 -15.12 24.92
CA THR B 91 -9.93 -15.71 25.90
C THR B 91 -10.35 -17.12 25.50
N LEU B 92 -10.82 -17.27 24.26
CA LEU B 92 -11.37 -18.53 23.78
C LEU B 92 -10.28 -19.53 23.41
N ALA B 93 -9.05 -19.08 23.34
CA ALA B 93 -7.94 -20.05 23.21
C ALA B 93 -7.82 -20.88 24.48
N PHE B 94 -8.33 -20.36 25.62
CA PHE B 94 -8.19 -21.00 26.93
C PHE B 94 -9.50 -21.49 27.52
N LEU B 95 -10.55 -20.67 27.45
CA LEU B 95 -11.83 -21.03 28.06
C LEU B 95 -12.53 -22.07 27.20
N GLN B 96 -13.14 -23.05 27.85
CA GLN B 96 -13.93 -24.08 27.16
C GLN B 96 -15.19 -24.40 27.99
N LYS B 97 -16.08 -25.18 27.40
CA LYS B 97 -17.38 -25.49 27.99
C LYS B 97 -17.25 -25.96 29.45
N GLY B 98 -18.01 -25.37 30.35
CA GLY B 98 -17.91 -25.68 31.77
C GLY B 98 -16.98 -24.77 32.55
N ASP B 99 -16.11 -24.01 31.87
CA ASP B 99 -15.27 -23.01 32.57
C ASP B 99 -16.09 -21.78 32.96
N HIS B 100 -15.54 -20.99 33.87
CA HIS B 100 -16.20 -19.78 34.34
C HIS B 100 -15.22 -18.62 34.25
N LEU B 101 -15.72 -17.51 33.73
CA LEU B 101 -14.95 -16.28 33.58
C LEU B 101 -15.58 -15.18 34.41
N ILE B 102 -14.73 -14.43 35.11
CA ILE B 102 -15.12 -13.21 35.80
C ILE B 102 -14.55 -12.05 35.00
N ALA B 103 -15.39 -11.11 34.60
CA ALA B 103 -14.96 -9.96 33.84
C ALA B 103 -15.37 -8.69 34.54
N GLY B 104 -14.60 -7.62 34.37
CA GLY B 104 -14.98 -6.30 34.87
C GLY B 104 -16.34 -5.92 34.31
N ASP B 105 -17.12 -5.21 35.11
CA ASP B 105 -18.50 -4.92 34.70
C ASP B 105 -18.58 -3.78 33.69
N THR B 106 -17.55 -2.96 33.62
CA THR B 106 -17.57 -1.92 32.61
C THR B 106 -16.46 -2.13 31.57
N LEU B 107 -16.89 -2.47 30.35
CA LEU B 107 -15.98 -2.85 29.28
C LEU B 107 -16.37 -2.16 27.98
N TYR B 108 -15.45 -2.15 27.02
CA TYR B 108 -15.81 -1.82 25.64
C TYR B 108 -17.09 -2.58 25.21
N GLY B 109 -18.01 -1.87 24.59
CA GLY B 109 -19.27 -2.43 24.08
C GLY B 109 -19.25 -3.76 23.33
N CYS B 110 -18.33 -3.94 22.39
CA CYS B 110 -18.25 -5.23 21.71
C CYS B 110 -17.64 -6.34 22.58
N THR B 111 -16.78 -5.98 23.55
CA THR B 111 -16.34 -6.94 24.57
C THR B 111 -17.55 -7.44 25.38
N VAL B 112 -18.40 -6.51 25.81
CA VAL B 112 -19.66 -6.91 26.44
C VAL B 112 -20.46 -7.87 25.52
N SER B 113 -20.60 -7.50 24.25
CA SER B 113 -21.32 -8.35 23.31
C SER B 113 -20.64 -9.74 23.21
N LEU B 114 -19.31 -9.75 23.17
CA LEU B 114 -18.61 -11.02 23.06
C LEU B 114 -18.87 -11.91 24.29
N PHE B 115 -18.69 -11.34 25.48
CA PHE B 115 -18.79 -12.08 26.73
C PHE B 115 -20.22 -12.52 27.07
N THR B 116 -21.16 -11.71 26.67
CA THR B 116 -22.54 -11.85 27.02
C THR B 116 -23.36 -12.64 25.96
N HIS B 117 -22.99 -12.51 24.70
CA HIS B 117 -23.70 -13.24 23.66
C HIS B 117 -22.95 -14.49 23.20
N TRP B 118 -21.69 -14.37 22.78
CA TRP B 118 -21.00 -15.57 22.27
C TRP B 118 -20.50 -16.60 23.32
N LEU B 119 -19.74 -16.16 24.33
CA LEU B 119 -19.23 -17.14 25.31
C LEU B 119 -20.29 -18.07 25.92
N PRO B 120 -21.46 -17.54 26.34
CA PRO B 120 -22.40 -18.48 26.94
C PRO B 120 -22.94 -19.50 25.94
N ARG B 121 -22.95 -19.16 24.67
CA ARG B 121 -23.32 -20.12 23.61
C ARG B 121 -22.31 -21.27 23.51
N PHE B 122 -21.06 -21.00 23.92
CA PHE B 122 -20.02 -22.02 23.87
C PHE B 122 -19.89 -22.74 25.23
N GLY B 123 -20.88 -22.54 26.11
CA GLY B 123 -20.96 -23.27 27.38
C GLY B 123 -20.05 -22.71 28.45
N ILE B 124 -19.60 -21.48 28.26
CA ILE B 124 -18.73 -20.80 29.24
C ILE B 124 -19.59 -19.86 30.10
N GLU B 125 -19.46 -19.96 31.43
CA GLU B 125 -20.22 -19.11 32.36
C GLU B 125 -19.49 -17.81 32.57
N VAL B 126 -20.20 -16.70 32.46
CA VAL B 126 -19.61 -15.38 32.61
C VAL B 126 -20.34 -14.55 33.64
N ASP B 127 -19.59 -14.02 34.61
CA ASP B 127 -20.14 -13.05 35.55
C ASP B 127 -19.42 -11.73 35.39
N LEU B 128 -20.18 -10.67 35.15
CA LEU B 128 -19.63 -9.33 35.07
C LEU B 128 -19.73 -8.70 36.45
N ILE B 129 -18.61 -8.31 37.02
CA ILE B 129 -18.62 -7.83 38.39
C ILE B 129 -17.70 -6.63 38.60
N ASP B 130 -17.90 -5.87 39.67
CA ASP B 130 -17.16 -4.63 39.86
C ASP B 130 -15.75 -4.92 40.36
N THR B 131 -14.79 -4.87 39.43
CA THR B 131 -13.43 -5.31 39.73
C THR B 131 -12.56 -4.26 40.43
N SER B 132 -13.13 -3.08 40.71
CA SER B 132 -12.41 -2.07 41.49
C SER B 132 -12.39 -2.43 42.98
N ASP B 133 -13.18 -3.43 43.37
CA ASP B 133 -13.14 -3.96 44.73
C ASP B 133 -12.73 -5.45 44.71
N VAL B 134 -11.48 -5.70 45.08
CA VAL B 134 -10.92 -7.06 45.11
C VAL B 134 -11.80 -8.07 45.87
N GLU B 135 -12.52 -7.60 46.89
CA GLU B 135 -13.35 -8.54 47.64
C GLU B 135 -14.55 -9.06 46.83
N LYS B 136 -15.08 -8.24 45.92
CA LYS B 136 -16.19 -8.65 45.07
C LYS B 136 -15.72 -9.72 44.09
N VAL B 137 -14.44 -9.64 43.69
CA VAL B 137 -13.80 -10.69 42.87
C VAL B 137 -13.71 -12.02 43.64
N LYS B 138 -13.24 -11.96 44.88
CA LYS B 138 -13.17 -13.13 45.74
C LYS B 138 -14.54 -13.75 45.97
N ALA B 139 -15.52 -12.91 46.32
CA ALA B 139 -16.91 -13.34 46.51
C ALA B 139 -17.55 -13.99 45.29
N ALA B 140 -17.17 -13.53 44.09
CA ALA B 140 -17.74 -14.04 42.86
C ALA B 140 -17.07 -15.35 42.43
N TRP B 141 -15.99 -15.73 43.10
CA TRP B 141 -15.22 -16.92 42.70
C TRP B 141 -16.00 -18.24 42.80
N LYS B 142 -15.68 -19.19 41.93
CA LYS B 142 -16.31 -20.52 41.90
C LYS B 142 -15.24 -21.61 41.72
N PRO B 143 -15.61 -22.88 41.94
CA PRO B 143 -14.55 -23.89 41.77
C PRO B 143 -14.07 -24.04 40.34
N ASN B 144 -14.86 -23.56 39.37
CA ASN B 144 -14.52 -23.69 37.96
C ASN B 144 -14.01 -22.39 37.31
N THR B 145 -13.61 -21.42 38.13
CA THR B 145 -13.16 -20.13 37.61
C THR B 145 -11.76 -20.24 37.03
N LYS B 146 -11.61 -19.94 35.75
CA LYS B 146 -10.36 -20.15 35.03
C LYS B 146 -9.69 -18.85 34.64
N MET B 147 -10.47 -17.78 34.62
CA MET B 147 -9.96 -16.55 34.10
C MET B 147 -10.62 -15.37 34.75
N VAL B 148 -9.83 -14.31 34.95
CA VAL B 148 -10.33 -12.97 35.22
C VAL B 148 -9.91 -12.02 34.08
N TYR B 149 -10.87 -11.30 33.50
CA TYR B 149 -10.58 -10.35 32.43
C TYR B 149 -10.89 -8.92 32.88
N LEU B 150 -9.93 -8.02 32.74
CA LEU B 150 -10.07 -6.62 33.20
C LEU B 150 -9.71 -5.63 32.11
N GLU B 151 -10.34 -4.46 32.17
CA GLU B 151 -9.81 -3.22 31.58
C GLU B 151 -9.61 -2.22 32.70
N SER B 152 -8.45 -1.58 32.73
CA SER B 152 -8.24 -0.55 33.70
C SER B 152 -7.27 0.46 33.14
N PRO B 153 -7.66 1.76 33.11
CA PRO B 153 -8.99 2.33 33.41
C PRO B 153 -10.01 1.83 32.39
N ALA B 154 -11.25 1.63 32.82
CA ALA B 154 -12.25 1.01 31.94
C ALA B 154 -12.82 1.98 30.89
N ASN B 155 -13.19 1.43 29.73
CA ASN B 155 -13.90 2.15 28.71
C ASN B 155 -15.42 2.13 29.03
N PRO B 156 -16.06 3.29 29.21
CA PRO B 156 -15.58 4.66 29.01
C PRO B 156 -15.44 5.49 30.28
N THR B 157 -15.78 4.91 31.43
CA THR B 157 -15.87 5.63 32.71
C THR B 157 -14.54 5.81 33.43
N CYS B 158 -13.50 5.13 32.94
CA CYS B 158 -12.14 5.15 33.52
C CYS B 158 -12.00 4.49 34.89
N LYS B 159 -12.98 3.67 35.28
CA LYS B 159 -12.93 2.98 36.57
C LYS B 159 -11.65 2.16 36.67
N VAL B 160 -10.97 2.26 37.81
CA VAL B 160 -9.67 1.64 37.98
C VAL B 160 -9.81 0.37 38.82
N SER B 161 -9.17 -0.71 38.42
CA SER B 161 -9.09 -1.90 39.25
C SER B 161 -7.66 -2.14 39.70
N ASP B 162 -7.51 -2.80 40.83
CA ASP B 162 -6.21 -3.13 41.39
C ASP B 162 -5.72 -4.41 40.76
N ILE B 163 -5.01 -4.27 39.64
CA ILE B 163 -4.51 -5.37 38.83
C ILE B 163 -3.60 -6.25 39.67
N LYS B 164 -2.77 -5.58 40.47
CA LYS B 164 -1.76 -6.22 41.27
C LYS B 164 -2.40 -7.08 42.36
N GLY B 165 -3.39 -6.54 43.07
CA GLY B 165 -4.15 -7.31 44.07
C GLY B 165 -4.94 -8.46 43.46
N ILE B 166 -5.56 -8.23 42.30
CA ILE B 166 -6.36 -9.25 41.63
C ILE B 166 -5.46 -10.38 41.09
N ALA B 167 -4.24 -10.04 40.69
CA ALA B 167 -3.28 -11.03 40.18
C ALA B 167 -2.83 -12.00 41.29
N VAL B 168 -2.64 -11.48 42.50
CA VAL B 168 -2.35 -12.34 43.65
C VAL B 168 -3.46 -13.40 43.79
N VAL B 169 -4.73 -12.96 43.81
CA VAL B 169 -5.84 -13.91 43.89
C VAL B 169 -5.80 -14.96 42.76
N CYS B 170 -5.56 -14.51 41.53
CA CYS B 170 -5.47 -15.41 40.38
C CYS B 170 -4.35 -16.43 40.48
N HIS B 171 -3.15 -15.99 40.85
CA HIS B 171 -2.03 -16.88 41.16
C HIS B 171 -2.38 -17.92 42.25
N GLU B 172 -3.03 -17.48 43.32
CA GLU B 172 -3.41 -18.35 44.44
C GLU B 172 -4.42 -19.42 44.04
N ARG B 173 -5.28 -19.08 43.08
CA ARG B 173 -6.48 -19.87 42.84
C ARG B 173 -6.52 -20.60 41.50
N GLY B 174 -5.41 -20.53 40.74
CA GLY B 174 -5.31 -21.21 39.43
C GLY B 174 -6.11 -20.58 38.28
N ALA B 175 -6.03 -19.27 38.14
CA ALA B 175 -6.74 -18.60 37.05
C ALA B 175 -5.82 -17.60 36.37
N ARG B 176 -5.94 -17.49 35.06
CA ARG B 176 -5.24 -16.50 34.27
C ARG B 176 -5.85 -15.13 34.45
N LEU B 177 -4.98 -14.15 34.59
CA LEU B 177 -5.38 -12.76 34.54
C LEU B 177 -5.05 -12.15 33.16
N VAL B 178 -6.08 -11.69 32.46
CA VAL B 178 -5.97 -11.05 31.15
C VAL B 178 -6.39 -9.60 31.30
N VAL B 179 -5.54 -8.69 30.84
CA VAL B 179 -5.81 -7.26 30.98
C VAL B 179 -5.74 -6.57 29.64
N ASP B 180 -6.84 -5.88 29.33
CA ASP B 180 -6.93 -5.01 28.18
C ASP B 180 -6.46 -3.63 28.59
N ALA B 181 -5.29 -3.26 28.06
CA ALA B 181 -4.62 -2.02 28.44
C ALA B 181 -4.68 -0.96 27.33
N THR B 182 -5.63 -1.11 26.40
CA THR B 182 -5.80 -0.19 25.27
C THR B 182 -5.76 1.28 25.69
N PHE B 183 -6.55 1.65 26.71
CA PHE B 183 -6.72 3.04 27.14
C PHE B 183 -5.46 3.74 27.64
N THR B 184 -4.43 2.96 27.98
CA THR B 184 -3.26 3.54 28.61
C THR B 184 -1.99 3.46 27.81
N SER B 185 -1.94 2.54 26.85
CA SER B 185 -0.76 2.20 26.06
C SER B 185 0.32 1.54 26.91
N PRO B 186 1.17 0.72 26.26
CA PRO B 186 2.24 -0.02 26.93
C PRO B 186 3.37 0.88 27.44
N CYS B 187 3.30 2.19 27.15
CA CYS B 187 4.28 3.11 27.71
C CYS B 187 4.04 3.31 29.19
N PHE B 188 2.76 3.26 29.57
CA PHE B 188 2.35 3.74 30.88
C PHE B 188 1.80 2.63 31.77
N LEU B 189 1.20 1.62 31.15
CA LEU B 189 0.72 0.43 31.85
C LEU B 189 1.36 -0.84 31.29
N LYS B 190 2.12 -1.55 32.14
CA LYS B 190 2.66 -2.85 31.75
C LYS B 190 2.10 -3.97 32.65
N PRO B 191 0.90 -4.50 32.31
CA PRO B 191 0.20 -5.51 33.13
C PRO B 191 1.02 -6.77 33.45
N LEU B 192 1.89 -7.21 32.54
CA LEU B 192 2.70 -8.40 32.83
C LEU B 192 3.62 -8.16 34.01
N GLU B 193 3.96 -6.89 34.26
CA GLU B 193 4.79 -6.47 35.38
C GLU B 193 4.01 -6.41 36.69
N LEU B 194 2.68 -6.37 36.59
CA LEU B 194 1.82 -6.33 37.77
C LEU B 194 1.35 -7.71 38.18
N GLY B 195 1.73 -8.72 37.41
CA GLY B 195 1.30 -10.09 37.69
C GLY B 195 0.31 -10.67 36.68
N ALA B 196 -0.15 -9.86 35.71
CA ALA B 196 -1.06 -10.41 34.70
C ALA B 196 -0.41 -11.51 33.89
N ASP B 197 -1.21 -12.40 33.33
CA ASP B 197 -0.72 -13.47 32.46
C ASP B 197 -0.69 -13.04 30.98
N ILE B 198 -1.61 -12.14 30.63
CA ILE B 198 -1.75 -11.67 29.26
C ILE B 198 -2.09 -10.17 29.28
N ALA B 199 -1.40 -9.42 28.40
CA ALA B 199 -1.67 -8.00 28.23
C ALA B 199 -2.07 -7.74 26.76
N LEU B 200 -3.21 -7.08 26.52
CA LEU B 200 -3.62 -6.87 25.13
C LEU B 200 -4.06 -5.44 24.83
N HIS B 201 -4.05 -5.10 23.53
CA HIS B 201 -4.38 -3.78 23.05
C HIS B 201 -5.15 -3.85 21.76
N SER B 202 -6.12 -2.96 21.64
CA SER B 202 -6.52 -2.53 20.31
C SER B 202 -5.39 -1.60 19.78
N VAL B 203 -4.63 -2.13 18.83
CA VAL B 203 -3.57 -1.38 18.17
C VAL B 203 -4.13 -0.15 17.41
N SER B 204 -5.41 -0.23 17.03
CA SER B 204 -6.11 0.83 16.34
C SER B 204 -6.02 2.15 17.09
N LYS B 205 -5.67 2.09 18.38
CA LYS B 205 -5.72 3.26 19.22
C LYS B 205 -4.35 3.94 19.34
N TYR B 206 -3.82 4.10 20.55
CA TYR B 206 -2.56 4.82 20.71
C TYR B 206 -1.35 4.23 19.96
N ILE B 207 -1.26 2.90 19.97
CA ILE B 207 -0.08 2.19 19.44
C ILE B 207 0.14 2.59 18.00
N ASN B 208 -0.87 2.45 17.14
CA ASN B 208 -0.77 3.02 15.82
C ASN B 208 -0.86 4.54 15.86
N GLY B 209 -1.86 5.07 16.56
CA GLY B 209 -1.95 6.49 16.85
C GLY B 209 -2.29 7.42 15.69
N HIS B 210 -2.47 6.88 14.48
CA HIS B 210 -2.77 7.75 13.32
C HIS B 210 -4.16 7.56 12.68
N GLY B 211 -5.03 6.79 13.33
CA GLY B 211 -6.43 6.63 12.91
C GLY B 211 -6.65 5.99 11.54
N ASP B 212 -5.67 5.25 11.08
CA ASP B 212 -5.75 4.73 9.75
C ASP B 212 -5.54 3.22 9.69
N VAL B 213 -5.52 2.55 10.84
CA VAL B 213 -5.52 1.09 10.84
C VAL B 213 -6.30 0.48 11.98
N ILE B 214 -6.83 -0.70 11.73
CA ILE B 214 -7.44 -1.52 12.77
C ILE B 214 -6.60 -2.77 12.97
N GLY B 215 -6.31 -3.09 14.22
CA GLY B 215 -5.49 -4.24 14.55
C GLY B 215 -5.46 -4.49 16.04
N GLY B 216 -5.02 -5.67 16.43
CA GLY B 216 -4.93 -6.00 17.83
C GLY B 216 -3.58 -6.63 18.11
N VAL B 217 -3.19 -6.64 19.36
CA VAL B 217 -2.02 -7.39 19.75
C VAL B 217 -2.29 -7.96 21.13
N SER B 218 -1.77 -9.17 21.35
CA SER B 218 -1.82 -9.82 22.63
C SER B 218 -0.44 -10.32 23.00
N SER B 219 -0.06 -10.14 24.26
CA SER B 219 1.28 -10.51 24.77
C SER B 219 1.16 -11.36 26.02
N ALA B 220 1.93 -12.44 26.07
CA ALA B 220 1.77 -13.43 27.13
C ALA B 220 3.05 -13.57 27.93
N LYS B 221 2.90 -13.89 29.22
CA LYS B 221 4.02 -14.05 30.12
C LYS B 221 4.83 -15.33 29.77
N THR B 222 4.14 -16.42 29.41
CA THR B 222 4.85 -17.66 29.08
C THR B 222 4.87 -17.97 27.61
N ALA B 223 5.91 -18.67 27.17
CA ALA B 223 6.00 -19.22 25.81
C ALA B 223 4.87 -20.16 25.46
N GLU B 224 4.38 -20.96 26.41
CA GLU B 224 3.34 -21.92 26.13
C GLU B 224 2.00 -21.24 25.83
N ASP B 225 1.69 -20.18 26.59
CA ASP B 225 0.47 -19.42 26.37
C ASP B 225 0.49 -18.66 25.05
N ILE B 226 1.63 -18.06 24.68
CA ILE B 226 1.63 -17.33 23.41
C ILE B 226 1.53 -18.31 22.24
N ALA B 227 2.13 -19.50 22.40
CA ALA B 227 1.98 -20.57 21.40
C ALA B 227 0.53 -20.98 21.25
N THR B 228 -0.21 -21.01 22.37
CA THR B 228 -1.62 -21.42 22.35
C THR B 228 -2.45 -20.38 21.64
N ILE B 229 -2.21 -19.12 21.96
CA ILE B 229 -2.82 -17.99 21.30
C ILE B 229 -2.59 -18.01 19.78
N LYS B 230 -1.34 -18.21 19.37
CA LYS B 230 -1.05 -18.35 17.92
C LYS B 230 -1.71 -19.58 17.26
N PHE B 231 -1.88 -20.64 18.04
CA PHE B 231 -2.56 -21.82 17.53
C PHE B 231 -4.05 -21.54 17.29
N TYR B 232 -4.68 -20.82 18.21
CA TYR B 232 -6.05 -20.33 18.03
C TYR B 232 -6.14 -19.44 16.82
N ARG B 233 -5.21 -18.49 16.72
CA ARG B 233 -5.17 -17.56 15.60
C ARG B 233 -5.08 -18.27 14.24
N LYS B 234 -4.30 -19.34 14.16
CA LYS B 234 -4.16 -20.12 12.93
C LYS B 234 -5.52 -20.65 12.44
N ASP B 235 -6.39 -20.99 13.39
CA ASP B 235 -7.71 -21.58 13.10
C ASP B 235 -8.85 -20.55 13.04
N ALA B 236 -8.78 -19.51 13.86
CA ALA B 236 -9.83 -18.51 13.89
C ALA B 236 -9.62 -17.46 12.80
N GLY B 237 -8.36 -17.15 12.50
CA GLY B 237 -8.00 -16.41 11.29
C GLY B 237 -8.13 -14.90 11.31
N SER B 238 -8.01 -14.32 12.50
CA SER B 238 -7.93 -12.86 12.60
C SER B 238 -6.48 -12.42 12.48
N LEU B 239 -6.06 -12.10 11.26
CA LEU B 239 -4.66 -11.78 10.96
C LEU B 239 -4.49 -10.27 10.83
N MET B 240 -3.32 -9.76 11.24
CA MET B 240 -2.91 -8.43 10.83
C MET B 240 -2.35 -8.50 9.39
N ALA B 241 -2.84 -7.66 8.49
CA ALA B 241 -2.29 -7.65 7.11
C ALA B 241 -0.85 -7.11 7.11
N PRO B 242 -0.02 -7.52 6.14
CA PRO B 242 1.34 -7.01 6.11
C PRO B 242 1.42 -5.48 5.98
N MET B 243 0.55 -4.87 5.16
CA MET B 243 0.55 -3.42 5.05
C MET B 243 0.19 -2.73 6.38
N ASP B 244 -0.78 -3.29 7.11
CA ASP B 244 -1.20 -2.71 8.37
C ASP B 244 -0.07 -2.86 9.41
N ALA B 245 0.64 -3.98 9.37
CA ALA B 245 1.77 -4.20 10.29
C ALA B 245 2.83 -3.15 10.01
N PHE B 246 3.07 -2.88 8.73
CA PHE B 246 4.03 -1.86 8.36
C PHE B 246 3.60 -0.50 8.92
N LEU B 247 2.33 -0.15 8.78
CA LEU B 247 1.83 1.11 9.36
C LEU B 247 1.84 1.15 10.88
N CYS B 248 1.61 0.02 11.56
CA CYS B 248 1.60 0.04 13.04
C CYS B 248 3.01 0.17 13.60
N ALA B 249 3.96 -0.55 12.98
CA ALA B 249 5.37 -0.46 13.39
C ALA B 249 5.82 0.99 13.20
N ARG B 250 5.39 1.58 12.09
CA ARG B 250 5.80 2.93 11.73
C ARG B 250 5.19 3.92 12.73
N GLY B 251 3.89 3.77 12.98
CA GLY B 251 3.22 4.57 14.01
C GLY B 251 3.89 4.43 15.36
N MET B 252 4.33 3.22 15.68
CA MET B 252 4.85 2.94 17.00
C MET B 252 6.21 3.58 17.22
N LYS B 253 6.90 3.88 16.13
CA LYS B 253 8.15 4.60 16.20
C LYS B 253 8.00 5.92 16.99
N THR B 254 6.83 6.54 16.99
CA THR B 254 6.68 7.76 17.77
C THR B 254 5.79 7.60 18.99
N LEU B 255 5.47 6.38 19.38
CA LEU B 255 4.59 6.17 20.52
C LEU B 255 5.06 6.89 21.82
N PRO B 256 6.34 6.77 22.18
CA PRO B 256 6.67 7.42 23.47
C PRO B 256 6.46 8.94 23.51
N ILE B 257 6.96 9.66 22.51
CA ILE B 257 6.70 11.11 22.46
C ILE B 257 5.20 11.43 22.29
N ARG B 258 4.47 10.66 21.47
CA ARG B 258 3.02 10.88 21.37
C ARG B 258 2.33 10.69 22.72
N MET B 259 2.66 9.62 23.45
CA MET B 259 2.02 9.39 24.74
C MET B 259 2.28 10.51 25.73
N GLN B 260 3.49 11.03 25.74
CA GLN B 260 3.90 12.11 26.66
C GLN B 260 2.99 13.33 26.44
N ILE B 261 2.78 13.70 25.19
CA ILE B 261 1.90 14.80 24.85
C ILE B 261 0.43 14.48 25.16
N HIS B 262 -0.02 13.27 24.80
CA HIS B 262 -1.39 12.83 25.10
C HIS B 262 -1.64 12.97 26.61
N MET B 263 -0.73 12.42 27.40
CA MET B 263 -0.88 12.53 28.84
C MET B 263 -1.02 13.98 29.32
N GLU B 264 -0.05 14.82 28.95
CA GLU B 264 -0.01 16.16 29.54
C GLU B 264 -1.20 16.94 29.00
N ASN B 265 -1.46 16.83 27.70
CA ASN B 265 -2.68 17.41 27.12
C ASN B 265 -3.99 16.98 27.78
N GLY B 266 -4.22 15.67 27.89
CA GLY B 266 -5.41 15.16 28.57
C GLY B 266 -5.61 15.71 29.98
N LEU B 267 -4.55 15.81 30.77
CA LEU B 267 -4.66 16.30 32.14
C LEU B 267 -5.07 17.75 32.22
N LYS B 268 -4.52 18.55 31.30
CA LYS B 268 -4.82 19.97 31.27
C LYS B 268 -6.29 20.20 30.89
N VAL B 269 -6.78 19.43 29.92
CA VAL B 269 -8.19 19.51 29.49
C VAL B 269 -9.16 19.00 30.58
N ALA B 270 -8.78 17.94 31.27
CA ALA B 270 -9.59 17.42 32.37
C ALA B 270 -9.78 18.47 33.48
N LYS B 271 -8.68 19.12 33.86
CA LYS B 271 -8.69 20.18 34.88
C LYS B 271 -9.47 21.40 34.45
N PHE B 272 -9.30 21.82 33.20
CA PHE B 272 -10.14 22.89 32.68
C PHE B 272 -11.62 22.55 32.81
N LEU B 273 -12.00 21.35 32.41
CA LEU B 273 -13.39 20.93 32.57
C LEU B 273 -13.78 20.78 34.03
N GLU B 274 -12.87 20.33 34.89
CA GLU B 274 -13.25 20.12 36.28
C GLU B 274 -13.63 21.41 36.99
N GLN B 275 -13.10 22.54 36.54
CA GLN B 275 -13.45 23.84 37.15
C GLN B 275 -14.42 24.70 36.32
N HIS B 276 -14.93 24.16 35.21
CA HIS B 276 -15.97 24.85 34.44
C HIS B 276 -17.33 24.64 35.10
N GLU B 277 -18.13 25.70 35.19
CA GLU B 277 -19.44 25.64 35.87
C GLU B 277 -20.48 24.78 35.14
N LYS B 278 -20.31 24.55 33.84
CA LYS B 278 -21.23 23.65 33.10
C LYS B 278 -21.00 22.14 33.30
N ILE B 279 -19.98 21.79 34.09
CA ILE B 279 -19.54 20.39 34.21
C ILE B 279 -19.72 19.81 35.62
N VAL B 280 -20.56 18.80 35.71
CA VAL B 280 -20.89 18.15 36.98
C VAL B 280 -19.69 17.38 37.55
N LYS B 281 -19.04 16.56 36.74
CA LYS B 281 -17.80 15.86 37.15
C LYS B 281 -16.94 15.42 35.95
N VAL B 282 -15.66 15.19 36.25
CA VAL B 282 -14.73 14.71 35.26
C VAL B 282 -14.12 13.43 35.81
N ASN B 283 -14.14 12.40 34.98
CA ASN B 283 -13.60 11.09 35.31
C ASN B 283 -12.26 10.92 34.59
N HIS B 284 -11.19 11.33 35.25
CA HIS B 284 -9.86 11.16 34.72
C HIS B 284 -9.06 10.54 35.85
N PRO B 285 -8.42 9.38 35.59
CA PRO B 285 -7.74 8.66 36.67
C PRO B 285 -6.55 9.43 37.21
N GLY B 286 -6.19 10.54 36.55
CA GLY B 286 -5.09 11.37 36.98
C GLY B 286 -5.48 12.59 37.79
N LEU B 287 -6.77 12.71 38.10
CA LEU B 287 -7.29 13.79 38.96
C LEU B 287 -7.33 13.35 40.41
N GLU B 288 -6.94 14.25 41.30
CA GLU B 288 -6.89 13.98 42.73
C GLU B 288 -8.28 13.60 43.27
N SER B 289 -9.32 14.14 42.65
CA SER B 289 -10.71 13.92 43.04
C SER B 289 -11.28 12.57 42.55
N PHE B 290 -10.52 11.84 41.74
CA PHE B 290 -11.04 10.60 41.17
C PHE B 290 -10.87 9.37 42.07
N PRO B 291 -11.96 8.62 42.31
CA PRO B 291 -11.96 7.44 43.18
C PRO B 291 -10.75 6.48 43.11
N GLY B 292 -10.39 5.94 41.96
CA GLY B 292 -9.23 5.06 41.98
C GLY B 292 -7.88 5.72 41.73
N HIS B 293 -7.72 6.98 42.14
CA HIS B 293 -6.54 7.71 41.74
C HIS B 293 -5.26 7.13 42.33
N ASP B 294 -5.34 6.71 43.61
CA ASP B 294 -4.18 6.19 44.35
C ASP B 294 -3.63 4.89 43.79
N ILE B 295 -4.52 3.98 43.39
CA ILE B 295 -4.13 2.72 42.80
C ILE B 295 -3.48 2.97 41.42
N ALA B 296 -4.13 3.84 40.65
CA ALA B 296 -3.63 4.25 39.34
C ALA B 296 -2.25 4.92 39.36
N LYS B 297 -2.02 5.88 40.25
CA LYS B 297 -0.68 6.48 40.41
C LYS B 297 0.41 5.45 40.72
N LYS B 298 0.06 4.44 41.52
CA LYS B 298 0.97 3.36 41.91
C LYS B 298 1.23 2.35 40.80
N GLN B 299 0.19 1.93 40.08
CA GLN B 299 0.34 0.84 39.11
C GLN B 299 0.75 1.25 37.70
N MET B 300 0.53 2.52 37.39
CA MET B 300 0.83 3.03 36.08
C MET B 300 1.96 4.04 36.20
N THR B 301 2.60 4.33 35.07
CA THR B 301 3.66 5.32 35.02
C THR B 301 3.23 6.55 34.22
N GLY B 302 1.97 6.58 33.82
CA GLY B 302 1.38 7.78 33.21
C GLY B 302 -0.07 7.47 32.91
N TYR B 303 -0.77 8.38 32.23
CA TYR B 303 -2.18 8.16 31.91
C TYR B 303 -2.43 8.37 30.44
N GLY B 304 -3.41 7.64 29.89
CA GLY B 304 -3.94 7.90 28.54
C GLY B 304 -4.69 9.23 28.57
N SER B 305 -5.22 9.65 27.42
CA SER B 305 -5.89 10.96 27.33
C SER B 305 -7.35 10.84 26.91
N THR B 306 -7.93 9.67 27.15
CA THR B 306 -9.35 9.44 26.93
C THR B 306 -10.07 9.35 28.28
N PHE B 307 -11.12 10.13 28.44
CA PHE B 307 -11.84 10.15 29.69
C PHE B 307 -13.24 10.69 29.49
N LEU B 308 -14.05 10.56 30.52
CA LEU B 308 -15.48 10.85 30.50
C LEU B 308 -15.77 12.06 31.38
N PHE B 309 -16.70 12.91 30.96
CA PHE B 309 -17.20 13.96 31.86
C PHE B 309 -18.71 14.06 31.75
N GLU B 310 -19.33 14.64 32.78
CA GLU B 310 -20.79 14.75 32.93
C GLU B 310 -21.33 16.18 32.67
N MET B 311 -22.28 16.28 31.75
CA MET B 311 -22.99 17.54 31.49
C MET B 311 -24.27 17.56 32.31
N LYS B 312 -24.90 18.72 32.41
CA LYS B 312 -26.14 18.91 33.20
C LYS B 312 -27.38 18.25 32.59
N SER B 313 -27.40 18.10 31.25
CA SER B 313 -28.51 17.42 30.55
C SER B 313 -28.06 16.82 29.19
N PHE B 314 -28.93 15.99 28.61
CA PHE B 314 -28.72 15.43 27.27
C PHE B 314 -28.62 16.53 26.24
N GLU B 315 -29.49 17.53 26.41
CA GLU B 315 -29.53 18.70 25.53
C GLU B 315 -28.24 19.53 25.53
N ALA B 316 -27.65 19.72 26.72
CA ALA B 316 -26.34 20.38 26.85
C ALA B 316 -25.21 19.52 26.28
N ALA B 317 -25.20 18.24 26.60
CA ALA B 317 -24.22 17.32 26.01
C ALA B 317 -24.25 17.37 24.49
N LYS B 318 -25.45 17.29 23.91
CA LYS B 318 -25.63 17.36 22.47
C LYS B 318 -25.16 18.72 21.92
N LYS B 319 -25.51 19.80 22.61
CA LYS B 319 -25.13 21.15 22.17
C LYS B 319 -23.62 21.29 22.10
N LEU B 320 -22.93 20.76 23.12
CA LEU B 320 -21.48 20.79 23.17
C LEU B 320 -20.84 20.00 22.03
N MET B 321 -21.28 18.75 21.84
CA MET B 321 -20.64 17.85 20.87
C MET B 321 -20.81 18.34 19.44
N GLU B 322 -21.86 19.13 19.20
CA GLU B 322 -22.25 19.51 17.84
C GLU B 322 -21.85 20.94 17.44
N HIS B 323 -21.12 21.64 18.30
CA HIS B 323 -20.63 23.01 17.99
C HIS B 323 -19.12 23.16 18.23
N LEU B 324 -18.42 22.03 18.21
CA LEU B 324 -16.97 22.03 18.30
C LEU B 324 -16.41 22.13 16.89
N LYS B 325 -15.36 22.93 16.73
CA LYS B 325 -14.76 23.15 15.41
C LYS B 325 -13.47 22.35 15.20
N VAL B 326 -12.79 22.00 16.29
CA VAL B 326 -11.50 21.31 16.21
C VAL B 326 -11.66 19.82 16.53
N CYS B 327 -12.21 19.52 17.70
CA CYS B 327 -12.59 18.16 18.07
C CYS B 327 -13.56 17.59 17.01
N THR B 328 -13.41 16.31 16.67
CA THR B 328 -14.24 15.66 15.66
C THR B 328 -15.23 14.70 16.31
N LEU B 329 -16.50 14.83 15.95
CA LEU B 329 -17.51 13.88 16.43
C LEU B 329 -17.33 12.51 15.74
N ALA B 330 -16.82 11.54 16.49
CA ALA B 330 -16.49 10.22 15.95
C ALA B 330 -16.18 9.21 17.04
N VAL B 331 -16.44 7.92 16.79
CA VAL B 331 -15.99 6.87 17.71
C VAL B 331 -14.49 6.60 17.52
N SER B 332 -13.92 5.81 18.43
CA SER B 332 -12.50 5.48 18.48
C SER B 332 -11.76 6.46 19.36
N LEU B 333 -10.48 6.22 19.52
CA LEU B 333 -9.68 7.03 20.43
C LEU B 333 -8.22 6.82 20.13
N GLY B 334 -7.39 7.61 20.80
CA GLY B 334 -5.95 7.47 20.72
C GLY B 334 -5.35 7.93 19.41
N CYS B 335 -6.09 8.74 18.65
CA CYS B 335 -5.57 9.33 17.42
CA CYS B 335 -5.58 9.33 17.42
C CYS B 335 -4.75 10.58 17.73
N VAL B 336 -3.99 11.06 16.75
CA VAL B 336 -3.21 12.29 16.91
C VAL B 336 -4.11 13.50 17.07
N ASP B 337 -5.29 13.43 16.48
CA ASP B 337 -6.24 14.53 16.62
C ASP B 337 -7.35 14.17 17.65
N THR B 338 -7.94 15.22 18.22
CA THR B 338 -8.98 15.06 19.25
C THR B 338 -10.35 14.53 18.75
N LEU B 339 -10.84 13.50 19.45
CA LEU B 339 -12.10 12.84 19.14
C LEU B 339 -13.12 12.98 20.30
N ILE B 340 -14.40 12.97 19.97
CA ILE B 340 -15.45 13.11 20.97
C ILE B 340 -16.67 12.28 20.57
N GLU B 341 -17.34 11.69 21.54
CA GLU B 341 -18.33 10.64 21.33
C GLU B 341 -19.36 10.68 22.44
N HIS B 342 -20.56 10.15 22.15
CA HIS B 342 -21.63 10.03 23.17
C HIS B 342 -21.88 8.54 23.43
N PRO B 343 -21.24 7.97 24.47
CA PRO B 343 -21.26 6.51 24.72
C PRO B 343 -22.65 5.89 24.83
N ALA B 344 -23.57 6.56 25.52
CA ALA B 344 -24.92 6.03 25.71
C ALA B 344 -25.60 5.63 24.39
N SER B 345 -25.39 6.42 23.34
CA SER B 345 -26.05 6.17 22.04
C SER B 345 -25.08 5.70 20.93
N MET B 346 -23.81 5.54 21.26
CA MET B 346 -22.79 5.11 20.29
C MET B 346 -22.06 3.83 20.72
N THR B 347 -20.85 3.96 21.29
CA THR B 347 -20.00 2.80 21.56
C THR B 347 -20.63 1.78 22.50
N HIS B 348 -21.53 2.23 23.37
CA HIS B 348 -22.18 1.38 24.36
C HIS B 348 -23.69 1.35 24.19
N ALA B 349 -24.17 1.70 22.99
CA ALA B 349 -25.63 1.74 22.72
C ALA B 349 -26.26 0.37 22.81
N ALA B 350 -25.51 -0.66 22.40
CA ALA B 350 -26.00 -2.06 22.36
C ALA B 350 -25.97 -2.82 23.73
N VAL B 351 -25.27 -2.30 24.74
CA VAL B 351 -25.25 -2.99 26.02
C VAL B 351 -26.60 -2.95 26.76
N PRO B 352 -27.07 -4.14 27.25
CA PRO B 352 -28.38 -4.30 27.94
C PRO B 352 -28.56 -3.34 29.13
N GLU B 353 -29.76 -2.76 29.26
CA GLU B 353 -30.09 -1.84 30.38
C GLU B 353 -29.38 -2.26 31.65
N ASN B 354 -29.79 -3.43 32.15
CA ASN B 354 -29.06 -4.26 33.12
C ASN B 354 -27.58 -3.84 33.34
N ILE B 355 -26.73 -4.10 32.36
CA ILE B 355 -25.30 -3.82 32.44
C ILE B 355 -24.97 -2.32 32.35
N MET B 356 -25.77 -1.55 31.61
CA MET B 356 -25.58 -0.09 31.53
C MET B 356 -25.83 0.63 32.85
N ARG B 357 -26.86 0.19 33.60
CA ARG B 357 -27.13 0.69 34.95
C ARG B 357 -25.89 0.49 35.82
N LYS B 358 -25.40 -0.75 35.86
CA LYS B 358 -24.24 -1.12 36.66
C LYS B 358 -22.93 -0.44 36.21
N GLN B 359 -22.87 -0.01 34.95
CA GLN B 359 -21.70 0.71 34.44
C GLN B 359 -21.73 2.21 34.74
N GLY B 360 -22.92 2.71 35.10
CA GLY B 360 -23.15 4.13 35.32
C GLY B 360 -23.12 5.01 34.08
N ILE B 361 -23.62 4.50 32.96
CA ILE B 361 -23.61 5.26 31.71
C ILE B 361 -24.98 5.85 31.49
N THR B 362 -25.04 7.13 31.19
CA THR B 362 -26.31 7.86 31.09
C THR B 362 -26.24 8.83 29.91
N PRO B 363 -27.41 9.31 29.43
CA PRO B 363 -27.40 10.24 28.28
C PRO B 363 -26.61 11.54 28.49
N GLU B 364 -26.15 11.79 29.72
CA GLU B 364 -25.44 13.04 30.04
C GLU B 364 -23.90 12.96 29.97
N LEU B 365 -23.35 11.76 29.79
CA LEU B 365 -21.90 11.57 29.73
C LEU B 365 -21.36 11.79 28.32
N VAL B 366 -20.21 12.46 28.24
CA VAL B 366 -19.51 12.69 26.98
C VAL B 366 -18.07 12.22 27.15
N ARG B 367 -17.58 11.45 26.17
CA ARG B 367 -16.22 10.94 26.21
C ARG B 367 -15.36 11.70 25.21
N ILE B 368 -14.25 12.24 25.68
CA ILE B 368 -13.28 12.92 24.83
C ILE B 368 -11.97 12.14 24.81
N SER B 369 -11.34 12.10 23.63
CA SER B 369 -10.01 11.52 23.42
C SER B 369 -9.10 12.63 22.93
N VAL B 370 -8.27 13.14 23.84
CA VAL B 370 -7.51 14.38 23.57
C VAL B 370 -6.26 14.05 22.79
N GLY B 371 -6.09 14.77 21.69
CA GLY B 371 -5.00 14.50 20.76
C GLY B 371 -3.73 15.27 21.12
N ILE B 372 -2.81 15.29 20.17
CA ILE B 372 -1.55 15.96 20.38
C ILE B 372 -1.50 17.39 19.81
N GLU B 373 -2.67 17.96 19.48
CA GLU B 373 -2.77 19.40 19.14
C GLU B 373 -2.29 20.22 20.33
N ASN B 374 -1.94 21.48 20.09
CA ASN B 374 -1.66 22.43 21.15
C ASN B 374 -2.90 22.45 22.04
N VAL B 375 -2.72 22.16 23.34
CA VAL B 375 -3.85 22.13 24.28
C VAL B 375 -4.68 23.41 24.25
N ASP B 376 -4.00 24.55 24.10
CA ASP B 376 -4.68 25.85 24.13
C ASP B 376 -5.75 25.91 23.06
N ASP B 377 -5.49 25.28 21.90
CA ASP B 377 -6.50 25.19 20.84
C ASP B 377 -7.69 24.30 21.17
N ILE B 378 -7.46 23.26 21.97
CA ILE B 378 -8.52 22.32 22.34
C ILE B 378 -9.38 22.93 23.44
N ILE B 379 -8.73 23.62 24.37
CA ILE B 379 -9.45 24.29 25.42
C ILE B 379 -10.29 25.44 24.84
N ALA B 380 -9.72 26.19 23.90
CA ALA B 380 -10.43 27.29 23.23
C ALA B 380 -11.67 26.80 22.48
N ASP B 381 -11.53 25.65 21.82
CA ASP B 381 -12.67 25.02 21.13
C ASP B 381 -13.76 24.63 22.15
N LEU B 382 -13.36 23.91 23.19
CA LEU B 382 -14.27 23.54 24.27
C LEU B 382 -14.93 24.76 24.88
N LYS B 383 -14.11 25.72 25.30
CA LYS B 383 -14.61 26.96 25.93
C LYS B 383 -15.67 27.68 25.07
N GLN B 384 -15.39 27.79 23.77
CA GLN B 384 -16.28 28.49 22.84
C GLN B 384 -17.64 27.79 22.72
N ALA B 385 -17.64 26.46 22.77
CA ALA B 385 -18.88 25.69 22.66
C ALA B 385 -19.72 25.79 23.93
N LEU B 386 -19.05 25.80 25.08
CA LEU B 386 -19.72 25.92 26.37
C LEU B 386 -20.32 27.30 26.66
N GLU B 387 -20.18 28.24 25.72
CA GLU B 387 -20.68 29.59 25.93
C GLU B 387 -21.93 29.97 25.12
N LEU B 388 -22.34 29.11 24.18
CA LEU B 388 -23.56 29.33 23.39
C LEU B 388 -24.81 29.59 24.24
N ALA C 3 -28.47 -11.54 -21.27
CA ALA C 3 -27.81 -11.66 -19.93
C ALA C 3 -26.33 -11.26 -19.99
N GLN C 4 -26.00 -10.19 -19.27
CA GLN C 4 -24.64 -9.65 -19.24
C GLN C 4 -23.68 -10.67 -18.65
N ASP C 5 -22.58 -10.91 -19.35
CA ASP C 5 -21.54 -11.84 -18.92
C ASP C 5 -20.89 -11.49 -17.58
N ILE C 6 -20.49 -12.54 -16.84
CA ILE C 6 -19.75 -12.35 -15.58
C ILE C 6 -18.48 -11.45 -15.71
N THR C 7 -17.80 -11.55 -16.84
CA THR C 7 -16.64 -10.74 -17.09
C THR C 7 -16.99 -9.25 -17.03
N THR C 8 -18.09 -8.87 -17.68
CA THR C 8 -18.58 -7.50 -17.67
C THR C 8 -19.04 -7.04 -16.28
N THR C 9 -19.83 -7.87 -15.62
CA THR C 9 -20.36 -7.63 -14.27
C THR C 9 -19.24 -7.32 -13.26
N LEU C 10 -18.18 -8.12 -13.27
CA LEU C 10 -17.03 -7.87 -12.35
C LEU C 10 -16.27 -6.59 -12.69
N LEU C 11 -16.26 -6.22 -13.96
CA LEU C 11 -15.58 -4.99 -14.37
C LEU C 11 -16.45 -3.75 -14.13
N HIS C 12 -17.75 -3.96 -13.92
CA HIS C 12 -18.73 -2.87 -13.75
C HIS C 12 -19.60 -3.06 -12.51
N PRO C 13 -19.00 -3.05 -11.34
CA PRO C 13 -19.75 -3.31 -10.12
C PRO C 13 -20.69 -2.15 -9.76
N LYS C 14 -21.81 -2.45 -9.11
CA LYS C 14 -22.73 -1.39 -8.65
C LYS C 14 -22.08 -0.47 -7.61
N GLY C 15 -22.62 0.72 -7.48
CA GLY C 15 -22.16 1.66 -6.46
C GLY C 15 -21.68 2.93 -7.11
N ASP C 16 -21.85 4.06 -6.44
CA ASP C 16 -21.34 5.33 -6.94
C ASP C 16 -19.82 5.42 -6.88
N HIS C 17 -19.25 6.14 -7.84
CA HIS C 17 -17.85 6.51 -7.79
C HIS C 17 -17.59 7.51 -6.66
N VAL C 18 -16.38 7.46 -6.13
CA VAL C 18 -15.98 8.35 -5.06
C VAL C 18 -15.10 9.46 -5.61
N LEU C 19 -15.58 10.71 -5.49
CA LEU C 19 -14.91 11.85 -6.09
C LEU C 19 -14.58 11.59 -7.59
N HIS C 20 -15.49 10.93 -8.30
CA HIS C 20 -15.34 10.61 -9.71
C HIS C 20 -14.13 9.71 -10.03
N SER C 21 -13.46 9.18 -9.00
CA SER C 21 -12.33 8.27 -9.21
C SER C 21 -12.78 7.04 -9.96
N HIS C 22 -12.04 6.69 -11.01
CA HIS C 22 -12.32 5.49 -11.78
C HIS C 22 -11.98 4.18 -11.01
N ALA C 23 -10.81 4.12 -10.39
CA ALA C 23 -10.52 3.03 -9.48
C ALA C 23 -11.15 3.42 -8.14
N TYR C 24 -11.67 2.43 -7.43
CA TYR C 24 -12.25 2.64 -6.13
C TYR C 24 -11.14 2.95 -5.11
N PRO C 25 -11.21 4.10 -4.40
CA PRO C 25 -10.15 4.47 -3.45
C PRO C 25 -9.97 3.46 -2.33
N ILE C 26 -8.79 3.50 -1.72
CA ILE C 26 -8.45 2.68 -0.56
C ILE C 26 -8.76 3.53 0.68
N PHE C 27 -9.75 3.06 1.45
CA PHE C 27 -10.17 3.76 2.64
C PHE C 27 -9.39 3.25 3.86
N GLN C 28 -8.12 3.61 3.90
CA GLN C 28 -7.20 3.27 4.95
C GLN C 28 -7.51 4.20 6.11
N THR C 29 -8.59 3.87 6.81
CA THR C 29 -9.06 4.65 7.93
C THR C 29 -9.63 3.68 8.95
N SER C 30 -9.64 4.10 10.21
CA SER C 30 -10.27 3.30 11.21
C SER C 30 -11.69 3.84 11.46
N THR C 31 -11.79 5.15 11.71
CA THR C 31 -13.07 5.74 12.05
C THR C 31 -13.63 6.68 10.96
N PHE C 32 -14.88 7.10 11.16
CA PHE C 32 -15.61 7.97 10.24
C PHE C 32 -16.32 9.03 11.04
N CYS C 33 -16.44 10.22 10.47
CA CYS C 33 -17.04 11.40 11.14
C CYS C 33 -18.59 11.40 11.09
N PHE C 34 -19.22 11.93 12.14
CA PHE C 34 -20.68 12.06 12.18
C PHE C 34 -21.06 13.51 11.95
N ASP C 35 -22.18 13.74 11.26
CA ASP C 35 -22.72 15.08 11.04
C ASP C 35 -23.25 15.70 12.30
N SER C 36 -23.80 14.86 13.19
CA SER C 36 -24.49 15.29 14.40
C SER C 36 -24.60 14.07 15.28
N THR C 37 -24.98 14.25 16.55
CA THR C 37 -25.14 13.11 17.44
C THR C 37 -26.30 12.20 17.02
N GLN C 38 -27.41 12.78 16.56
CA GLN C 38 -28.53 12.00 16.01
C GLN C 38 -28.13 11.14 14.80
N GLN C 39 -27.39 11.73 13.86
CA GLN C 39 -26.98 11.00 12.66
C GLN C 39 -26.09 9.79 13.00
N GLY C 40 -25.16 9.95 13.97
CA GLY C 40 -24.35 8.84 14.51
C GLY C 40 -25.18 7.83 15.32
N ALA C 41 -25.97 8.31 16.28
CA ALA C 41 -26.92 7.45 16.98
C ALA C 41 -27.71 6.59 16.01
N ASP C 42 -28.28 7.23 14.98
CA ASP C 42 -29.05 6.53 13.94
C ASP C 42 -28.27 5.39 13.30
N LEU C 43 -27.00 5.64 12.96
CA LEU C 43 -26.17 4.64 12.27
C LEU C 43 -25.93 3.44 13.15
N PHE C 44 -25.78 3.67 14.47
CA PHE C 44 -25.70 2.55 15.40
C PHE C 44 -26.99 1.71 15.50
N MET C 45 -28.15 2.33 15.30
CA MET C 45 -29.44 1.62 15.23
C MET C 45 -29.70 0.95 13.87
N GLY C 46 -28.84 1.22 12.89
CA GLY C 46 -29.07 0.73 11.52
C GLY C 46 -30.01 1.55 10.63
N LYS C 47 -30.33 2.79 10.99
CA LYS C 47 -31.07 3.67 10.08
C LYS C 47 -30.17 4.73 9.41
N GLY C 48 -30.38 4.94 8.11
CA GLY C 48 -29.62 5.91 7.37
C GLY C 48 -28.49 5.24 6.64
N GLU C 49 -27.91 5.97 5.69
CA GLU C 49 -26.80 5.49 4.90
C GLU C 49 -25.53 6.07 5.48
N GLY C 50 -24.47 5.28 5.49
CA GLY C 50 -23.20 5.76 6.01
C GLY C 50 -22.35 4.78 6.79
N HIS C 51 -21.22 5.28 7.29
CA HIS C 51 -20.20 4.44 7.93
C HIS C 51 -19.86 4.94 9.34
N ILE C 52 -19.35 4.04 10.16
CA ILE C 52 -19.08 4.33 11.57
C ILE C 52 -17.61 4.08 11.90
N TYR C 53 -17.13 2.89 11.51
CA TYR C 53 -15.85 2.34 11.98
C TYR C 53 -15.57 1.14 11.11
N SER C 54 -14.31 0.96 10.69
CA SER C 54 -13.94 -0.04 9.67
C SER C 54 -14.21 -1.50 10.06
N ARG C 55 -14.15 -1.82 11.36
CA ARG C 55 -14.61 -3.15 11.81
C ARG C 55 -16.11 -3.43 11.48
N LEU C 56 -16.94 -2.39 11.51
CA LEU C 56 -18.36 -2.55 11.27
C LEU C 56 -18.62 -2.51 9.74
N GLY C 57 -17.81 -1.72 9.03
CA GLY C 57 -17.93 -1.60 7.59
C GLY C 57 -16.98 -0.55 7.02
N ASN C 58 -16.26 -0.93 5.97
CA ASN C 58 -15.31 -0.08 5.34
C ASN C 58 -15.70 -0.06 3.86
N PRO C 59 -15.75 1.14 3.24
CA PRO C 59 -16.17 1.24 1.83
C PRO C 59 -15.36 0.40 0.81
N THR C 60 -14.04 0.32 0.97
CA THR C 60 -13.23 -0.46 0.03
C THR C 60 -13.55 -1.98 0.18
N VAL C 61 -13.75 -2.43 1.40
CA VAL C 61 -14.04 -3.84 1.69
C VAL C 61 -15.45 -4.18 1.15
N GLU C 62 -16.41 -3.28 1.37
CA GLU C 62 -17.77 -3.45 0.84
C GLU C 62 -17.85 -3.55 -0.69
N GLN C 63 -17.03 -2.79 -1.41
CA GLN C 63 -16.89 -2.98 -2.85
C GLN C 63 -16.46 -4.40 -3.25
N PHE C 64 -15.49 -4.95 -2.52
CA PHE C 64 -15.06 -6.32 -2.78
C PHE C 64 -16.20 -7.27 -2.46
N GLU C 65 -16.87 -7.05 -1.33
CA GLU C 65 -18.04 -7.88 -0.96
C GLU C 65 -19.15 -7.90 -2.04
N GLU C 66 -19.46 -6.77 -2.67
CA GLU C 66 -20.48 -6.69 -3.70
C GLU C 66 -20.06 -7.44 -4.96
N MET C 67 -18.78 -7.44 -5.30
CA MET C 67 -18.34 -8.23 -6.45
C MET C 67 -18.60 -9.72 -6.20
N VAL C 68 -18.21 -10.19 -5.02
CA VAL C 68 -18.39 -11.60 -4.69
C VAL C 68 -19.87 -11.94 -4.65
N CYS C 69 -20.66 -11.12 -3.98
CA CYS C 69 -22.10 -11.30 -3.89
C CYS C 69 -22.74 -11.40 -5.27
N SER C 70 -22.28 -10.58 -6.21
CA SER C 70 -22.73 -10.65 -7.60
C SER C 70 -22.39 -11.96 -8.37
N ILE C 71 -21.24 -12.63 -8.18
CA ILE C 71 -21.01 -13.90 -8.91
C ILE C 71 -21.72 -15.06 -8.18
N GLU C 72 -21.76 -15.03 -6.85
CA GLU C 72 -22.37 -16.09 -6.03
C GLU C 72 -23.91 -16.16 -6.13
N GLY C 73 -24.55 -15.00 -6.33
CA GLY C 73 -26.00 -14.90 -6.40
C GLY C 73 -26.56 -14.83 -4.99
N ALA C 74 -25.82 -14.20 -4.09
CA ALA C 74 -26.13 -14.26 -2.66
C ALA C 74 -27.02 -13.10 -2.25
N ALA C 75 -27.49 -13.10 -1.02
CA ALA C 75 -28.18 -11.91 -0.47
C ALA C 75 -27.13 -10.93 0.08
N GLY C 76 -25.92 -11.42 0.38
CA GLY C 76 -24.81 -10.54 0.84
C GLY C 76 -23.55 -11.34 1.10
N SER C 77 -22.40 -10.68 1.15
CA SER C 77 -21.14 -11.33 1.39
C SER C 77 -20.40 -10.63 2.48
N ALA C 78 -19.50 -11.35 3.15
CA ALA C 78 -18.70 -10.74 4.18
C ALA C 78 -17.25 -11.17 3.97
N ALA C 79 -16.35 -10.19 3.95
CA ALA C 79 -14.91 -10.42 3.78
C ALA C 79 -14.22 -10.59 5.12
N PHE C 80 -13.16 -11.39 5.17
CA PHE C 80 -12.42 -11.69 6.40
C PHE C 80 -10.90 -11.60 6.16
N GLY C 81 -10.11 -11.61 7.23
CA GLY C 81 -8.64 -11.64 7.16
C GLY C 81 -8.04 -12.94 6.61
N SER C 82 -8.87 -13.98 6.44
CA SER C 82 -8.38 -15.27 5.93
C SER C 82 -9.55 -16.18 5.63
N GLY C 83 -9.35 -17.18 4.78
CA GLY C 83 -10.30 -18.31 4.64
C GLY C 83 -10.72 -18.89 5.99
N MET C 84 -9.75 -19.10 6.88
CA MET C 84 -10.06 -19.65 8.16
C MET C 84 -11.01 -18.71 8.95
N GLY C 85 -10.84 -17.39 8.80
CA GLY C 85 -11.77 -16.44 9.38
C GLY C 85 -13.16 -16.60 8.76
N ALA C 86 -13.22 -16.89 7.46
CA ALA C 86 -14.54 -17.10 6.83
C ALA C 86 -15.18 -18.38 7.34
N ILE C 87 -14.37 -19.43 7.54
CA ILE C 87 -14.87 -20.74 7.96
C ILE C 87 -15.37 -20.71 9.41
N SER C 88 -14.57 -20.14 10.30
CA SER C 88 -14.96 -19.87 11.68
C SER C 88 -16.26 -19.11 11.82
N SER C 89 -16.31 -17.98 11.14
CA SER C 89 -17.49 -17.12 11.24
C SER C 89 -18.69 -17.75 10.54
N SER C 90 -18.49 -18.69 9.63
CA SER C 90 -19.63 -19.31 8.95
C SER C 90 -20.15 -20.53 9.72
N THR C 91 -19.42 -20.96 10.74
CA THR C 91 -19.83 -22.10 11.46
C THR C 91 -20.22 -21.71 12.86
N LEU C 92 -19.30 -21.05 13.58
CA LEU C 92 -19.51 -20.66 14.97
C LEU C 92 -20.48 -19.51 15.18
N ALA C 93 -20.82 -18.82 14.10
CA ALA C 93 -21.91 -17.81 14.22
C ALA C 93 -23.28 -18.50 14.41
N PHE C 94 -23.36 -19.79 14.12
CA PHE C 94 -24.65 -20.50 14.15
C PHE C 94 -24.68 -21.65 15.15
N LEU C 95 -23.60 -22.42 15.23
CA LEU C 95 -23.55 -23.59 16.07
C LEU C 95 -23.30 -23.16 17.50
N GLN C 96 -23.98 -23.80 18.44
CA GLN C 96 -23.75 -23.57 19.86
C GLN C 96 -23.73 -24.90 20.58
N LYS C 97 -23.31 -24.86 21.85
CA LYS C 97 -23.25 -26.04 22.70
C LYS C 97 -24.54 -26.87 22.52
N GLY C 98 -24.39 -28.19 22.36
CA GLY C 98 -25.55 -29.07 22.17
C GLY C 98 -25.93 -29.36 20.71
N ASP C 99 -25.43 -28.53 19.80
CA ASP C 99 -25.66 -28.70 18.36
C ASP C 99 -24.76 -29.75 17.76
N HIS C 100 -25.16 -30.27 16.61
CA HIS C 100 -24.31 -31.25 15.95
C HIS C 100 -23.96 -30.83 14.53
N LEU C 101 -22.70 -31.04 14.16
CA LEU C 101 -22.21 -30.75 12.85
C LEU C 101 -21.77 -32.04 12.15
N ILE C 102 -22.20 -32.23 10.91
CA ILE C 102 -21.62 -33.25 10.05
C ILE C 102 -20.66 -32.54 9.09
N ALA C 103 -19.39 -32.95 9.05
CA ALA C 103 -18.52 -32.38 8.03
C ALA C 103 -17.85 -33.46 7.19
N GLY C 104 -17.43 -33.10 5.97
CA GLY C 104 -16.65 -34.01 5.13
C GLY C 104 -15.42 -34.52 5.88
N ASP C 105 -15.04 -35.76 5.60
CA ASP C 105 -13.87 -36.36 6.22
C ASP C 105 -12.59 -35.96 5.50
N THR C 106 -12.70 -35.32 4.34
CA THR C 106 -11.51 -34.84 3.67
C THR C 106 -11.61 -33.37 3.56
N LEU C 107 -10.76 -32.69 4.32
CA LEU C 107 -10.83 -31.24 4.39
C LEU C 107 -9.43 -30.71 4.48
N TYR C 108 -9.29 -29.43 4.13
CA TYR C 108 -8.10 -28.65 4.40
C TYR C 108 -7.63 -28.85 5.86
N GLY C 109 -6.31 -29.02 6.05
CA GLY C 109 -5.71 -29.35 7.33
C GLY C 109 -6.23 -28.54 8.51
N CYS C 110 -6.24 -27.20 8.38
CA CYS C 110 -6.64 -26.32 9.47
C CYS C 110 -8.14 -26.32 9.71
N THR C 111 -8.94 -26.65 8.70
CA THR C 111 -10.38 -26.86 8.96
C THR C 111 -10.57 -28.08 9.86
N VAL C 112 -9.81 -29.15 9.57
CA VAL C 112 -9.79 -30.30 10.45
C VAL C 112 -9.43 -29.85 11.90
N SER C 113 -8.42 -29.01 12.03
CA SER C 113 -7.97 -28.61 13.36
C SER C 113 -9.11 -27.82 14.08
N LEU C 114 -9.82 -26.98 13.32
CA LEU C 114 -10.87 -26.12 13.85
C LEU C 114 -11.99 -26.96 14.42
N PHE C 115 -12.41 -27.94 13.61
CA PHE C 115 -13.58 -28.80 13.85
C PHE C 115 -13.30 -29.87 14.91
N THR C 116 -12.07 -30.38 14.93
CA THR C 116 -11.74 -31.52 15.81
C THR C 116 -11.10 -31.03 17.10
N HIS C 117 -10.50 -29.84 17.09
CA HIS C 117 -9.93 -29.30 18.32
C HIS C 117 -10.77 -28.20 18.98
N TRP C 118 -11.17 -27.17 18.23
CA TRP C 118 -11.90 -26.05 18.84
C TRP C 118 -13.40 -26.30 19.07
N LEU C 119 -14.15 -26.76 18.06
CA LEU C 119 -15.60 -26.93 18.27
C LEU C 119 -15.98 -27.78 19.48
N PRO C 120 -15.38 -28.98 19.66
CA PRO C 120 -15.68 -29.80 20.84
C PRO C 120 -15.47 -29.09 22.16
N ARG C 121 -14.47 -28.21 22.21
CA ARG C 121 -14.23 -27.43 23.43
C ARG C 121 -15.42 -26.48 23.69
N PHE C 122 -16.14 -26.10 22.62
CA PHE C 122 -17.31 -25.24 22.82
C PHE C 122 -18.64 -26.02 22.96
N GLY C 123 -18.58 -27.33 23.25
CA GLY C 123 -19.78 -28.15 23.44
C GLY C 123 -20.50 -28.49 22.13
N ILE C 124 -19.84 -28.28 21.00
CA ILE C 124 -20.38 -28.69 19.71
C ILE C 124 -19.94 -30.10 19.35
N GLU C 125 -20.87 -30.94 18.90
CA GLU C 125 -20.59 -32.31 18.52
C GLU C 125 -20.27 -32.37 17.03
N VAL C 126 -19.21 -33.07 16.65
CA VAL C 126 -18.76 -33.10 15.27
C VAL C 126 -18.53 -34.54 14.79
N ASP C 127 -19.03 -34.89 13.61
CA ASP C 127 -18.63 -36.14 12.96
C ASP C 127 -18.12 -35.80 11.59
N LEU C 128 -16.98 -36.37 11.22
CA LEU C 128 -16.41 -36.24 9.89
C LEU C 128 -16.81 -37.47 9.10
N ILE C 129 -17.46 -37.28 7.96
CA ILE C 129 -18.20 -38.34 7.30
C ILE C 129 -17.79 -38.36 5.85
N ASP C 130 -17.79 -39.54 5.24
CA ASP C 130 -17.61 -39.56 3.81
C ASP C 130 -18.85 -38.98 3.12
N THR C 131 -18.77 -37.69 2.76
CA THR C 131 -19.92 -37.01 2.14
C THR C 131 -20.07 -37.30 0.66
N SER C 132 -19.23 -38.16 0.10
CA SER C 132 -19.47 -38.58 -1.28
C SER C 132 -20.62 -39.57 -1.35
N ASP C 133 -21.08 -40.06 -0.20
CA ASP C 133 -22.17 -41.01 -0.12
C ASP C 133 -23.30 -40.33 0.68
N VAL C 134 -24.38 -39.96 0.00
CA VAL C 134 -25.50 -39.32 0.70
C VAL C 134 -26.11 -40.22 1.78
N GLU C 135 -26.07 -41.53 1.58
CA GLU C 135 -26.52 -42.50 2.59
C GLU C 135 -25.71 -42.48 3.90
N LYS C 136 -24.43 -42.18 3.79
CA LYS C 136 -23.60 -42.07 4.98
C LYS C 136 -23.91 -40.78 5.75
N VAL C 137 -24.31 -39.75 5.03
CA VAL C 137 -24.70 -38.48 5.64
C VAL C 137 -26.02 -38.68 6.41
N LYS C 138 -26.94 -39.40 5.79
CA LYS C 138 -28.24 -39.66 6.40
C LYS C 138 -28.08 -40.54 7.62
N ALA C 139 -27.18 -41.52 7.55
CA ALA C 139 -26.97 -42.40 8.68
C ALA C 139 -26.33 -41.70 9.88
N ALA C 140 -25.61 -40.60 9.65
CA ALA C 140 -24.93 -39.88 10.73
C ALA C 140 -25.81 -38.77 11.35
N TRP C 141 -27.01 -38.59 10.79
CA TRP C 141 -27.92 -37.51 11.17
C TRP C 141 -28.54 -37.81 12.53
N LYS C 142 -28.72 -36.76 13.34
CA LYS C 142 -29.25 -36.87 14.69
C LYS C 142 -30.29 -35.77 14.87
N PRO C 143 -31.13 -35.89 15.92
CA PRO C 143 -32.18 -34.89 16.17
C PRO C 143 -31.60 -33.52 16.28
N ASN C 144 -30.38 -33.41 16.79
CA ASN C 144 -29.74 -32.11 16.99
C ASN C 144 -28.78 -31.67 15.85
N THR C 145 -28.75 -32.37 14.70
CA THR C 145 -27.91 -31.93 13.56
C THR C 145 -28.38 -30.54 13.07
N LYS C 146 -27.50 -29.54 13.08
CA LYS C 146 -27.86 -28.15 12.68
C LYS C 146 -27.16 -27.70 11.42
N MET C 147 -26.13 -28.45 11.03
CA MET C 147 -25.25 -28.03 9.93
C MET C 147 -24.54 -29.20 9.28
N VAL C 148 -24.42 -29.13 7.96
CA VAL C 148 -23.51 -30.00 7.18
C VAL C 148 -22.52 -29.04 6.50
N TYR C 149 -21.22 -29.34 6.60
CA TYR C 149 -20.15 -28.54 6.01
C TYR C 149 -19.38 -29.39 4.99
N LEU C 150 -19.32 -28.94 3.73
CA LEU C 150 -18.68 -29.75 2.67
C LEU C 150 -17.58 -28.91 2.02
N GLU C 151 -16.54 -29.58 1.55
CA GLU C 151 -15.57 -29.02 0.63
C GLU C 151 -15.68 -29.92 -0.56
N SER C 152 -15.90 -29.40 -1.75
CA SER C 152 -15.96 -30.32 -2.90
C SER C 152 -15.53 -29.55 -4.17
N PRO C 153 -14.55 -30.08 -4.94
CA PRO C 153 -13.74 -31.24 -4.68
C PRO C 153 -12.83 -30.94 -3.49
N ALA C 154 -12.56 -31.94 -2.66
CA ALA C 154 -11.89 -31.76 -1.40
C ALA C 154 -10.39 -31.50 -1.55
N ASN C 155 -9.84 -30.78 -0.60
CA ASN C 155 -8.41 -30.55 -0.55
C ASN C 155 -7.78 -31.67 0.30
N PRO C 156 -6.80 -32.43 -0.26
CA PRO C 156 -6.17 -32.31 -1.56
C PRO C 156 -6.56 -33.39 -2.56
N THR C 157 -7.46 -34.31 -2.20
CA THR C 157 -7.69 -35.50 -3.03
C THR C 157 -8.72 -35.30 -4.14
N CYS C 158 -9.32 -34.12 -4.18
CA CYS C 158 -10.38 -33.83 -5.13
C CYS C 158 -11.65 -34.67 -5.01
N LYS C 159 -11.85 -35.31 -3.86
CA LYS C 159 -13.02 -36.13 -3.67
C LYS C 159 -14.29 -35.27 -3.87
N VAL C 160 -15.19 -35.80 -4.69
CA VAL C 160 -16.44 -35.11 -5.05
C VAL C 160 -17.61 -35.49 -4.16
N SER C 161 -18.28 -34.49 -3.57
CA SER C 161 -19.56 -34.71 -2.86
C SER C 161 -20.78 -34.30 -3.70
N ASP C 162 -21.88 -35.00 -3.52
CA ASP C 162 -23.11 -34.61 -4.17
C ASP C 162 -23.79 -33.54 -3.34
N ILE C 163 -23.55 -32.28 -3.71
CA ILE C 163 -24.05 -31.11 -3.00
C ILE C 163 -25.57 -31.00 -3.07
N LYS C 164 -26.08 -31.13 -4.28
CA LYS C 164 -27.51 -31.10 -4.56
C LYS C 164 -28.26 -32.13 -3.74
N GLY C 165 -27.78 -33.37 -3.71
CA GLY C 165 -28.46 -34.45 -3.00
C GLY C 165 -28.41 -34.21 -1.50
N ILE C 166 -27.30 -33.69 -1.02
CA ILE C 166 -27.12 -33.46 0.38
C ILE C 166 -27.95 -32.25 0.82
N ALA C 167 -28.06 -31.22 -0.05
CA ALA C 167 -28.90 -30.03 0.23
C ALA C 167 -30.37 -30.41 0.45
N VAL C 168 -30.88 -31.36 -0.35
CA VAL C 168 -32.26 -31.85 -0.15
C VAL C 168 -32.50 -32.32 1.31
N VAL C 169 -31.59 -33.12 1.84
CA VAL C 169 -31.69 -33.65 3.18
C VAL C 169 -31.61 -32.49 4.21
N CYS C 170 -30.63 -31.58 4.07
CA CYS C 170 -30.55 -30.38 4.91
C CYS C 170 -31.83 -29.58 4.93
N HIS C 171 -32.42 -29.38 3.75
CA HIS C 171 -33.61 -28.59 3.61
C HIS C 171 -34.80 -29.26 4.29
N GLU C 172 -34.88 -30.58 4.17
CA GLU C 172 -35.99 -31.35 4.76
C GLU C 172 -35.93 -31.39 6.28
N ARG C 173 -34.71 -31.30 6.84
CA ARG C 173 -34.50 -31.53 8.26
C ARG C 173 -34.04 -30.29 9.01
N GLY C 174 -34.03 -29.14 8.36
CA GLY C 174 -33.75 -27.90 9.03
C GLY C 174 -32.29 -27.73 9.41
N ALA C 175 -31.37 -28.20 8.57
CA ALA C 175 -29.93 -27.95 8.79
C ALA C 175 -29.38 -26.93 7.76
N ARG C 176 -28.40 -26.12 8.12
CA ARG C 176 -27.71 -25.30 7.08
C ARG C 176 -26.67 -26.09 6.29
N LEU C 177 -26.64 -25.88 4.99
CA LEU C 177 -25.58 -26.44 4.18
C LEU C 177 -24.53 -25.36 3.90
N VAL C 178 -23.33 -25.59 4.39
CA VAL C 178 -22.20 -24.70 4.19
C VAL C 178 -21.18 -25.39 3.26
N VAL C 179 -20.81 -24.70 2.17
CA VAL C 179 -19.90 -25.27 1.17
C VAL C 179 -18.68 -24.36 0.97
N ASP C 180 -17.50 -24.96 1.13
CA ASP C 180 -16.24 -24.28 0.87
C ASP C 180 -15.87 -24.59 -0.57
N ALA C 181 -15.91 -23.56 -1.43
CA ALA C 181 -15.76 -23.75 -2.86
C ALA C 181 -14.43 -23.17 -3.38
N THR C 182 -13.48 -23.04 -2.46
CA THR C 182 -12.16 -22.52 -2.76
C THR C 182 -11.50 -23.16 -3.99
N PHE C 183 -11.55 -24.50 -4.10
CA PHE C 183 -10.78 -25.21 -5.11
C PHE C 183 -11.25 -25.01 -6.54
N THR C 184 -12.46 -24.48 -6.70
CA THR C 184 -13.08 -24.39 -8.01
C THR C 184 -13.33 -22.95 -8.44
N SER C 185 -13.42 -22.04 -7.47
CA SER C 185 -13.73 -20.62 -7.70
C SER C 185 -15.21 -20.46 -8.00
N PRO C 186 -15.74 -19.25 -7.73
CA PRO C 186 -17.14 -18.97 -7.99
C PRO C 186 -17.45 -18.86 -9.47
N CYS C 187 -16.45 -18.86 -10.35
CA CYS C 187 -16.78 -18.96 -11.78
C CYS C 187 -17.39 -20.30 -12.15
N PHE C 188 -16.98 -21.38 -11.47
CA PHE C 188 -17.31 -22.74 -11.90
C PHE C 188 -18.21 -23.49 -10.94
N LEU C 189 -18.30 -23.01 -9.70
CA LEU C 189 -19.08 -23.69 -8.69
C LEU C 189 -19.84 -22.61 -7.94
N LYS C 190 -21.16 -22.71 -7.95
CA LYS C 190 -21.98 -21.74 -7.27
C LYS C 190 -22.88 -22.48 -6.33
N PRO C 191 -22.42 -22.69 -5.10
CA PRO C 191 -23.17 -23.61 -4.23
C PRO C 191 -24.57 -23.12 -3.89
N LEU C 192 -24.74 -21.78 -3.81
CA LEU C 192 -26.09 -21.21 -3.61
C LEU C 192 -27.06 -21.61 -4.70
N GLU C 193 -26.60 -21.85 -5.92
CA GLU C 193 -27.48 -22.37 -6.97
C GLU C 193 -27.77 -23.88 -6.82
N LEU C 194 -26.99 -24.59 -6.02
CA LEU C 194 -27.16 -26.02 -5.88
C LEU C 194 -27.96 -26.33 -4.62
N GLY C 195 -28.25 -25.32 -3.80
CA GLY C 195 -28.98 -25.54 -2.58
C GLY C 195 -28.25 -25.22 -1.29
N ALA C 196 -26.97 -24.83 -1.33
CA ALA C 196 -26.30 -24.45 -0.06
C ALA C 196 -26.96 -23.22 0.57
N ASP C 197 -26.71 -22.99 1.85
CA ASP C 197 -27.17 -21.76 2.47
C ASP C 197 -26.06 -20.70 2.51
N ILE C 198 -24.82 -21.21 2.46
CA ILE C 198 -23.63 -20.44 2.58
C ILE C 198 -22.56 -21.01 1.65
N ALA C 199 -21.92 -20.13 0.90
CA ALA C 199 -20.82 -20.52 0.04
C ALA C 199 -19.64 -19.68 0.51
N LEU C 200 -18.49 -20.29 0.72
CA LEU C 200 -17.35 -19.53 1.18
C LEU C 200 -16.10 -19.85 0.42
N HIS C 201 -15.11 -18.96 0.52
CA HIS C 201 -13.82 -19.16 -0.15
C HIS C 201 -12.69 -18.64 0.64
N SER C 202 -11.55 -19.32 0.54
CA SER C 202 -10.29 -18.61 0.75
C SER C 202 -10.02 -17.75 -0.50
N VAL C 203 -10.10 -16.44 -0.32
CA VAL C 203 -9.79 -15.50 -1.38
C VAL C 203 -8.29 -15.50 -1.70
N SER C 204 -7.47 -15.94 -0.75
CA SER C 204 -6.04 -16.12 -0.91
C SER C 204 -5.67 -16.98 -2.11
N LYS C 205 -6.63 -17.75 -2.61
CA LYS C 205 -6.33 -18.62 -3.75
C LYS C 205 -6.79 -17.95 -5.07
N TYR C 206 -7.71 -18.58 -5.82
CA TYR C 206 -8.04 -18.12 -7.19
C TYR C 206 -8.59 -16.72 -7.23
N ILE C 207 -9.46 -16.38 -6.28
CA ILE C 207 -10.20 -15.14 -6.42
C ILE C 207 -9.23 -13.99 -6.51
N ASN C 208 -8.30 -13.89 -5.57
CA ASN C 208 -7.31 -12.85 -5.67
C ASN C 208 -6.33 -13.25 -6.79
N GLY C 209 -5.87 -14.51 -6.77
CA GLY C 209 -5.11 -15.09 -7.90
C GLY C 209 -3.61 -14.76 -8.00
N HIS C 210 -3.08 -13.86 -7.18
CA HIS C 210 -1.75 -13.31 -7.45
C HIS C 210 -0.78 -13.60 -6.29
N GLY C 211 -1.22 -14.43 -5.34
CA GLY C 211 -0.33 -14.94 -4.32
C GLY C 211 0.21 -13.88 -3.38
N ASP C 212 -0.50 -12.76 -3.25
CA ASP C 212 0.03 -11.67 -2.45
C ASP C 212 -0.90 -11.18 -1.35
N VAL C 213 -2.00 -11.86 -1.12
CA VAL C 213 -2.97 -11.49 -0.10
C VAL C 213 -3.50 -12.73 0.55
N ILE C 214 -3.75 -12.66 1.86
CA ILE C 214 -4.49 -13.69 2.58
C ILE C 214 -5.85 -13.12 2.86
N GLY C 215 -6.91 -13.83 2.50
CA GLY C 215 -8.22 -13.30 2.82
C GLY C 215 -9.32 -14.33 2.65
N GLY C 216 -10.51 -14.02 3.17
CA GLY C 216 -11.62 -14.97 3.18
C GLY C 216 -12.88 -14.24 2.77
N VAL C 217 -13.86 -14.98 2.27
CA VAL C 217 -15.16 -14.37 2.01
C VAL C 217 -16.22 -15.41 2.24
N SER C 218 -17.36 -14.96 2.73
CA SER C 218 -18.49 -15.86 2.92
C SER C 218 -19.75 -15.19 2.40
N SER C 219 -20.54 -15.94 1.63
CA SER C 219 -21.80 -15.43 1.09
C SER C 219 -23.02 -16.26 1.52
N ALA C 220 -24.12 -15.58 1.81
CA ALA C 220 -25.30 -16.27 2.33
C ALA C 220 -26.48 -16.04 1.44
N LYS C 221 -27.35 -17.03 1.36
CA LYS C 221 -28.55 -16.99 0.56
C LYS C 221 -29.61 -16.00 1.12
N THR C 222 -29.53 -15.75 2.43
CA THR C 222 -30.54 -15.02 3.17
C THR C 222 -29.91 -13.79 3.84
N ALA C 223 -30.64 -12.67 3.81
CA ALA C 223 -30.21 -11.45 4.52
C ALA C 223 -29.99 -11.68 6.01
N GLU C 224 -30.83 -12.49 6.64
CA GLU C 224 -30.70 -12.76 8.06
C GLU C 224 -29.38 -13.48 8.39
N ASP C 225 -28.99 -14.46 7.57
CA ASP C 225 -27.79 -15.22 7.80
C ASP C 225 -26.54 -14.37 7.58
N ILE C 226 -26.51 -13.54 6.53
CA ILE C 226 -25.35 -12.69 6.33
C ILE C 226 -25.19 -11.65 7.45
N ALA C 227 -26.31 -11.15 7.96
CA ALA C 227 -26.29 -10.29 9.16
C ALA C 227 -25.67 -10.97 10.41
N THR C 228 -25.99 -12.25 10.60
CA THR C 228 -25.53 -13.00 11.76
C THR C 228 -24.02 -13.23 11.59
N ILE C 229 -23.62 -13.62 10.39
CA ILE C 229 -22.20 -13.76 10.08
C ILE C 229 -21.40 -12.49 10.39
N LYS C 230 -21.95 -11.35 9.99
CA LYS C 230 -21.32 -10.05 10.24
C LYS C 230 -21.41 -9.64 11.70
N PHE C 231 -22.45 -10.06 12.41
CA PHE C 231 -22.52 -9.84 13.84
C PHE C 231 -21.40 -10.62 14.53
N TYR C 232 -21.17 -11.86 14.12
CA TYR C 232 -20.05 -12.64 14.65
C TYR C 232 -18.68 -11.97 14.35
N ARG C 233 -18.48 -11.61 13.07
CA ARG C 233 -17.29 -10.91 12.63
C ARG C 233 -16.99 -9.70 13.52
N LYS C 234 -18.00 -8.88 13.85
CA LYS C 234 -17.65 -7.70 14.61
C LYS C 234 -17.06 -8.03 15.98
N ASP C 235 -17.46 -9.16 16.57
CA ASP C 235 -16.96 -9.61 17.87
C ASP C 235 -15.74 -10.53 17.79
N ALA C 236 -15.63 -11.36 16.73
CA ALA C 236 -14.43 -12.22 16.53
C ALA C 236 -13.24 -11.51 15.84
N GLY C 237 -13.54 -10.49 15.06
CA GLY C 237 -12.52 -9.54 14.65
C GLY C 237 -11.61 -9.98 13.52
N SER C 238 -12.08 -10.91 12.68
CA SER C 238 -11.29 -11.28 11.50
C SER C 238 -11.67 -10.40 10.30
N LEU C 239 -10.90 -9.35 10.07
CA LEU C 239 -11.28 -8.34 9.08
C LEU C 239 -10.40 -8.42 7.86
N MET C 240 -10.95 -8.10 6.71
CA MET C 240 -10.11 -7.84 5.54
C MET C 240 -9.63 -6.40 5.66
N ALA C 241 -8.33 -6.21 5.55
CA ALA C 241 -7.76 -4.86 5.58
C ALA C 241 -8.11 -4.11 4.27
N PRO C 242 -8.30 -2.77 4.33
CA PRO C 242 -8.64 -1.96 3.14
C PRO C 242 -7.65 -2.20 2.00
N MET C 243 -6.34 -2.17 2.28
CA MET C 243 -5.39 -2.45 1.22
C MET C 243 -5.58 -3.87 0.59
N ASP C 244 -5.84 -4.86 1.44
CA ASP C 244 -6.04 -6.23 0.99
C ASP C 244 -7.30 -6.33 0.11
N ALA C 245 -8.37 -5.63 0.51
CA ALA C 245 -9.61 -5.58 -0.27
C ALA C 245 -9.40 -4.94 -1.64
N PHE C 246 -8.59 -3.88 -1.68
CA PHE C 246 -8.24 -3.23 -2.92
C PHE C 246 -7.54 -4.25 -3.84
N LEU C 247 -6.55 -4.97 -3.30
CA LEU C 247 -5.84 -6.01 -4.07
C LEU C 247 -6.73 -7.17 -4.53
N CYS C 248 -7.62 -7.66 -3.65
CA CYS C 248 -8.54 -8.76 -4.04
C CYS C 248 -9.51 -8.34 -5.14
N ALA C 249 -10.04 -7.11 -5.05
CA ALA C 249 -10.98 -6.63 -6.06
C ALA C 249 -10.26 -6.49 -7.40
N ARG C 250 -9.01 -6.05 -7.34
CA ARG C 250 -8.24 -5.83 -8.55
C ARG C 250 -7.91 -7.21 -9.15
N GLY C 251 -7.52 -8.14 -8.28
CA GLY C 251 -7.27 -9.54 -8.71
C GLY C 251 -8.51 -10.15 -9.37
N MET C 252 -9.67 -9.89 -8.78
CA MET C 252 -10.90 -10.49 -9.25
C MET C 252 -11.34 -9.96 -10.62
N LYS C 253 -10.84 -8.78 -11.01
CA LYS C 253 -11.18 -8.26 -12.33
C LYS C 253 -10.76 -9.23 -13.47
N THR C 254 -9.73 -10.06 -13.26
CA THR C 254 -9.28 -10.99 -14.31
C THR C 254 -9.66 -12.42 -13.97
N LEU C 255 -10.53 -12.58 -12.97
CA LEU C 255 -10.86 -13.92 -12.48
C LEU C 255 -11.44 -14.83 -13.57
N PRO C 256 -12.45 -14.34 -14.34
CA PRO C 256 -13.01 -15.22 -15.39
C PRO C 256 -11.96 -15.65 -16.43
N ILE C 257 -11.14 -14.72 -16.94
CA ILE C 257 -10.15 -15.17 -17.92
C ILE C 257 -9.07 -16.05 -17.28
N ARG C 258 -8.65 -15.73 -16.04
CA ARG C 258 -7.66 -16.56 -15.41
C ARG C 258 -8.19 -18.02 -15.24
N MET C 259 -9.46 -18.14 -14.80
CA MET C 259 -10.04 -19.46 -14.52
C MET C 259 -10.17 -20.25 -15.78
N GLN C 260 -10.45 -19.56 -16.89
CA GLN C 260 -10.55 -20.25 -18.18
C GLN C 260 -9.22 -20.93 -18.55
N ILE C 261 -8.09 -20.22 -18.39
CA ILE C 261 -6.76 -20.78 -18.62
C ILE C 261 -6.34 -21.81 -17.59
N HIS C 262 -6.54 -21.51 -16.30
CA HIS C 262 -6.37 -22.53 -15.27
C HIS C 262 -7.09 -23.86 -15.65
N MET C 263 -8.40 -23.76 -15.98
CA MET C 263 -9.14 -24.98 -16.29
C MET C 263 -8.52 -25.78 -17.43
N GLU C 264 -8.18 -25.14 -18.54
CA GLU C 264 -7.62 -25.81 -19.73
C GLU C 264 -6.22 -26.34 -19.43
N ASN C 265 -5.39 -25.51 -18.81
CA ASN C 265 -4.03 -25.94 -18.45
C ASN C 265 -4.09 -27.14 -17.56
N GLY C 266 -4.91 -27.06 -16.51
CA GLY C 266 -4.99 -28.13 -15.54
C GLY C 266 -5.43 -29.44 -16.19
N LEU C 267 -6.35 -29.39 -17.15
CA LEU C 267 -6.84 -30.62 -17.73
C LEU C 267 -5.77 -31.24 -18.61
N LYS C 268 -5.05 -30.39 -19.33
CA LYS C 268 -4.01 -30.84 -20.21
C LYS C 268 -2.82 -31.42 -19.43
N VAL C 269 -2.51 -30.83 -18.27
CA VAL C 269 -1.46 -31.38 -17.45
C VAL C 269 -1.89 -32.72 -16.84
N ALA C 270 -3.15 -32.82 -16.43
CA ALA C 270 -3.63 -34.08 -15.85
C ALA C 270 -3.58 -35.24 -16.87
N LYS C 271 -3.95 -34.97 -18.12
CA LYS C 271 -3.93 -35.97 -19.17
C LYS C 271 -2.52 -36.38 -19.50
N PHE C 272 -1.61 -35.39 -19.56
CA PHE C 272 -0.18 -35.69 -19.71
C PHE C 272 0.33 -36.62 -18.62
N LEU C 273 0.08 -36.27 -17.36
CA LEU C 273 0.48 -37.12 -16.23
C LEU C 273 -0.21 -38.47 -16.28
N GLU C 274 -1.49 -38.49 -16.65
CA GLU C 274 -2.20 -39.75 -16.61
C GLU C 274 -1.61 -40.77 -17.59
N GLN C 275 -1.08 -40.33 -18.72
CA GLN C 275 -0.50 -41.28 -19.66
C GLN C 275 1.00 -41.50 -19.40
N HIS C 276 1.59 -40.87 -18.38
CA HIS C 276 3.03 -41.01 -18.18
C HIS C 276 3.38 -42.29 -17.39
N GLU C 277 4.36 -43.04 -17.87
CA GLU C 277 4.80 -44.30 -17.23
C GLU C 277 5.08 -44.16 -15.72
N LYS C 278 5.60 -43.03 -15.30
CA LYS C 278 5.98 -42.83 -13.92
C LYS C 278 4.81 -42.53 -12.97
N ILE C 279 3.65 -42.26 -13.54
CA ILE C 279 2.49 -41.82 -12.76
C ILE C 279 1.54 -42.97 -12.58
N VAL C 280 1.12 -43.21 -11.34
CA VAL C 280 0.28 -44.36 -11.03
C VAL C 280 -1.19 -44.03 -11.26
N LYS C 281 -1.58 -42.82 -10.86
CA LYS C 281 -2.97 -42.42 -10.78
C LYS C 281 -3.01 -40.88 -10.74
N VAL C 282 -4.03 -40.29 -11.35
CA VAL C 282 -4.21 -38.85 -11.31
C VAL C 282 -5.60 -38.56 -10.76
N ASN C 283 -5.67 -37.79 -9.69
CA ASN C 283 -7.00 -37.41 -9.13
C ASN C 283 -7.43 -36.01 -9.58
N HIS C 284 -7.92 -35.89 -10.81
CA HIS C 284 -8.48 -34.63 -11.31
C HIS C 284 -9.94 -34.94 -11.62
N PRO C 285 -10.90 -34.10 -11.12
CA PRO C 285 -12.32 -34.45 -11.26
C PRO C 285 -12.85 -34.26 -12.67
N GLY C 286 -12.01 -33.72 -13.57
CA GLY C 286 -12.37 -33.53 -14.98
C GLY C 286 -12.03 -34.74 -15.83
N LEU C 287 -11.29 -35.70 -15.26
CA LEU C 287 -10.90 -36.93 -15.98
C LEU C 287 -12.01 -37.94 -15.97
N GLU C 288 -12.23 -38.58 -17.11
CA GLU C 288 -13.25 -39.62 -17.20
C GLU C 288 -12.99 -40.74 -16.20
N SER C 289 -11.72 -41.02 -15.91
CA SER C 289 -11.38 -42.14 -15.04
C SER C 289 -11.64 -41.82 -13.56
N PHE C 290 -12.00 -40.58 -13.24
CA PHE C 290 -12.12 -40.19 -11.83
C PHE C 290 -13.50 -40.50 -11.23
N PRO C 291 -13.52 -41.21 -10.09
CA PRO C 291 -14.84 -41.46 -9.44
C PRO C 291 -15.51 -40.14 -9.02
N GLY C 292 -16.75 -39.94 -9.40
CA GLY C 292 -17.37 -38.65 -9.08
C GLY C 292 -17.25 -37.62 -10.20
N HIS C 293 -16.55 -37.99 -11.28
CA HIS C 293 -16.58 -37.16 -12.48
C HIS C 293 -17.98 -36.84 -12.98
N ASP C 294 -18.88 -37.82 -13.00
CA ASP C 294 -20.27 -37.58 -13.44
C ASP C 294 -21.02 -36.53 -12.59
N ILE C 295 -20.86 -36.57 -11.27
CA ILE C 295 -21.39 -35.55 -10.37
C ILE C 295 -20.72 -34.18 -10.60
N ALA C 296 -19.39 -34.14 -10.68
CA ALA C 296 -18.65 -32.86 -10.86
C ALA C 296 -19.07 -32.15 -12.15
N LYS C 297 -19.24 -32.93 -13.20
CA LYS C 297 -19.57 -32.40 -14.53
C LYS C 297 -20.99 -31.81 -14.57
N LYS C 298 -21.89 -32.34 -13.75
CA LYS C 298 -23.28 -31.91 -13.64
C LYS C 298 -23.47 -30.72 -12.70
N GLN C 299 -22.64 -30.60 -11.66
CA GLN C 299 -22.84 -29.57 -10.64
C GLN C 299 -21.96 -28.34 -10.77
N MET C 300 -20.92 -28.45 -11.59
CA MET C 300 -19.99 -27.36 -11.81
C MET C 300 -19.96 -27.03 -13.28
N THR C 301 -19.52 -25.82 -13.61
CA THR C 301 -19.46 -25.44 -15.01
C THR C 301 -18.02 -25.39 -15.49
N GLY C 302 -17.13 -25.87 -14.64
CA GLY C 302 -15.75 -26.07 -15.01
C GLY C 302 -14.96 -26.68 -13.87
N TYR C 303 -13.63 -26.56 -13.92
CA TYR C 303 -12.74 -27.18 -12.94
C TYR C 303 -11.64 -26.22 -12.59
N GLY C 304 -11.29 -26.21 -11.32
CA GLY C 304 -10.06 -25.56 -10.90
C GLY C 304 -8.88 -26.36 -11.42
N SER C 305 -7.68 -25.90 -11.15
CA SER C 305 -6.51 -26.53 -11.74
C SER C 305 -5.58 -27.12 -10.69
N THR C 306 -6.08 -27.30 -9.48
CA THR C 306 -5.30 -27.89 -8.39
C THR C 306 -5.71 -29.33 -8.20
N PHE C 307 -4.78 -30.27 -8.28
CA PHE C 307 -5.16 -31.69 -8.16
C PHE C 307 -4.00 -32.57 -7.69
N LEU C 308 -4.25 -33.83 -7.53
CA LEU C 308 -3.24 -34.66 -6.90
C LEU C 308 -2.92 -35.86 -7.77
N PHE C 309 -1.67 -36.30 -7.77
CA PHE C 309 -1.32 -37.51 -8.52
C PHE C 309 -0.42 -38.38 -7.68
N GLU C 310 -0.42 -39.66 -7.99
CA GLU C 310 0.34 -40.63 -7.24
C GLU C 310 1.60 -41.08 -8.02
N MET C 311 2.77 -40.95 -7.37
CA MET C 311 4.05 -41.44 -7.91
C MET C 311 4.27 -42.89 -7.45
N LYS C 312 5.33 -43.57 -7.95
CA LYS C 312 5.57 -44.97 -7.51
C LYS C 312 6.17 -45.08 -6.12
N SER C 313 6.70 -43.97 -5.60
CA SER C 313 7.30 -43.98 -4.29
C SER C 313 7.47 -42.59 -3.80
N PHE C 314 7.72 -42.48 -2.51
CA PHE C 314 8.09 -41.22 -1.91
C PHE C 314 9.37 -40.66 -2.55
N GLU C 315 10.37 -41.51 -2.75
CA GLU C 315 11.62 -41.04 -3.33
C GLU C 315 11.38 -40.49 -4.72
N ALA C 316 10.54 -41.16 -5.50
CA ALA C 316 10.22 -40.67 -6.84
C ALA C 316 9.49 -39.33 -6.74
N ALA C 317 8.62 -39.17 -5.74
CA ALA C 317 7.88 -37.91 -5.58
C ALA C 317 8.88 -36.79 -5.30
N LYS C 318 9.83 -37.06 -4.42
CA LYS C 318 10.78 -36.05 -3.97
C LYS C 318 11.69 -35.67 -5.12
N LYS C 319 12.05 -36.63 -5.95
CA LYS C 319 12.91 -36.35 -7.07
C LYS C 319 12.20 -35.45 -8.05
N LEU C 320 10.91 -35.69 -8.28
CA LEU C 320 10.13 -34.84 -9.14
C LEU C 320 10.02 -33.43 -8.58
N MET C 321 9.59 -33.30 -7.32
CA MET C 321 9.32 -31.98 -6.75
C MET C 321 10.53 -31.05 -6.68
N GLU C 322 11.71 -31.63 -6.56
CA GLU C 322 12.92 -30.88 -6.29
C GLU C 322 13.72 -30.58 -7.54
N HIS C 323 13.20 -30.96 -8.72
CA HIS C 323 13.95 -30.71 -9.96
C HIS C 323 13.14 -30.01 -11.00
N LEU C 324 12.24 -29.16 -10.56
CA LEU C 324 11.44 -28.41 -11.49
C LEU C 324 12.03 -27.01 -11.55
N LYS C 325 11.88 -26.35 -12.69
CA LYS C 325 12.39 -24.97 -12.89
C LYS C 325 11.27 -23.99 -13.16
N VAL C 326 10.09 -24.47 -13.52
CA VAL C 326 8.96 -23.58 -13.72
C VAL C 326 7.92 -23.73 -12.58
N CYS C 327 7.74 -24.93 -12.03
CA CYS C 327 6.90 -25.10 -10.88
C CYS C 327 7.69 -24.71 -9.62
N THR C 328 7.03 -24.06 -8.66
CA THR C 328 7.66 -23.64 -7.42
C THR C 328 7.19 -24.51 -6.23
N LEU C 329 8.14 -25.11 -5.51
CA LEU C 329 7.82 -25.91 -4.36
C LEU C 329 7.33 -25.01 -3.20
N ALA C 330 6.05 -25.12 -2.82
CA ALA C 330 5.41 -24.20 -1.85
C ALA C 330 3.98 -24.61 -1.61
N VAL C 331 3.45 -24.28 -0.44
CA VAL C 331 2.06 -24.58 -0.18
C VAL C 331 1.20 -23.44 -0.79
N SER C 332 -0.12 -23.55 -0.67
CA SER C 332 -1.08 -22.63 -1.30
C SER C 332 -1.37 -23.03 -2.72
N LEU C 333 -2.32 -22.35 -3.36
CA LEU C 333 -2.79 -22.78 -4.70
C LEU C 333 -3.50 -21.63 -5.33
N GLY C 334 -3.80 -21.75 -6.62
CA GLY C 334 -4.67 -20.80 -7.30
C GLY C 334 -3.96 -19.51 -7.68
N CYS C 335 -2.64 -19.54 -7.65
CA CYS C 335 -1.83 -18.42 -8.06
CA CYS C 335 -1.82 -18.44 -8.07
C CYS C 335 -1.65 -18.49 -9.59
N VAL C 336 -1.29 -17.39 -10.19
CA VAL C 336 -1.01 -17.36 -11.63
C VAL C 336 0.15 -18.25 -12.06
N ASP C 337 1.13 -18.43 -11.19
CA ASP C 337 2.24 -19.30 -11.50
C ASP C 337 2.00 -20.66 -10.78
N THR C 338 2.57 -21.72 -11.32
CA THR C 338 2.36 -23.09 -10.88
C THR C 338 3.09 -23.44 -9.57
N LEU C 339 2.34 -24.04 -8.63
CA LEU C 339 2.86 -24.48 -7.32
C LEU C 339 2.74 -26.00 -7.14
N ILE C 340 3.63 -26.55 -6.31
CA ILE C 340 3.65 -27.96 -6.10
C ILE C 340 4.06 -28.22 -4.64
N GLU C 341 3.58 -29.31 -4.06
CA GLU C 341 3.48 -29.47 -2.61
C GLU C 341 3.38 -30.98 -2.33
N HIS C 342 3.81 -31.40 -1.13
CA HIS C 342 3.69 -32.80 -0.67
C HIS C 342 2.71 -32.84 0.52
N PRO C 343 1.43 -33.18 0.25
CA PRO C 343 0.42 -33.05 1.31
C PRO C 343 0.80 -33.76 2.59
N ALA C 344 1.40 -34.93 2.47
CA ALA C 344 1.66 -35.80 3.62
C ALA C 344 2.61 -35.19 4.65
N SER C 345 3.51 -34.33 4.19
CA SER C 345 4.51 -33.75 5.10
C SER C 345 4.39 -32.23 5.19
N MET C 346 3.40 -31.68 4.47
CA MET C 346 3.18 -30.22 4.42
C MET C 346 1.73 -29.80 4.78
N THR C 347 0.84 -29.60 3.82
CA THR C 347 -0.51 -29.09 4.13
C THR C 347 -1.34 -29.95 5.11
N HIS C 348 -1.02 -31.24 5.19
CA HIS C 348 -1.80 -32.21 5.94
C HIS C 348 -0.90 -32.97 6.90
N ALA C 349 0.27 -32.43 7.18
CA ALA C 349 1.18 -33.09 8.16
C ALA C 349 0.64 -33.12 9.61
N ALA C 350 -0.26 -32.18 9.93
CA ALA C 350 -0.87 -32.08 11.27
C ALA C 350 -2.18 -32.87 11.46
N VAL C 351 -2.70 -33.47 10.38
CA VAL C 351 -3.92 -34.27 10.45
C VAL C 351 -3.69 -35.62 11.19
N PRO C 352 -4.45 -35.86 12.29
CA PRO C 352 -4.41 -37.14 13.04
C PRO C 352 -4.38 -38.36 12.09
N GLU C 353 -3.61 -39.37 12.49
CA GLU C 353 -3.39 -40.58 11.69
C GLU C 353 -4.67 -41.22 11.17
N ASN C 354 -5.66 -41.35 12.05
CA ASN C 354 -6.95 -41.94 11.65
C ASN C 354 -7.67 -41.12 10.56
N ILE C 355 -7.64 -39.80 10.67
CA ILE C 355 -8.29 -38.97 9.68
C ILE C 355 -7.50 -39.04 8.34
N MET C 356 -6.17 -39.06 8.42
CA MET C 356 -5.33 -39.17 7.22
C MET C 356 -5.48 -40.51 6.46
N ARG C 357 -5.78 -41.59 7.19
CA ARG C 357 -6.06 -42.88 6.55
C ARG C 357 -7.43 -42.85 5.85
N LYS C 358 -8.42 -42.31 6.55
CA LYS C 358 -9.72 -41.99 5.96
C LYS C 358 -9.59 -41.04 4.74
N GLN C 359 -8.72 -40.04 4.82
CA GLN C 359 -8.53 -39.09 3.73
C GLN C 359 -7.83 -39.71 2.51
N GLY C 360 -7.04 -40.74 2.73
CA GLY C 360 -6.33 -41.39 1.62
C GLY C 360 -4.96 -40.80 1.31
N ILE C 361 -4.34 -40.13 2.27
CA ILE C 361 -3.12 -39.38 1.97
C ILE C 361 -1.83 -40.18 2.31
N THR C 362 -1.02 -40.47 1.29
CA THR C 362 0.19 -41.27 1.41
C THR C 362 1.42 -40.45 0.95
N PRO C 363 2.65 -40.86 1.38
CA PRO C 363 3.85 -40.15 0.96
C PRO C 363 4.10 -40.20 -0.54
N GLU C 364 3.37 -41.06 -1.26
CA GLU C 364 3.50 -41.10 -2.71
C GLU C 364 2.75 -40.01 -3.49
N LEU C 365 1.94 -39.18 -2.81
CA LEU C 365 1.07 -38.22 -3.48
C LEU C 365 1.73 -36.87 -3.60
N VAL C 366 1.49 -36.20 -4.72
CA VAL C 366 2.00 -34.87 -4.96
C VAL C 366 0.81 -34.02 -5.40
N ARG C 367 0.70 -32.82 -4.85
CA ARG C 367 -0.35 -31.94 -5.26
C ARG C 367 0.21 -30.81 -6.09
N ILE C 368 -0.39 -30.61 -7.26
CA ILE C 368 0.03 -29.57 -8.15
C ILE C 368 -1.09 -28.55 -8.35
N SER C 369 -0.73 -27.29 -8.32
CA SER C 369 -1.68 -26.23 -8.57
C SER C 369 -1.30 -25.52 -9.87
N VAL C 370 -1.96 -25.87 -10.96
CA VAL C 370 -1.49 -25.45 -12.30
C VAL C 370 -1.82 -23.98 -12.63
N GLY C 371 -0.80 -23.18 -12.97
CA GLY C 371 -0.97 -21.75 -13.17
C GLY C 371 -1.35 -21.42 -14.59
N ILE C 372 -1.14 -20.17 -14.97
CA ILE C 372 -1.47 -19.72 -16.31
C ILE C 372 -0.28 -19.57 -17.24
N GLU C 373 0.90 -20.08 -16.87
CA GLU C 373 2.02 -20.22 -17.83
C GLU C 373 1.55 -20.97 -19.11
N ASN C 374 2.29 -20.83 -20.20
CA ASN C 374 2.00 -21.66 -21.39
C ASN C 374 2.04 -23.11 -20.95
N VAL C 375 0.99 -23.85 -21.29
CA VAL C 375 0.89 -25.23 -20.88
C VAL C 375 2.02 -26.16 -21.39
N ASP C 376 2.50 -25.94 -22.61
CA ASP C 376 3.66 -26.71 -23.13
C ASP C 376 4.95 -26.54 -22.29
N ASP C 377 5.18 -25.33 -21.77
CA ASP C 377 6.29 -25.04 -20.88
C ASP C 377 6.13 -25.78 -19.56
N ILE C 378 4.92 -25.79 -18.99
CA ILE C 378 4.67 -26.50 -17.76
C ILE C 378 4.86 -27.99 -17.97
N ILE C 379 4.29 -28.52 -19.07
CA ILE C 379 4.41 -29.94 -19.35
C ILE C 379 5.90 -30.30 -19.62
N ALA C 380 6.61 -29.49 -20.39
CA ALA C 380 8.02 -29.80 -20.66
C ALA C 380 8.86 -29.81 -19.36
N ASP C 381 8.51 -28.97 -18.39
CA ASP C 381 9.21 -28.88 -17.11
C ASP C 381 9.00 -30.14 -16.29
N LEU C 382 7.75 -30.62 -16.24
CA LEU C 382 7.39 -31.90 -15.58
C LEU C 382 8.07 -33.06 -16.26
N LYS C 383 8.02 -33.08 -17.59
CA LYS C 383 8.64 -34.15 -18.37
C LYS C 383 10.15 -34.30 -18.14
N GLN C 384 10.89 -33.19 -18.13
CA GLN C 384 12.32 -33.28 -17.92
C GLN C 384 12.62 -33.75 -16.52
N ALA C 385 11.84 -33.36 -15.53
CA ALA C 385 12.06 -33.87 -14.17
C ALA C 385 11.69 -35.37 -14.04
N LEU C 386 10.60 -35.79 -14.71
CA LEU C 386 10.24 -37.21 -14.67
C LEU C 386 11.24 -38.09 -15.42
N GLU C 387 12.09 -37.51 -16.24
CA GLU C 387 12.99 -38.32 -17.06
C GLU C 387 14.45 -38.17 -16.65
N LEU C 388 14.66 -37.67 -15.44
CA LEU C 388 15.99 -37.53 -14.89
C LEU C 388 16.72 -38.84 -14.79
N TRP C 389 18.00 -38.80 -15.15
CA TRP C 389 19.00 -39.78 -14.71
C TRP C 389 18.71 -40.18 -13.26
N ASP D 5 0.52 26.68 17.79
CA ASP D 5 1.60 26.09 16.95
C ASP D 5 1.09 25.39 15.68
N ILE D 6 2.04 25.00 14.84
CA ILE D 6 1.77 24.35 13.57
C ILE D 6 1.10 22.96 13.68
N THR D 7 1.19 22.32 14.84
CA THR D 7 0.64 20.96 14.99
C THR D 7 -0.87 20.90 14.75
N THR D 8 -1.59 21.86 15.32
CA THR D 8 -3.03 21.96 15.16
C THR D 8 -3.42 22.15 13.68
N THR D 9 -2.74 23.07 12.99
CA THR D 9 -2.95 23.31 11.57
C THR D 9 -2.72 22.03 10.74
N LEU D 10 -1.64 21.29 11.03
CA LEU D 10 -1.32 20.05 10.28
C LEU D 10 -2.28 18.89 10.55
N LEU D 11 -2.86 18.84 11.74
CA LEU D 11 -3.84 17.82 12.10
C LEU D 11 -5.25 18.17 11.64
N HIS D 12 -5.47 19.44 11.28
CA HIS D 12 -6.79 19.92 10.90
C HIS D 12 -6.74 20.65 9.58
N PRO D 13 -6.27 19.95 8.54
CA PRO D 13 -6.12 20.62 7.26
C PRO D 13 -7.47 20.98 6.65
N LYS D 14 -7.45 22.02 5.84
CA LYS D 14 -8.56 22.53 5.04
C LYS D 14 -9.23 21.48 4.12
N GLY D 15 -10.52 21.68 3.86
CA GLY D 15 -11.27 20.85 2.92
C GLY D 15 -12.28 19.86 3.49
N ASP D 16 -12.91 19.12 2.60
CA ASP D 16 -13.95 18.18 3.02
C ASP D 16 -13.41 16.76 3.25
N HIS D 17 -14.12 16.02 4.10
CA HIS D 17 -13.93 14.61 4.23
C HIS D 17 -14.53 13.90 3.01
N VAL D 18 -13.94 12.78 2.64
CA VAL D 18 -14.48 11.95 1.55
C VAL D 18 -15.27 10.82 2.18
N LEU D 19 -16.55 10.69 1.82
CA LEU D 19 -17.47 9.72 2.44
C LEU D 19 -17.35 9.68 3.98
N HIS D 20 -17.13 10.85 4.59
CA HIS D 20 -17.06 10.94 6.06
C HIS D 20 -15.86 10.24 6.68
N SER D 21 -14.92 9.83 5.83
CA SER D 21 -13.74 9.16 6.30
C SER D 21 -12.92 10.08 7.14
N HIS D 22 -12.47 9.57 8.27
CA HIS D 22 -11.60 10.36 9.14
C HIS D 22 -10.22 10.51 8.52
N ALA D 23 -9.51 9.42 8.19
CA ALA D 23 -8.27 9.53 7.43
C ALA D 23 -8.64 9.81 5.99
N TYR D 24 -7.89 10.69 5.34
CA TYR D 24 -8.15 10.99 3.94
C TYR D 24 -7.75 9.77 3.10
N PRO D 25 -8.66 9.27 2.19
CA PRO D 25 -8.43 8.05 1.40
C PRO D 25 -7.27 8.11 0.43
N ILE D 26 -6.78 6.93 0.02
CA ILE D 26 -5.70 6.84 -0.94
C ILE D 26 -6.33 6.63 -2.33
N PHE D 27 -6.17 7.65 -3.19
CA PHE D 27 -6.73 7.61 -4.52
C PHE D 27 -5.75 6.98 -5.46
N GLN D 28 -5.63 5.66 -5.31
CA GLN D 28 -4.76 4.87 -6.14
C GLN D 28 -5.49 4.67 -7.47
N THR D 29 -5.47 5.70 -8.30
CA THR D 29 -6.18 5.68 -9.55
C THR D 29 -5.36 6.43 -10.54
N SER D 30 -5.45 6.02 -11.79
CA SER D 30 -4.88 6.87 -12.82
C SER D 30 -5.85 7.95 -13.35
N THR D 31 -7.07 7.55 -13.73
CA THR D 31 -7.98 8.47 -14.38
C THR D 31 -9.25 8.71 -13.56
N PHE D 32 -10.07 9.66 -14.05
CA PHE D 32 -11.33 10.11 -13.40
C PHE D 32 -12.47 10.13 -14.43
N CYS D 33 -13.67 9.80 -13.99
CA CYS D 33 -14.88 9.78 -14.83
C CYS D 33 -15.44 11.17 -15.03
N PHE D 34 -16.03 11.40 -16.20
CA PHE D 34 -16.72 12.64 -16.48
C PHE D 34 -18.22 12.43 -16.46
N ASP D 35 -18.99 13.43 -16.03
CA ASP D 35 -20.45 13.35 -16.05
C ASP D 35 -21.00 13.50 -17.45
N SER D 36 -20.25 14.15 -18.33
CA SER D 36 -20.70 14.56 -19.66
C SER D 36 -19.48 15.08 -20.41
N THR D 37 -19.60 15.21 -21.72
CA THR D 37 -18.53 15.77 -22.53
C THR D 37 -18.19 17.22 -22.11
N GLN D 38 -19.23 18.05 -21.94
CA GLN D 38 -19.08 19.41 -21.51
C GLN D 38 -18.30 19.52 -20.21
N GLN D 39 -18.66 18.68 -19.24
CA GLN D 39 -17.95 18.77 -17.96
C GLN D 39 -16.45 18.42 -18.05
N GLY D 40 -16.13 17.41 -18.85
CA GLY D 40 -14.74 17.01 -19.12
C GLY D 40 -14.01 18.09 -19.88
N ALA D 41 -14.61 18.59 -20.96
CA ALA D 41 -14.05 19.71 -21.72
C ALA D 41 -13.77 20.92 -20.85
N ASP D 42 -14.70 21.19 -19.92
CA ASP D 42 -14.59 22.34 -19.03
C ASP D 42 -13.38 22.15 -18.10
N LEU D 43 -13.22 20.93 -17.61
CA LEU D 43 -12.11 20.67 -16.71
C LEU D 43 -10.74 20.86 -17.38
N PHE D 44 -10.64 20.50 -18.68
CA PHE D 44 -9.39 20.69 -19.45
C PHE D 44 -9.10 22.18 -19.75
N MET D 45 -10.13 23.03 -19.64
CA MET D 45 -9.98 24.47 -19.83
C MET D 45 -9.85 25.19 -18.48
N GLY D 46 -9.71 24.41 -17.40
CA GLY D 46 -9.67 24.94 -16.04
C GLY D 46 -10.96 25.50 -15.44
N LYS D 47 -12.11 25.22 -16.04
CA LYS D 47 -13.39 25.65 -15.45
C LYS D 47 -14.10 24.54 -14.66
N GLY D 48 -14.63 24.90 -13.50
CA GLY D 48 -15.35 23.99 -12.62
C GLY D 48 -14.45 23.26 -11.64
N GLU D 49 -15.02 22.54 -10.71
CA GLU D 49 -14.23 21.78 -9.75
C GLU D 49 -14.15 20.30 -10.19
N GLY D 50 -13.02 19.64 -9.97
CA GLY D 50 -12.92 18.21 -10.24
C GLY D 50 -11.59 17.72 -10.79
N HIS D 51 -11.56 16.45 -11.18
CA HIS D 51 -10.30 15.84 -11.53
C HIS D 51 -10.39 15.20 -12.88
N ILE D 52 -9.24 14.99 -13.50
CA ILE D 52 -9.17 14.43 -14.83
C ILE D 52 -8.31 13.14 -14.84
N TYR D 53 -7.07 13.29 -14.38
CA TYR D 53 -6.01 12.29 -14.57
C TYR D 53 -4.95 12.61 -13.52
N SER D 54 -4.43 11.57 -12.86
CA SER D 54 -3.61 11.78 -11.64
C SER D 54 -2.33 12.56 -11.90
N ARG D 55 -1.77 12.44 -13.12
CA ARG D 55 -0.63 13.29 -13.48
C ARG D 55 -0.96 14.80 -13.48
N LEU D 56 -2.20 15.18 -13.85
CA LEU D 56 -2.60 16.60 -13.76
C LEU D 56 -2.94 16.97 -12.32
N GLY D 57 -3.41 15.98 -11.55
CA GLY D 57 -3.84 16.22 -10.17
C GLY D 57 -4.54 15.03 -9.55
N ASN D 58 -4.12 14.70 -8.33
CA ASN D 58 -4.65 13.60 -7.58
C ASN D 58 -5.03 14.13 -6.20
N PRO D 59 -6.24 13.81 -5.73
CA PRO D 59 -6.75 14.35 -4.46
C PRO D 59 -5.84 14.05 -3.25
N THR D 60 -5.28 12.85 -3.18
CA THR D 60 -4.45 12.44 -2.05
C THR D 60 -3.16 13.25 -2.07
N VAL D 61 -2.56 13.38 -3.26
CA VAL D 61 -1.40 14.23 -3.47
C VAL D 61 -1.76 15.71 -3.17
N GLU D 62 -2.90 16.18 -3.66
CA GLU D 62 -3.26 17.59 -3.40
C GLU D 62 -3.43 17.89 -1.90
N GLN D 63 -3.91 16.91 -1.15
CA GLN D 63 -4.03 17.05 0.29
C GLN D 63 -2.66 17.28 0.95
N PHE D 64 -1.65 16.53 0.52
CA PHE D 64 -0.30 16.73 1.04
C PHE D 64 0.24 18.10 0.59
N GLU D 65 0.06 18.43 -0.68
CA GLU D 65 0.39 19.75 -1.17
C GLU D 65 -0.19 20.89 -0.28
N GLU D 66 -1.48 20.82 0.03
CA GLU D 66 -2.11 21.84 0.84
C GLU D 66 -1.47 21.98 2.21
N MET D 67 -1.06 20.85 2.77
CA MET D 67 -0.40 20.84 4.07
C MET D 67 0.92 21.62 4.04
N VAL D 68 1.73 21.37 3.02
CA VAL D 68 3.00 22.08 2.86
C VAL D 68 2.77 23.54 2.52
N CYS D 69 1.87 23.81 1.59
CA CYS D 69 1.51 25.16 1.27
C CYS D 69 1.16 26.06 2.51
N SER D 70 0.39 25.53 3.45
CA SER D 70 -0.06 26.33 4.58
C SER D 70 1.11 26.64 5.52
N ILE D 71 1.98 25.66 5.76
CA ILE D 71 3.14 25.85 6.62
C ILE D 71 4.23 26.79 6.01
N GLU D 72 4.36 26.78 4.67
CA GLU D 72 5.30 27.65 3.95
C GLU D 72 4.80 29.07 3.76
N GLY D 73 3.48 29.28 3.84
CA GLY D 73 2.86 30.56 3.48
C GLY D 73 2.90 30.86 1.98
N ALA D 74 2.68 29.85 1.16
CA ALA D 74 2.82 29.93 -0.29
C ALA D 74 1.51 30.26 -0.97
N ALA D 75 1.56 30.60 -2.25
CA ALA D 75 0.35 30.65 -3.08
C ALA D 75 -0.02 29.24 -3.53
N GLY D 76 0.94 28.33 -3.54
CA GLY D 76 0.68 26.93 -3.93
C GLY D 76 1.90 26.04 -3.81
N SER D 77 1.67 24.72 -3.80
CA SER D 77 2.75 23.76 -3.65
C SER D 77 2.56 22.59 -4.62
N ALA D 78 3.67 22.00 -5.04
CA ALA D 78 3.64 20.90 -6.03
C ALA D 78 4.52 19.79 -5.45
N ALA D 79 4.01 18.57 -5.41
CA ALA D 79 4.76 17.44 -4.91
C ALA D 79 5.32 16.70 -6.12
N PHE D 80 6.46 16.03 -5.91
CA PHE D 80 7.17 15.32 -6.98
C PHE D 80 7.60 13.96 -6.50
N GLY D 81 8.12 13.15 -7.42
CA GLY D 81 8.69 11.85 -7.08
C GLY D 81 9.94 11.89 -6.21
N SER D 82 10.60 13.05 -6.12
CA SER D 82 11.86 13.15 -5.37
C SER D 82 12.23 14.61 -5.16
N GLY D 83 13.13 14.87 -4.22
CA GLY D 83 13.74 16.19 -4.12
C GLY D 83 14.35 16.66 -5.44
N MET D 84 15.05 15.77 -6.12
CA MET D 84 15.62 16.10 -7.40
C MET D 84 14.54 16.48 -8.39
N GLY D 85 13.37 15.85 -8.37
CA GLY D 85 12.26 16.28 -9.26
C GLY D 85 11.82 17.71 -8.94
N ALA D 86 11.73 18.05 -7.66
CA ALA D 86 11.31 19.38 -7.31
C ALA D 86 12.39 20.35 -7.70
N ILE D 87 13.65 19.96 -7.54
CA ILE D 87 14.77 20.87 -7.86
C ILE D 87 14.81 21.10 -9.36
N SER D 88 14.74 20.04 -10.15
CA SER D 88 14.90 20.26 -11.57
C SER D 88 13.70 21.04 -12.11
N SER D 89 12.51 20.78 -11.58
CA SER D 89 11.29 21.53 -11.95
C SER D 89 11.24 22.96 -11.43
N SER D 90 11.97 23.26 -10.37
CA SER D 90 11.87 24.60 -9.82
C SER D 90 12.88 25.48 -10.50
N THR D 91 13.71 24.85 -11.34
CA THR D 91 14.74 25.59 -12.07
C THR D 91 14.51 25.59 -13.59
N LEU D 92 14.43 24.40 -14.18
CA LEU D 92 14.18 24.29 -15.62
C LEU D 92 12.78 24.69 -16.10
N ALA D 93 11.83 24.86 -15.19
CA ALA D 93 10.57 25.51 -15.55
C ALA D 93 10.80 26.98 -15.91
N PHE D 94 11.90 27.55 -15.43
CA PHE D 94 12.10 28.98 -15.60
C PHE D 94 13.29 29.31 -16.46
N LEU D 95 14.38 28.56 -16.32
CA LEU D 95 15.60 28.87 -17.03
C LEU D 95 15.49 28.37 -18.44
N GLN D 96 16.00 29.16 -19.39
CA GLN D 96 16.16 28.72 -20.79
C GLN D 96 17.52 29.15 -21.35
N LYS D 97 17.88 28.55 -22.49
CA LYS D 97 19.08 28.88 -23.24
C LYS D 97 19.32 30.39 -23.25
N GLY D 98 20.53 30.80 -22.90
CA GLY D 98 20.88 32.21 -22.87
C GLY D 98 20.75 32.86 -21.50
N ASP D 99 20.12 32.15 -20.55
CA ASP D 99 19.99 32.61 -19.17
C ASP D 99 21.21 32.22 -18.36
N HIS D 100 21.39 32.89 -17.23
CA HIS D 100 22.52 32.65 -16.34
C HIS D 100 21.99 32.33 -14.95
N LEU D 101 22.56 31.33 -14.30
CA LEU D 101 22.19 30.96 -12.94
C LEU D 101 23.39 31.09 -12.00
N ILE D 102 23.19 31.77 -10.87
CA ILE D 102 24.18 31.75 -9.77
C ILE D 102 23.72 30.73 -8.72
N ALA D 103 24.58 29.76 -8.41
CA ALA D 103 24.26 28.75 -7.39
C ALA D 103 25.31 28.71 -6.30
N GLY D 104 24.86 28.39 -5.08
CA GLY D 104 25.76 28.17 -3.96
C GLY D 104 26.82 27.16 -4.32
N ASP D 105 28.05 27.39 -3.86
CA ASP D 105 29.17 26.55 -4.26
C ASP D 105 29.11 25.22 -3.55
N THR D 106 28.36 25.18 -2.46
CA THR D 106 28.20 23.96 -1.69
C THR D 106 26.75 23.44 -1.72
N LEU D 107 26.57 22.26 -2.31
CA LEU D 107 25.26 21.70 -2.57
C LEU D 107 25.33 20.19 -2.50
N TYR D 108 24.17 19.60 -2.30
CA TYR D 108 24.00 18.17 -2.42
C TYR D 108 24.58 17.68 -3.77
N GLY D 109 25.26 16.53 -3.73
CA GLY D 109 25.97 15.95 -4.86
C GLY D 109 25.21 15.93 -6.16
N CYS D 110 23.97 15.45 -6.13
CA CYS D 110 23.17 15.36 -7.35
C CYS D 110 22.69 16.72 -7.84
N THR D 111 22.58 17.71 -6.97
CA THR D 111 22.32 19.08 -7.44
C THR D 111 23.54 19.63 -8.20
N VAL D 112 24.74 19.33 -7.70
CA VAL D 112 25.94 19.72 -8.41
C VAL D 112 25.89 19.10 -9.81
N SER D 113 25.58 17.81 -9.86
CA SER D 113 25.49 17.09 -11.09
C SER D 113 24.48 17.75 -12.08
N LEU D 114 23.28 18.07 -11.59
CA LEU D 114 22.24 18.72 -12.38
C LEU D 114 22.77 20.00 -13.03
N PHE D 115 23.25 20.90 -12.17
CA PHE D 115 23.71 22.24 -12.54
C PHE D 115 24.96 22.21 -13.40
N THR D 116 25.79 21.19 -13.22
CA THR D 116 27.13 21.13 -13.82
C THR D 116 27.18 20.31 -15.13
N HIS D 117 26.36 19.28 -15.21
CA HIS D 117 26.31 18.44 -16.40
C HIS D 117 25.11 18.75 -17.25
N TRP D 118 23.91 18.81 -16.66
CA TRP D 118 22.71 19.00 -17.48
C TRP D 118 22.39 20.43 -17.92
N LEU D 119 22.35 21.40 -17.00
CA LEU D 119 21.97 22.75 -17.40
C LEU D 119 22.83 23.30 -18.53
N PRO D 120 24.18 23.14 -18.49
CA PRO D 120 24.96 23.72 -19.61
C PRO D 120 24.68 23.09 -20.98
N ARG D 121 24.26 21.83 -21.00
CA ARG D 121 23.82 21.17 -22.23
C ARG D 121 22.55 21.81 -22.81
N PHE D 122 21.76 22.44 -21.95
CA PHE D 122 20.53 23.11 -22.40
C PHE D 122 20.78 24.62 -22.59
N GLY D 123 22.07 24.99 -22.65
CA GLY D 123 22.52 26.34 -23.01
C GLY D 123 22.40 27.32 -21.87
N ILE D 124 22.37 26.81 -20.64
CA ILE D 124 22.21 27.64 -19.44
C ILE D 124 23.57 27.85 -18.74
N GLU D 125 23.97 29.10 -18.59
CA GLU D 125 25.25 29.43 -17.98
C GLU D 125 25.14 29.30 -16.47
N VAL D 126 26.08 28.58 -15.86
CA VAL D 126 26.02 28.33 -14.42
C VAL D 126 27.33 28.70 -13.71
N ASP D 127 27.21 29.51 -12.66
CA ASP D 127 28.37 29.81 -11.83
C ASP D 127 28.08 29.40 -10.39
N LEU D 128 28.93 28.55 -9.86
CA LEU D 128 28.86 28.19 -8.44
C LEU D 128 29.72 29.18 -7.69
N ILE D 129 29.18 29.82 -6.67
CA ILE D 129 29.98 30.78 -5.94
C ILE D 129 29.62 30.78 -4.46
N ASP D 130 30.47 31.43 -3.65
CA ASP D 130 30.35 31.44 -2.19
C ASP D 130 29.22 32.38 -1.75
N THR D 131 28.02 31.83 -1.58
CA THR D 131 26.85 32.65 -1.31
C THR D 131 26.72 33.08 0.14
N SER D 132 27.69 32.72 1.00
CA SER D 132 27.72 33.18 2.40
C SER D 132 28.17 34.64 2.45
N ASP D 133 28.55 35.15 1.28
CA ASP D 133 29.02 36.50 1.16
C ASP D 133 28.23 37.17 0.06
N VAL D 134 27.31 38.02 0.48
CA VAL D 134 26.43 38.75 -0.44
C VAL D 134 27.18 39.55 -1.56
N GLU D 135 28.33 40.14 -1.24
CA GLU D 135 29.10 40.89 -2.28
C GLU D 135 29.62 39.97 -3.40
N LYS D 136 29.95 38.72 -3.07
CA LYS D 136 30.39 37.76 -4.11
C LYS D 136 29.26 37.46 -5.09
N VAL D 137 28.02 37.56 -4.61
CA VAL D 137 26.84 37.40 -5.45
C VAL D 137 26.65 38.60 -6.37
N LYS D 138 26.83 39.82 -5.84
CA LYS D 138 26.76 41.03 -6.64
C LYS D 138 27.83 41.06 -7.75
N ALA D 139 29.00 40.49 -7.46
CA ALA D 139 30.13 40.48 -8.42
C ALA D 139 29.98 39.44 -9.53
N ALA D 140 29.33 38.31 -9.21
CA ALA D 140 29.14 37.24 -10.18
C ALA D 140 27.99 37.58 -11.13
N TRP D 141 27.25 38.64 -10.78
CA TRP D 141 26.05 39.07 -11.50
C TRP D 141 26.31 39.49 -12.93
N LYS D 142 25.41 39.09 -13.82
CA LYS D 142 25.49 39.40 -15.24
C LYS D 142 24.17 40.00 -15.75
N PRO D 143 24.18 40.58 -16.96
CA PRO D 143 22.93 41.15 -17.48
C PRO D 143 21.87 40.10 -17.77
N ASN D 144 22.30 38.84 -17.90
CA ASN D 144 21.38 37.74 -18.20
C ASN D 144 21.11 36.83 -17.01
N THR D 145 21.41 37.27 -15.80
CA THR D 145 21.19 36.45 -14.60
C THR D 145 19.71 36.41 -14.26
N LYS D 146 19.10 35.22 -14.27
CA LYS D 146 17.66 35.10 -14.04
C LYS D 146 17.30 34.45 -12.72
N MET D 147 18.28 33.82 -12.07
CA MET D 147 18.00 33.08 -10.87
C MET D 147 19.22 32.94 -9.98
N VAL D 148 18.99 32.86 -8.68
CA VAL D 148 19.98 32.42 -7.72
C VAL D 148 19.42 31.21 -6.97
N TYR D 149 20.20 30.13 -6.88
CA TYR D 149 19.78 28.91 -6.18
C TYR D 149 20.62 28.70 -4.91
N LEU D 150 19.96 28.63 -3.76
CA LEU D 150 20.67 28.40 -2.48
C LEU D 150 20.21 27.17 -1.73
N GLU D 151 21.15 26.48 -1.07
CA GLU D 151 20.83 25.65 0.09
C GLU D 151 21.38 26.38 1.28
N SER D 152 20.64 26.40 2.39
CA SER D 152 21.17 27.01 3.61
C SER D 152 20.40 26.44 4.81
N PRO D 153 21.10 25.86 5.80
CA PRO D 153 22.52 25.52 5.79
C PRO D 153 22.77 24.50 4.69
N ALA D 154 23.97 24.53 4.13
CA ALA D 154 24.29 23.72 2.97
C ALA D 154 24.65 22.27 3.34
N ASN D 155 24.38 21.36 2.41
CA ASN D 155 24.76 19.95 2.51
C ASN D 155 26.16 19.75 1.87
N PRO D 156 27.16 19.30 2.66
CA PRO D 156 27.07 18.80 4.01
C PRO D 156 27.69 19.71 5.06
N THR D 157 28.24 20.85 4.66
CA THR D 157 29.06 21.68 5.56
C THR D 157 28.28 22.61 6.48
N CYS D 158 26.97 22.71 6.26
CA CYS D 158 26.09 23.65 6.98
C CYS D 158 26.40 25.14 6.74
N LYS D 159 27.19 25.44 5.71
CA LYS D 159 27.53 26.82 5.36
C LYS D 159 26.24 27.65 5.19
N VAL D 160 26.19 28.76 5.90
CA VAL D 160 25.00 29.61 5.94
C VAL D 160 25.07 30.75 4.92
N SER D 161 23.96 31.03 4.26
CA SER D 161 23.87 32.18 3.38
C SER D 161 22.82 33.13 3.92
N ASP D 162 23.02 34.42 3.62
CA ASP D 162 22.12 35.51 3.98
C ASP D 162 20.99 35.58 2.97
N ILE D 163 19.89 34.89 3.28
CA ILE D 163 18.78 34.73 2.36
C ILE D 163 18.06 36.06 2.15
N LYS D 164 17.81 36.77 3.25
CA LYS D 164 17.20 38.10 3.22
C LYS D 164 18.01 39.02 2.32
N GLY D 165 19.33 39.05 2.55
CA GLY D 165 20.22 39.93 1.80
C GLY D 165 20.23 39.63 0.31
N ILE D 166 20.42 38.36 -0.03
CA ILE D 166 20.43 37.93 -1.41
C ILE D 166 19.06 38.15 -2.06
N ALA D 167 17.99 37.97 -1.30
CA ALA D 167 16.63 38.22 -1.82
C ALA D 167 16.44 39.66 -2.28
N VAL D 168 16.99 40.61 -1.53
CA VAL D 168 16.93 42.02 -1.89
C VAL D 168 17.65 42.25 -3.22
N VAL D 169 18.83 41.66 -3.36
CA VAL D 169 19.58 41.75 -4.61
C VAL D 169 18.74 41.18 -5.77
N CYS D 170 18.08 40.05 -5.54
CA CYS D 170 17.25 39.43 -6.55
C CYS D 170 16.03 40.28 -6.94
N HIS D 171 15.29 40.78 -5.95
CA HIS D 171 14.15 41.65 -6.24
C HIS D 171 14.60 42.89 -7.06
N GLU D 172 15.70 43.53 -6.66
CA GLU D 172 16.19 44.74 -7.32
C GLU D 172 16.59 44.52 -8.79
N ARG D 173 17.18 43.36 -9.05
CA ARG D 173 17.86 43.08 -10.32
C ARG D 173 17.08 42.17 -11.24
N GLY D 174 15.87 41.78 -10.81
CA GLY D 174 14.96 41.00 -11.64
C GLY D 174 15.30 39.52 -11.78
N ALA D 175 15.55 38.86 -10.65
CA ALA D 175 15.87 37.44 -10.65
C ALA D 175 15.01 36.73 -9.63
N ARG D 176 14.75 35.45 -9.84
CA ARG D 176 14.08 34.59 -8.87
C ARG D 176 15.10 34.04 -7.87
N LEU D 177 14.68 33.93 -6.61
CA LEU D 177 15.48 33.32 -5.59
C LEU D 177 14.82 32.00 -5.20
N VAL D 178 15.58 30.91 -5.32
CA VAL D 178 15.14 29.55 -5.03
C VAL D 178 16.00 29.00 -3.90
N VAL D 179 15.36 28.47 -2.86
CA VAL D 179 16.05 28.00 -1.67
C VAL D 179 15.59 26.58 -1.40
N ASP D 180 16.57 25.69 -1.40
CA ASP D 180 16.39 24.33 -0.93
C ASP D 180 16.53 24.35 0.58
N ALA D 181 15.42 24.14 1.29
CA ALA D 181 15.41 24.23 2.74
C ALA D 181 15.34 22.84 3.44
N THR D 182 15.63 21.79 2.67
CA THR D 182 15.61 20.40 3.15
C THR D 182 16.20 20.21 4.55
N PHE D 183 17.39 20.76 4.79
CA PHE D 183 18.15 20.49 6.02
C PHE D 183 17.53 21.03 7.29
N THR D 184 16.54 21.90 7.16
CA THR D 184 16.02 22.61 8.33
C THR D 184 14.54 22.37 8.56
N SER D 185 13.84 21.97 7.51
CA SER D 185 12.38 21.74 7.54
C SER D 185 11.61 23.07 7.60
N PRO D 186 10.35 23.08 7.12
CA PRO D 186 9.51 24.29 7.16
C PRO D 186 9.01 24.69 8.57
N CYS D 187 9.36 23.90 9.59
CA CYS D 187 9.13 24.34 10.95
C CYS D 187 10.07 25.47 11.34
N PHE D 188 11.30 25.44 10.82
CA PHE D 188 12.34 26.34 11.29
C PHE D 188 12.82 27.33 10.25
N LEU D 189 12.73 26.96 8.98
CA LEU D 189 13.09 27.85 7.91
C LEU D 189 11.92 28.00 6.92
N LYS D 190 11.45 29.25 6.75
CA LYS D 190 10.40 29.59 5.78
C LYS D 190 10.90 30.65 4.77
N PRO D 191 11.56 30.20 3.68
CA PRO D 191 12.24 31.14 2.80
C PRO D 191 11.35 32.18 2.10
N LEU D 192 10.12 31.78 1.78
CA LEU D 192 9.18 32.73 1.18
C LEU D 192 8.97 33.95 2.09
N GLU D 193 8.92 33.69 3.41
CA GLU D 193 8.88 34.73 4.45
C GLU D 193 10.16 35.60 4.48
N LEU D 194 11.27 35.10 3.94
CA LEU D 194 12.52 35.89 3.88
C LEU D 194 12.73 36.62 2.55
N GLY D 195 11.76 36.53 1.65
CA GLY D 195 11.84 37.19 0.35
C GLY D 195 12.11 36.24 -0.81
N ALA D 196 12.39 34.97 -0.53
CA ALA D 196 12.58 34.00 -1.61
C ALA D 196 11.32 33.82 -2.40
N ASP D 197 11.48 33.44 -3.66
CA ASP D 197 10.40 33.25 -4.59
C ASP D 197 9.87 31.82 -4.57
N ILE D 198 10.76 30.87 -4.27
CA ILE D 198 10.45 29.47 -4.28
C ILE D 198 11.21 28.80 -3.17
N ALA D 199 10.53 27.93 -2.43
CA ALA D 199 11.12 27.17 -1.34
C ALA D 199 10.87 25.68 -1.57
N LEU D 200 11.91 24.86 -1.45
CA LEU D 200 11.71 23.47 -1.77
C LEU D 200 12.39 22.52 -0.77
N HIS D 201 11.93 21.27 -0.77
CA HIS D 201 12.49 20.25 0.10
C HIS D 201 12.46 18.92 -0.55
N SER D 202 13.49 18.13 -0.29
CA SER D 202 13.41 16.67 -0.35
C SER D 202 12.50 16.23 0.82
N VAL D 203 11.28 15.82 0.47
CA VAL D 203 10.35 15.36 1.47
C VAL D 203 10.84 14.03 2.06
N SER D 204 11.68 13.30 1.30
CA SER D 204 12.37 12.09 1.76
C SER D 204 13.03 12.24 3.14
N LYS D 205 13.26 13.48 3.56
CA LYS D 205 14.02 13.73 4.77
C LYS D 205 13.08 14.00 5.93
N TYR D 206 13.19 15.18 6.54
CA TYR D 206 12.45 15.47 7.76
C TYR D 206 10.92 15.41 7.60
N ILE D 207 10.41 16.01 6.52
CA ILE D 207 8.98 16.18 6.36
C ILE D 207 8.31 14.82 6.46
N ASN D 208 8.78 13.84 5.69
CA ASN D 208 8.28 12.49 5.90
C ASN D 208 8.86 11.89 7.17
N GLY D 209 10.16 12.02 7.34
CA GLY D 209 10.81 11.67 8.61
C GLY D 209 10.93 10.22 8.99
N HIS D 210 10.40 9.31 8.18
CA HIS D 210 10.38 7.88 8.57
C HIS D 210 11.18 6.94 7.67
N GLY D 211 11.97 7.51 6.78
CA GLY D 211 12.90 6.76 5.94
C GLY D 211 12.27 5.76 5.00
N ASP D 212 10.99 5.93 4.71
CA ASP D 212 10.30 4.92 3.91
C ASP D 212 9.68 5.50 2.65
N VAL D 213 10.00 6.75 2.35
CA VAL D 213 9.59 7.34 1.09
C VAL D 213 10.60 8.34 0.51
N ILE D 214 10.61 8.42 -0.83
CA ILE D 214 11.32 9.43 -1.56
C ILE D 214 10.27 10.36 -2.16
N GLY D 215 10.41 11.66 -1.94
CA GLY D 215 9.49 12.61 -2.51
C GLY D 215 10.08 14.00 -2.51
N GLY D 216 9.53 14.88 -3.33
CA GLY D 216 9.97 16.29 -3.30
C GLY D 216 8.78 17.19 -3.18
N VAL D 217 8.99 18.42 -2.76
CA VAL D 217 7.93 19.40 -2.81
C VAL D 217 8.51 20.76 -3.13
N SER D 218 7.82 21.53 -3.96
CA SER D 218 8.21 22.92 -4.21
C SER D 218 7.06 23.87 -3.92
N SER D 219 7.33 25.01 -3.29
CA SER D 219 6.29 26.00 -2.98
C SER D 219 6.66 27.35 -3.53
N ALA D 220 5.70 28.00 -4.18
CA ALA D 220 5.97 29.28 -4.85
C ALA D 220 5.20 30.43 -4.21
N LYS D 221 5.82 31.59 -4.17
CA LYS D 221 5.20 32.76 -3.60
C LYS D 221 4.03 33.25 -4.47
N THR D 222 4.12 33.12 -5.79
CA THR D 222 3.05 33.61 -6.65
C THR D 222 2.26 32.48 -7.31
N ALA D 223 0.97 32.74 -7.56
CA ALA D 223 0.10 31.81 -8.30
C ALA D 223 0.63 31.48 -9.69
N GLU D 224 1.23 32.47 -10.35
CA GLU D 224 1.78 32.29 -11.68
C GLU D 224 2.92 31.28 -11.71
N ASP D 225 3.82 31.44 -10.74
CA ASP D 225 5.01 30.61 -10.66
C ASP D 225 4.69 29.16 -10.29
N ILE D 226 3.74 28.94 -9.40
CA ILE D 226 3.39 27.57 -9.06
C ILE D 226 2.68 26.89 -10.23
N ALA D 227 1.88 27.66 -10.95
CA ALA D 227 1.26 27.17 -12.18
C ALA D 227 2.31 26.78 -13.23
N THR D 228 3.41 27.51 -13.32
CA THR D 228 4.46 27.21 -14.29
C THR D 228 5.15 25.90 -13.90
N ILE D 229 5.44 25.75 -12.62
CA ILE D 229 6.05 24.58 -12.04
C ILE D 229 5.19 23.34 -12.32
N LYS D 230 3.88 23.44 -12.12
CA LYS D 230 2.97 22.33 -12.42
C LYS D 230 2.82 22.04 -13.91
N PHE D 231 2.94 23.08 -14.73
CA PHE D 231 2.97 22.89 -16.17
C PHE D 231 4.21 22.11 -16.57
N TYR D 232 5.35 22.44 -15.97
CA TYR D 232 6.58 21.68 -16.25
C TYR D 232 6.43 20.24 -15.79
N ARG D 233 5.85 20.06 -14.59
CA ARG D 233 5.74 18.74 -14.00
C ARG D 233 4.88 17.84 -14.91
N LYS D 234 3.81 18.41 -15.47
CA LYS D 234 2.91 17.69 -16.37
C LYS D 234 3.70 17.06 -17.54
N ASP D 235 4.70 17.79 -18.03
CA ASP D 235 5.51 17.33 -19.14
C ASP D 235 6.80 16.58 -18.73
N ALA D 236 7.41 16.92 -17.59
CA ALA D 236 8.63 16.21 -17.12
C ALA D 236 8.33 14.88 -16.38
N GLY D 237 7.24 14.86 -15.63
CA GLY D 237 6.67 13.59 -15.19
C GLY D 237 7.18 13.04 -13.88
N SER D 238 7.71 13.91 -13.03
CA SER D 238 8.14 13.49 -11.70
C SER D 238 6.98 13.68 -10.71
N LEU D 239 6.24 12.62 -10.43
CA LEU D 239 5.04 12.72 -9.59
C LEU D 239 5.25 12.06 -8.28
N MET D 240 4.61 12.60 -7.25
CA MET D 240 4.43 11.82 -6.03
C MET D 240 3.32 10.77 -6.21
N ALA D 241 3.61 9.50 -5.95
CA ALA D 241 2.59 8.47 -6.04
C ALA D 241 1.56 8.63 -4.91
N PRO D 242 0.27 8.30 -5.16
CA PRO D 242 -0.75 8.47 -4.11
C PRO D 242 -0.41 7.79 -2.79
N MET D 243 0.11 6.57 -2.83
CA MET D 243 0.51 5.93 -1.59
C MET D 243 1.61 6.74 -0.84
N ASP D 244 2.57 7.28 -1.57
CA ASP D 244 3.64 8.05 -0.97
C ASP D 244 3.11 9.35 -0.37
N ALA D 245 2.10 9.95 -1.00
CA ALA D 245 1.47 11.16 -0.46
C ALA D 245 0.73 10.80 0.79
N PHE D 246 0.07 9.63 0.80
CA PHE D 246 -0.59 9.17 2.03
C PHE D 246 0.44 9.08 3.19
N LEU D 247 1.58 8.45 2.94
CA LEU D 247 2.65 8.35 3.96
C LEU D 247 3.33 9.68 4.29
N CYS D 248 3.50 10.56 3.32
CA CYS D 248 4.12 11.86 3.61
C CYS D 248 3.19 12.67 4.49
N ALA D 249 1.91 12.74 4.10
CA ALA D 249 0.91 13.46 4.92
C ALA D 249 0.88 12.89 6.34
N ARG D 250 0.93 11.55 6.44
CA ARG D 250 0.86 10.88 7.73
C ARG D 250 2.11 11.21 8.56
N GLY D 251 3.28 11.13 7.96
CA GLY D 251 4.51 11.47 8.66
C GLY D 251 4.56 12.93 9.09
N MET D 252 4.04 13.79 8.24
CA MET D 252 3.97 15.22 8.58
C MET D 252 3.16 15.56 9.82
N LYS D 253 2.20 14.70 10.20
CA LYS D 253 1.39 14.94 11.40
C LYS D 253 2.26 14.99 12.65
N THR D 254 3.38 14.26 12.69
CA THR D 254 4.30 14.40 13.81
C THR D 254 5.48 15.36 13.57
N LEU D 255 5.51 16.00 12.39
CA LEU D 255 6.64 16.87 12.05
C LEU D 255 7.07 17.91 13.14
N PRO D 256 6.12 18.73 13.65
CA PRO D 256 6.61 19.79 14.57
C PRO D 256 7.19 19.20 15.85
N ILE D 257 6.58 18.11 16.28
CA ILE D 257 7.01 17.37 17.45
C ILE D 257 8.36 16.69 17.24
N ARG D 258 8.57 16.14 16.05
CA ARG D 258 9.85 15.49 15.73
C ARG D 258 10.99 16.50 15.62
N MET D 259 10.71 17.64 14.99
CA MET D 259 11.77 18.65 14.85
C MET D 259 12.25 19.14 16.19
N GLN D 260 11.35 19.32 17.14
CA GLN D 260 11.74 19.82 18.44
C GLN D 260 12.82 18.91 19.06
N ILE D 261 12.61 17.60 18.96
CA ILE D 261 13.58 16.61 19.46
C ILE D 261 14.84 16.57 18.60
N HIS D 262 14.67 16.51 17.29
CA HIS D 262 15.81 16.64 16.37
C HIS D 262 16.69 17.81 16.78
N MET D 263 16.12 19.01 16.91
CA MET D 263 16.89 20.20 17.24
C MET D 263 17.60 20.07 18.59
N GLU D 264 16.88 19.69 19.64
CA GLU D 264 17.53 19.57 20.93
C GLU D 264 18.60 18.48 20.93
N ASN D 265 18.32 17.33 20.31
CA ASN D 265 19.31 16.27 20.24
C ASN D 265 20.54 16.64 19.40
N GLY D 266 20.32 17.24 18.24
CA GLY D 266 21.43 17.67 17.37
C GLY D 266 22.35 18.63 18.12
N LEU D 267 21.75 19.56 18.83
CA LEU D 267 22.50 20.52 19.60
C LEU D 267 23.36 19.87 20.68
N LYS D 268 22.79 18.88 21.38
CA LYS D 268 23.51 18.27 22.50
C LYS D 268 24.64 17.39 22.00
N VAL D 269 24.36 16.62 20.95
CA VAL D 269 25.40 15.79 20.31
C VAL D 269 26.55 16.67 19.78
N ALA D 270 26.21 17.82 19.21
CA ALA D 270 27.24 18.68 18.60
C ALA D 270 28.22 19.18 19.67
N LYS D 271 27.69 19.56 20.83
CA LYS D 271 28.49 20.05 21.95
C LYS D 271 29.36 18.95 22.55
N PHE D 272 28.78 17.77 22.70
CA PHE D 272 29.55 16.61 23.13
C PHE D 272 30.76 16.43 22.23
N LEU D 273 30.51 16.36 20.92
CA LEU D 273 31.57 16.19 19.93
C LEU D 273 32.58 17.34 19.97
N GLU D 274 32.10 18.57 20.11
CA GLU D 274 32.96 19.73 20.08
C GLU D 274 33.98 19.78 21.21
N GLN D 275 33.61 19.27 22.38
CA GLN D 275 34.57 19.26 23.50
C GLN D 275 35.30 17.91 23.64
N HIS D 276 35.13 17.02 22.67
CA HIS D 276 35.84 15.75 22.70
C HIS D 276 37.21 15.87 22.07
N GLU D 277 38.21 15.27 22.73
CA GLU D 277 39.62 15.32 22.31
C GLU D 277 39.87 14.81 20.89
N LYS D 278 39.03 13.89 20.43
CA LYS D 278 39.22 13.21 19.15
C LYS D 278 38.73 14.08 18.01
N ILE D 279 37.89 15.07 18.32
CA ILE D 279 37.24 15.87 17.26
C ILE D 279 37.97 17.19 17.05
N VAL D 280 38.38 17.41 15.80
CA VAL D 280 39.04 18.65 15.43
C VAL D 280 38.05 19.80 15.46
N LYS D 281 36.85 19.60 14.91
CA LYS D 281 35.89 20.70 14.72
C LYS D 281 34.48 20.20 14.36
N VAL D 282 33.48 20.99 14.75
CA VAL D 282 32.08 20.64 14.55
C VAL D 282 31.39 21.80 13.84
N ASN D 283 30.81 21.47 12.70
CA ASN D 283 30.07 22.43 11.90
C ASN D 283 28.57 22.34 12.19
N HIS D 284 28.11 22.92 13.29
CA HIS D 284 26.67 22.98 13.57
C HIS D 284 26.22 24.45 13.70
N PRO D 285 25.22 24.85 12.87
CA PRO D 285 24.81 26.24 12.75
C PRO D 285 24.30 26.87 14.04
N GLY D 286 23.96 26.05 15.03
CA GLY D 286 23.47 26.54 16.31
C GLY D 286 24.55 26.69 17.38
N LEU D 287 25.80 26.44 17.01
CA LEU D 287 26.94 26.67 17.93
C LEU D 287 27.44 28.10 17.82
N GLU D 288 27.94 28.65 18.92
CA GLU D 288 28.42 30.04 18.93
C GLU D 288 29.74 30.18 18.17
N SER D 289 30.43 29.05 18.01
CA SER D 289 31.73 29.00 17.34
C SER D 289 31.62 28.92 15.81
N PHE D 290 30.54 28.32 15.31
CA PHE D 290 30.33 28.21 13.87
C PHE D 290 30.14 29.57 13.19
N PRO D 291 30.91 29.83 12.12
CA PRO D 291 30.92 31.11 11.37
C PRO D 291 29.57 31.58 10.79
N GLY D 292 28.64 30.69 10.53
CA GLY D 292 27.34 31.15 10.08
C GLY D 292 26.34 31.57 11.18
N HIS D 293 26.75 31.51 12.44
CA HIS D 293 25.79 31.49 13.53
C HIS D 293 24.83 32.68 13.59
N ASP D 294 25.36 33.89 13.41
CA ASP D 294 24.56 35.12 13.61
C ASP D 294 23.44 35.27 12.59
N ILE D 295 23.72 34.87 11.35
CA ILE D 295 22.73 34.90 10.31
C ILE D 295 21.69 33.80 10.53
N ALA D 296 22.14 32.59 10.80
CA ALA D 296 21.24 31.46 11.07
C ALA D 296 20.31 31.71 12.26
N LYS D 297 20.88 32.20 13.37
CA LYS D 297 20.12 32.59 14.57
C LYS D 297 19.00 33.59 14.23
N LYS D 298 19.28 34.49 13.28
CA LYS D 298 18.37 35.57 12.88
C LYS D 298 17.32 35.18 11.81
N GLN D 299 17.69 34.30 10.89
CA GLN D 299 16.81 34.00 9.76
C GLN D 299 16.02 32.70 9.92
N MET D 300 16.32 31.97 10.99
CA MET D 300 15.67 30.70 11.26
C MET D 300 15.11 30.71 12.68
N THR D 301 14.01 30.01 12.89
CA THR D 301 13.43 29.86 14.23
C THR D 301 13.89 28.57 14.93
N GLY D 302 14.82 27.84 14.32
CA GLY D 302 15.40 26.65 14.94
C GLY D 302 16.41 25.96 14.03
N TYR D 303 16.88 24.79 14.44
CA TYR D 303 17.89 24.08 13.66
C TYR D 303 17.51 22.64 13.42
N GLY D 304 17.84 22.13 12.24
CA GLY D 304 17.82 20.71 11.95
C GLY D 304 18.93 19.96 12.69
N SER D 305 18.97 18.64 12.52
CA SER D 305 19.89 17.84 13.33
C SER D 305 20.97 17.12 12.52
N THR D 306 21.17 17.57 11.27
CA THR D 306 22.22 17.04 10.43
C THR D 306 23.36 18.05 10.33
N PHE D 307 24.56 17.60 10.67
CA PHE D 307 25.74 18.46 10.62
C PHE D 307 27.01 17.62 10.41
N LEU D 308 28.10 18.31 10.14
CA LEU D 308 29.35 17.66 9.84
C LEU D 308 30.41 17.93 10.95
N PHE D 309 31.26 16.95 11.23
CA PHE D 309 32.39 17.17 12.12
C PHE D 309 33.68 16.57 11.54
N GLU D 310 34.83 17.08 12.01
CA GLU D 310 36.15 16.70 11.49
C GLU D 310 36.94 15.79 12.44
N MET D 311 37.36 14.62 11.91
CA MET D 311 38.25 13.71 12.60
C MET D 311 39.71 14.04 12.26
N LYS D 312 40.64 13.45 13.00
CA LYS D 312 42.07 13.76 12.84
C LYS D 312 42.70 13.03 11.66
N SER D 313 42.04 11.99 11.16
CA SER D 313 42.56 11.25 10.00
C SER D 313 41.44 10.47 9.34
N PHE D 314 41.73 9.88 8.18
CA PHE D 314 40.74 9.01 7.55
C PHE D 314 40.52 7.76 8.39
N GLU D 315 41.62 7.18 8.89
CA GLU D 315 41.56 5.97 9.72
C GLU D 315 40.66 6.12 10.93
N ALA D 316 40.79 7.25 11.63
CA ALA D 316 39.97 7.58 12.78
C ALA D 316 38.48 7.72 12.40
N ALA D 317 38.22 8.35 11.26
CA ALA D 317 36.84 8.50 10.79
C ALA D 317 36.22 7.14 10.47
N LYS D 318 36.93 6.33 9.70
CA LYS D 318 36.50 4.98 9.37
C LYS D 318 36.25 4.18 10.64
N LYS D 319 37.19 4.24 11.57
CA LYS D 319 37.08 3.50 12.82
C LYS D 319 35.85 3.90 13.61
N LEU D 320 35.54 5.19 13.65
CA LEU D 320 34.35 5.66 14.35
C LEU D 320 33.07 5.20 13.65
N MET D 321 32.99 5.41 12.35
CA MET D 321 31.79 5.08 11.57
C MET D 321 31.49 3.61 11.60
N GLU D 322 32.53 2.78 11.71
CA GLU D 322 32.36 1.33 11.61
C GLU D 322 32.17 0.62 12.94
N HIS D 323 32.04 1.38 14.04
CA HIS D 323 31.93 0.76 15.38
C HIS D 323 30.77 1.31 16.22
N LEU D 324 29.78 1.83 15.52
CA LEU D 324 28.59 2.32 16.14
C LEU D 324 27.59 1.18 16.23
N LYS D 325 26.97 1.04 17.39
CA LYS D 325 25.99 -0.01 17.59
C LYS D 325 24.54 0.47 17.45
N VAL D 326 24.33 1.79 17.49
CA VAL D 326 22.98 2.37 17.46
C VAL D 326 22.76 3.18 16.20
N CYS D 327 23.70 4.08 15.92
CA CYS D 327 23.78 4.77 14.63
C CYS D 327 24.04 3.77 13.49
N THR D 328 23.40 4.07 12.36
CA THR D 328 23.49 3.25 11.18
C THR D 328 24.32 3.99 10.16
N LEU D 329 25.30 3.30 9.59
CA LEU D 329 26.06 3.80 8.46
C LEU D 329 25.18 3.74 7.21
N ALA D 330 24.78 4.90 6.72
CA ALA D 330 23.85 5.01 5.58
C ALA D 330 23.75 6.45 5.12
N VAL D 331 23.51 6.65 3.83
CA VAL D 331 23.20 7.99 3.33
C VAL D 331 21.73 8.33 3.64
N SER D 332 21.39 9.59 3.38
CA SER D 332 20.12 10.20 3.73
C SER D 332 20.19 10.82 5.08
N LEU D 333 19.10 11.48 5.46
CA LEU D 333 19.07 12.22 6.70
C LEU D 333 17.63 12.44 7.11
N GLY D 334 17.43 12.93 8.35
CA GLY D 334 16.15 13.42 8.79
C GLY D 334 15.19 12.32 9.15
N CYS D 335 15.73 11.11 9.30
CA CYS D 335 14.94 9.97 9.70
CA CYS D 335 14.96 9.94 9.71
C CYS D 335 14.82 9.97 11.23
N VAL D 336 13.82 9.27 11.74
CA VAL D 336 13.60 9.15 13.17
C VAL D 336 14.75 8.50 13.93
N ASP D 337 15.59 7.74 13.24
CA ASP D 337 16.77 7.16 13.88
C ASP D 337 18.04 7.80 13.33
N THR D 338 19.17 7.62 14.03
CA THR D 338 20.39 8.34 13.69
C THR D 338 21.14 7.70 12.55
N LEU D 339 21.55 8.52 11.58
CA LEU D 339 22.28 8.11 10.41
C LEU D 339 23.67 8.77 10.41
N ILE D 340 24.66 8.03 9.90
CA ILE D 340 26.01 8.57 9.75
C ILE D 340 26.61 8.16 8.39
N GLU D 341 27.48 9.02 7.84
CA GLU D 341 27.89 8.96 6.45
C GLU D 341 29.22 9.68 6.24
N HIS D 342 29.89 9.39 5.12
CA HIS D 342 31.21 9.94 4.79
C HIS D 342 31.09 10.60 3.41
N PRO D 343 30.86 11.93 3.38
CA PRO D 343 30.62 12.70 2.14
C PRO D 343 31.64 12.46 1.03
N ALA D 344 32.93 12.51 1.37
CA ALA D 344 33.98 12.43 0.34
C ALA D 344 33.82 11.18 -0.52
N SER D 345 33.47 10.06 0.10
CA SER D 345 33.37 8.79 -0.62
C SER D 345 31.92 8.35 -0.90
N MET D 346 30.95 9.14 -0.45
CA MET D 346 29.55 8.77 -0.63
C MET D 346 28.69 9.86 -1.30
N THR D 347 28.01 10.69 -0.53
CA THR D 347 27.05 11.65 -1.11
C THR D 347 27.68 12.65 -2.06
N HIS D 348 28.97 12.92 -1.87
CA HIS D 348 29.69 13.89 -2.67
C HIS D 348 30.87 13.28 -3.45
N ALA D 349 30.86 11.96 -3.64
CA ALA D 349 31.96 11.27 -4.33
C ALA D 349 32.14 11.75 -5.77
N ALA D 350 31.03 12.05 -6.45
CA ALA D 350 31.04 12.39 -7.88
C ALA D 350 31.32 13.89 -8.18
N VAL D 351 31.35 14.70 -7.13
CA VAL D 351 31.64 16.13 -7.26
C VAL D 351 33.07 16.35 -7.82
N PRO D 352 33.19 17.11 -8.94
CA PRO D 352 34.51 17.40 -9.54
C PRO D 352 35.51 17.90 -8.50
N GLU D 353 36.77 17.46 -8.62
CA GLU D 353 37.79 17.76 -7.61
C GLU D 353 37.84 19.27 -7.30
N ASN D 354 37.68 20.11 -8.34
CA ASN D 354 37.74 21.58 -8.20
C ASN D 354 36.59 22.18 -7.37
N ILE D 355 35.39 21.63 -7.55
CA ILE D 355 34.24 22.02 -6.75
C ILE D 355 34.36 21.43 -5.33
N MET D 356 34.97 20.25 -5.24
CA MET D 356 35.29 19.58 -3.96
C MET D 356 36.10 20.50 -3.03
N ARG D 357 37.18 21.08 -3.58
CA ARG D 357 38.06 22.02 -2.86
C ARG D 357 37.29 23.24 -2.34
N LYS D 358 36.51 23.87 -3.23
CA LYS D 358 35.69 25.04 -2.88
C LYS D 358 34.70 24.76 -1.73
N GLN D 359 34.21 23.53 -1.67
CA GLN D 359 33.26 23.10 -0.64
C GLN D 359 33.94 22.80 0.69
N GLY D 360 35.23 22.45 0.61
CA GLY D 360 36.03 22.08 1.77
C GLY D 360 35.75 20.66 2.24
N ILE D 361 35.42 19.76 1.30
CA ILE D 361 35.16 18.35 1.65
C ILE D 361 36.41 17.48 1.54
N THR D 362 36.77 16.85 2.66
CA THR D 362 37.98 16.02 2.75
C THR D 362 37.66 14.66 3.37
N PRO D 363 38.58 13.68 3.23
CA PRO D 363 38.33 12.34 3.77
C PRO D 363 38.21 12.26 5.30
N GLU D 364 38.53 13.35 6.00
CA GLU D 364 38.45 13.38 7.46
C GLU D 364 37.06 13.80 7.99
N LEU D 365 36.18 14.23 7.10
CA LEU D 365 34.86 14.72 7.52
C LEU D 365 33.86 13.58 7.57
N VAL D 366 33.09 13.56 8.65
CA VAL D 366 31.99 12.61 8.86
C VAL D 366 30.68 13.38 9.09
N ARG D 367 29.61 13.01 8.39
CA ARG D 367 28.32 13.70 8.54
C ARG D 367 27.32 12.86 9.32
N ILE D 368 26.71 13.46 10.35
CA ILE D 368 25.71 12.78 11.19
C ILE D 368 24.33 13.42 11.10
N SER D 369 23.30 12.59 11.15
CA SER D 369 21.92 13.01 11.17
C SER D 369 21.29 12.43 12.44
N VAL D 370 21.09 13.28 13.45
CA VAL D 370 20.65 12.84 14.77
C VAL D 370 19.16 12.59 14.78
N GLY D 371 18.80 11.36 15.11
CA GLY D 371 17.37 10.94 15.16
C GLY D 371 16.75 11.42 16.46
N ILE D 372 15.61 10.82 16.81
CA ILE D 372 14.88 11.21 18.02
C ILE D 372 14.98 10.15 19.13
N GLU D 373 16.01 9.31 19.07
CA GLU D 373 16.33 8.40 20.16
C GLU D 373 16.66 9.27 21.35
N ASN D 374 16.62 8.69 22.55
CA ASN D 374 17.15 9.38 23.72
C ASN D 374 18.60 9.78 23.47
N VAL D 375 18.90 11.07 23.69
CA VAL D 375 20.23 11.61 23.42
C VAL D 375 21.37 10.91 24.15
N ASP D 376 21.14 10.56 25.40
CA ASP D 376 22.19 9.96 26.21
C ASP D 376 22.58 8.59 25.66
N ASP D 377 21.65 7.89 25.05
CA ASP D 377 21.94 6.64 24.37
C ASP D 377 22.78 6.85 23.13
N ILE D 378 22.52 7.94 22.39
CA ILE D 378 23.32 8.17 21.20
C ILE D 378 24.70 8.80 21.53
N ILE D 379 24.73 9.63 22.57
CA ILE D 379 26.00 10.12 23.07
C ILE D 379 26.87 8.95 23.54
N ALA D 380 26.26 8.00 24.27
CA ALA D 380 26.96 6.80 24.73
C ALA D 380 27.51 5.94 23.60
N ASP D 381 26.74 5.81 22.52
CA ASP D 381 27.15 5.02 21.36
C ASP D 381 28.37 5.65 20.67
N LEU D 382 28.33 6.98 20.50
CA LEU D 382 29.42 7.73 19.91
C LEU D 382 30.64 7.67 20.81
N LYS D 383 30.43 7.81 22.11
CA LYS D 383 31.49 7.77 23.11
C LYS D 383 32.32 6.49 23.00
N GLN D 384 31.65 5.32 23.01
CA GLN D 384 32.37 4.04 22.96
C GLN D 384 33.06 3.79 21.61
N ALA D 385 32.53 4.36 20.53
CA ALA D 385 33.15 4.23 19.23
C ALA D 385 34.36 5.17 19.06
N LEU D 386 34.48 6.13 19.97
CA LEU D 386 35.52 7.14 19.88
C LEU D 386 36.69 6.73 20.74
N GLU D 387 36.37 6.18 21.90
CA GLU D 387 37.34 5.91 22.94
C GLU D 387 37.73 4.43 22.98
N LEU D 388 36.82 3.56 22.53
CA LEU D 388 37.01 2.12 22.66
C LEU D 388 37.31 1.44 21.31
#